data_8UT9
#
_entry.id   8UT9
#
_cell.length_a   1.00
_cell.length_b   1.00
_cell.length_c   1.00
_cell.angle_alpha   90.00
_cell.angle_beta   90.00
_cell.angle_gamma   90.00
#
_symmetry.space_group_name_H-M   'P 1'
#
loop_
_entity.id
_entity.type
_entity.pdbx_description
1 polymer 'Hemagglutinin HA1 chain'
2 polymer 'Hemagglutinin HA2 chain'
3 polymer 'H7D28 pFab HC Fv_polyA'
4 polymer 'H7D28 pFab LC Fv_polyA'
5 branched 2-acetamido-2-deoxy-beta-D-glucopyranose-(1-3)-2-acetamido-2-deoxy-beta-D-glucopyranose
6 branched 2-acetamido-2-deoxy-beta-D-glucopyranose-(1-4)-2-acetamido-2-deoxy-beta-D-glucopyranose
7 non-polymer 2-acetamido-2-deoxy-beta-D-glucopyranose
#
loop_
_entity_poly.entity_id
_entity_poly.type
_entity_poly.pdbx_seq_one_letter_code
_entity_poly.pdbx_strand_id
1 'polypeptide(L)'
;DKICLGHHAVSNGTKVNTLTERGVEVVNATETVERTNIPRICSKGKRTVDLGQCGLLGTITGPPQCDQFLEFSADLIIER
REGSDVCFPGKFVNEEALRQILRESGGIDKEAMGFTYSGIRTNGATSSCRRSGSSFYAEMKWLLSNTDNAAFPQMTKSYK
NTRKNPALIVWGIHHSGSTAEQTKLYGSGNKLVTVGSSNYQQSFVPSPGARTQVNGQSGRIDFHWLMLNPNDTVTFSFNG
AFIAPDRASFLRGKSMGIQSGVQVDADCEGDCYYSGGTIISNLPFQNIDSRAVGKCPRYVKQRSLLLATGMKNVPEI
;
A,C,E
2 'polypeptide(L)'
;PKGRGLFGAIAGFIENGWEGLIDGWYGFRHQNAQGEGTAADYKSTQSAIDQITGKLNRLIEKTNQQFELIDNEFTEVEKQ
IGNVINWTRDSITEVWSYNAELLVAMENQHTIDLADSEMDKLYERVKRQLRENAEEDGTGCFEIFHKCDDDCMASIRNNT
YDHSKYREEAMQNRIQIDGSGYIPEAPRDGQAYVRKDGEWVLLSTFLGSGLNDIFEAQKIEWHEGHHHHHH
;
B,D,F
3 'polypeptide(L)'
;(UNK)(UNK)(UNK)(UNK)(UNK)(UNK)(UNK)(UNK)(UNK)(UNK)(UNK)(UNK)(UNK)(UNK)(UNK)(UNK)
(UNK)(UNK)(UNK)(UNK)(UNK)(UNK)(UNK)(UNK)(UNK)(UNK)(UNK)(UNK)(UNK)(UNK)(UNK)(UNK)
(UNK)(UNK)(UNK)(UNK)(UNK)(UNK)(UNK)(UNK)(UNK)(UNK)(UNK)(UNK)(UNK)(UNK)(UNK)(UNK)
(UNK)(UNK)(UNK)(UNK)(UNK)(UNK)(UNK)(UNK)(UNK)(UNK)(UNK)(UNK)(UNK)(UNK)(UNK)(UNK)
(UNK)(UNK)(UNK)(UNK)(UNK)(UNK)(UNK)(UNK)(UNK)(UNK)(UNK)(UNK)(UNK)(UNK)(UNK)(UNK)
(UNK)(UNK)(UNK)(UNK)(UNK)(UNK)(UNK)(UNK)(UNK)(UNK)(UNK)(UNK)(UNK)(UNK)(UNK)(UNK)
(UNK)(UNK)(UNK)(UNK)(UNK)(UNK)(UNK)(UNK)(UNK)(UNK)(UNK)(UNK)(UNK)(UNK)(UNK)(UNK)
(UNK)(UNK)(UNK)(UNK)(UNK)(UNK)(UNK)(UNK)(UNK)(UNK)(UNK)(UNK)(UNK)(UNK)
;
G
4 'polypeptide(L)'
;(UNK)(UNK)(UNK)(UNK)(UNK)(UNK)(UNK)(UNK)(UNK)(UNK)(UNK)(UNK)(UNK)(UNK)(UNK)(UNK)
(UNK)(UNK)(UNK)(UNK)(UNK)(UNK)(UNK)(UNK)(UNK)(UNK)(UNK)(UNK)(UNK)(UNK)(UNK)(UNK)
(UNK)(UNK)(UNK)(UNK)(UNK)(UNK)(UNK)(UNK)(UNK)(UNK)(UNK)(UNK)(UNK)(UNK)(UNK)(UNK)
(UNK)(UNK)(UNK)(UNK)(UNK)(UNK)(UNK)(UNK)(UNK)(UNK)(UNK)(UNK)(UNK)(UNK)(UNK)(UNK)
(UNK)(UNK)(UNK)(UNK)(UNK)(UNK)(UNK)(UNK)(UNK)(UNK)(UNK)(UNK)(UNK)(UNK)(UNK)(UNK)
(UNK)(UNK)(UNK)(UNK)(UNK)(UNK)(UNK)(UNK)(UNK)(UNK)(UNK)(UNK)(UNK)(UNK)(UNK)(UNK)
(UNK)(UNK)(UNK)(UNK)(UNK)(UNK)(UNK)(UNK)(UNK)(UNK)(UNK)(UNK)
;
H
#
# COMPACT_ATOMS: atom_id res chain seq x y z
N ASP A 1 57.54 -16.77 15.80
CA ASP A 1 57.06 -16.31 14.46
C ASP A 1 55.73 -15.60 14.61
N LYS A 2 55.20 -15.08 13.50
CA LYS A 2 53.92 -14.39 13.50
C LYS A 2 53.14 -14.76 12.25
N ILE A 3 51.82 -14.77 12.40
CA ILE A 3 50.88 -14.88 11.29
C ILE A 3 49.91 -13.72 11.45
N CYS A 4 49.33 -13.29 10.33
CA CYS A 4 48.33 -12.24 10.37
C CYS A 4 47.34 -12.45 9.24
N LEU A 5 46.08 -12.16 9.51
CA LEU A 5 45.07 -12.14 8.47
C LEU A 5 44.94 -10.74 7.90
N GLY A 6 44.49 -10.70 6.65
CA GLY A 6 44.24 -9.44 6.00
C GLY A 6 43.33 -9.63 4.82
N HIS A 7 43.17 -8.56 4.06
CA HIS A 7 42.27 -8.60 2.93
C HIS A 7 42.76 -7.71 1.80
N HIS A 8 42.27 -8.02 0.60
CA HIS A 8 42.68 -7.31 -0.60
C HIS A 8 42.18 -5.87 -0.57
N ALA A 9 42.95 -4.99 -1.21
CA ALA A 9 42.62 -3.59 -1.30
C ALA A 9 43.18 -3.04 -2.61
N VAL A 10 42.65 -1.90 -3.04
CA VAL A 10 43.11 -1.21 -4.24
C VAL A 10 43.40 0.23 -3.88
N SER A 11 44.21 0.88 -4.73
CA SER A 11 44.58 2.27 -4.50
C SER A 11 43.44 3.24 -4.76
N ASN A 12 42.46 2.88 -5.61
CA ASN A 12 41.35 3.78 -5.93
C ASN A 12 40.06 3.24 -5.38
N GLY A 13 39.38 2.33 -6.07
CA GLY A 13 38.10 1.82 -5.61
C GLY A 13 36.98 2.76 -6.03
N THR A 14 35.80 2.51 -5.46
CA THR A 14 34.59 3.30 -5.75
C THR A 14 33.91 3.56 -4.41
N LYS A 15 32.83 4.35 -4.44
CA LYS A 15 32.09 4.70 -3.24
C LYS A 15 30.65 4.22 -3.35
N VAL A 16 30.09 3.80 -2.22
CA VAL A 16 28.71 3.33 -2.13
C VAL A 16 28.01 4.03 -0.98
N ASN A 17 26.67 3.99 -1.02
CA ASN A 17 25.83 4.47 0.07
C ASN A 17 25.37 3.30 0.92
N THR A 18 25.62 3.36 2.22
CA THR A 18 25.21 2.33 3.18
C THR A 18 24.07 2.86 4.05
N LEU A 19 23.55 1.96 4.90
CA LEU A 19 22.42 2.28 5.76
C LEU A 19 22.75 3.35 6.79
N THR A 20 23.97 3.36 7.32
CA THR A 20 24.33 4.28 8.40
C THR A 20 25.12 5.50 7.94
N GLU A 21 26.04 5.33 6.97
CA GLU A 21 26.88 6.43 6.50
C GLU A 21 26.97 6.34 4.98
N ARG A 22 27.08 7.51 4.34
CA ARG A 22 27.18 7.60 2.91
C ARG A 22 28.63 7.85 2.50
N GLY A 23 28.99 7.33 1.33
CA GLY A 23 30.33 7.51 0.81
C GLY A 23 31.35 6.50 1.29
N VAL A 24 30.94 5.27 1.54
CA VAL A 24 31.86 4.24 2.02
C VAL A 24 32.66 3.74 0.82
N GLU A 25 33.98 3.70 0.95
CA GLU A 25 34.82 3.22 -0.14
C GLU A 25 34.82 1.70 -0.16
N VAL A 26 34.58 1.12 -1.33
CA VAL A 26 34.59 -0.32 -1.55
C VAL A 26 35.50 -0.62 -2.73
N VAL A 27 35.97 -1.86 -2.78
CA VAL A 27 36.90 -2.26 -3.84
C VAL A 27 36.21 -2.21 -5.20
N ASN A 28 35.00 -2.75 -5.29
CA ASN A 28 34.21 -2.65 -6.50
C ASN A 28 32.74 -2.63 -6.13
N ALA A 29 31.96 -2.08 -7.05
CA ALA A 29 30.51 -2.01 -6.93
C ALA A 29 29.97 -1.94 -8.35
N THR A 30 28.74 -2.37 -8.53
CA THR A 30 28.09 -2.31 -9.84
C THR A 30 26.83 -1.47 -9.74
N GLU A 31 26.31 -1.12 -10.91
CA GLU A 31 25.10 -0.34 -10.98
C GLU A 31 23.89 -1.26 -11.07
N THR A 32 22.83 -0.90 -10.35
CA THR A 32 21.55 -1.57 -10.44
C THR A 32 20.56 -0.78 -11.26
N VAL A 33 20.95 0.41 -11.74
CA VAL A 33 20.10 1.27 -12.54
C VAL A 33 20.78 1.46 -13.90
N GLU A 34 20.11 1.01 -14.96
CA GLU A 34 20.66 1.08 -16.31
C GLU A 34 20.55 2.48 -16.88
N ARG A 35 21.62 2.92 -17.53
CA ARG A 35 21.62 4.18 -18.28
C ARG A 35 22.08 4.04 -19.72
N THR A 36 22.74 2.95 -20.10
CA THR A 36 23.21 2.76 -21.47
C THR A 36 22.12 2.09 -22.29
N ASN A 37 21.97 2.52 -23.54
CA ASN A 37 20.97 1.94 -24.43
C ASN A 37 21.45 1.95 -25.87
N ILE A 38 20.62 1.35 -26.72
CA ILE A 38 20.79 1.23 -28.15
C ILE A 38 19.75 2.16 -28.78
N PRO A 39 20.13 3.24 -29.49
CA PRO A 39 19.10 4.16 -30.00
C PRO A 39 18.41 3.65 -31.25
N ARG A 40 17.77 2.48 -31.12
CA ARG A 40 17.05 1.75 -32.14
C ARG A 40 16.25 0.66 -31.42
N ILE A 41 15.15 0.24 -32.03
CA ILE A 41 14.29 -0.78 -31.43
C ILE A 41 14.76 -2.12 -31.94
N CYS A 42 15.26 -2.95 -31.02
CA CYS A 42 15.70 -4.28 -31.38
C CYS A 42 14.57 -5.28 -31.19
N SER A 43 14.14 -5.93 -32.28
CA SER A 43 13.02 -6.89 -32.24
C SER A 43 13.37 -8.11 -33.09
N LYS A 44 13.71 -9.22 -32.43
CA LYS A 44 14.08 -10.46 -33.09
C LYS A 44 13.26 -11.59 -32.49
N GLY A 45 12.79 -12.49 -33.35
CA GLY A 45 11.96 -13.59 -32.88
C GLY A 45 10.51 -13.22 -32.70
N LYS A 46 10.10 -12.05 -33.15
CA LYS A 46 8.75 -11.55 -33.01
C LYS A 46 8.34 -10.97 -34.36
N ARG A 47 7.07 -11.11 -34.71
CA ARG A 47 6.57 -10.46 -35.91
C ARG A 47 6.36 -9.00 -35.56
N THR A 48 7.02 -8.12 -36.31
CA THR A 48 7.02 -6.69 -36.04
C THR A 48 6.42 -5.95 -37.23
N VAL A 49 5.48 -5.05 -36.94
CA VAL A 49 4.86 -4.20 -37.94
C VAL A 49 5.36 -2.78 -37.68
N ASP A 50 5.84 -2.12 -38.73
CA ASP A 50 6.37 -0.77 -38.63
C ASP A 50 5.35 0.18 -39.27
N LEU A 51 4.53 0.81 -38.43
CA LEU A 51 3.44 1.66 -38.89
C LEU A 51 4.00 3.06 -39.08
N GLY A 52 4.73 3.23 -40.18
CA GLY A 52 5.44 4.48 -40.44
C GLY A 52 4.58 5.72 -40.57
N GLN A 53 3.83 5.84 -41.66
CA GLN A 53 2.99 7.02 -41.90
C GLN A 53 1.57 6.86 -41.40
N CYS A 54 1.14 5.65 -41.04
CA CYS A 54 -0.23 5.38 -40.61
C CYS A 54 -0.28 5.10 -39.12
N GLY A 55 -1.22 5.75 -38.45
CA GLY A 55 -1.43 5.50 -37.05
C GLY A 55 -2.11 4.17 -36.84
N LEU A 56 -2.00 3.64 -35.61
CA LEU A 56 -2.54 2.33 -35.32
C LEU A 56 -4.03 2.25 -35.58
N LEU A 57 -4.75 3.34 -35.31
CA LEU A 57 -6.20 3.27 -35.49
C LEU A 57 -6.55 3.25 -36.96
N GLY A 58 -5.63 3.64 -37.84
CA GLY A 58 -5.98 3.58 -39.23
C GLY A 58 -5.97 2.18 -39.76
N THR A 59 -5.42 1.24 -38.99
CA THR A 59 -5.41 -0.14 -39.45
C THR A 59 -6.80 -0.73 -39.35
N ILE A 60 -7.75 0.01 -38.77
CA ILE A 60 -9.15 -0.39 -38.82
C ILE A 60 -9.84 0.29 -40.00
N THR A 61 -9.61 1.60 -40.17
CA THR A 61 -10.37 2.36 -41.15
C THR A 61 -9.75 2.29 -42.53
N GLY A 62 -8.43 2.14 -42.61
CA GLY A 62 -7.77 1.96 -43.88
C GLY A 62 -7.48 3.22 -44.66
N PRO A 63 -6.76 4.19 -44.09
CA PRO A 63 -6.29 5.31 -44.89
C PRO A 63 -5.25 4.80 -45.86
N PRO A 64 -5.01 5.50 -46.98
CA PRO A 64 -4.02 5.00 -47.96
C PRO A 64 -2.65 4.68 -47.38
N GLN A 65 -2.22 5.42 -46.35
CA GLN A 65 -0.91 5.28 -45.74
C GLN A 65 -0.59 3.86 -45.28
N CYS A 66 -1.61 3.06 -45.00
CA CYS A 66 -1.47 1.69 -44.51
C CYS A 66 -2.34 0.71 -45.28
N ASP A 67 -2.45 0.90 -46.61
CA ASP A 67 -3.17 -0.09 -47.39
C ASP A 67 -2.55 -1.48 -47.21
N GLN A 68 -1.23 -1.54 -47.08
CA GLN A 68 -0.54 -2.82 -46.86
C GLN A 68 -0.70 -3.38 -45.45
N PHE A 69 -1.22 -2.60 -44.49
CA PHE A 69 -1.34 -3.04 -43.11
C PHE A 69 -2.80 -3.23 -42.68
N LEU A 70 -3.72 -3.34 -43.63
CA LEU A 70 -5.13 -3.47 -43.26
C LEU A 70 -5.39 -4.73 -42.44
N GLU A 71 -4.76 -5.84 -42.81
CA GLU A 71 -4.95 -7.13 -42.15
C GLU A 71 -3.67 -7.60 -41.47
N PHE A 72 -2.86 -6.64 -41.01
CA PHE A 72 -1.55 -6.97 -40.46
C PHE A 72 -1.66 -7.92 -39.29
N SER A 73 -0.63 -8.76 -39.15
CA SER A 73 -0.51 -9.73 -38.07
C SER A 73 0.88 -9.56 -37.49
N ALA A 74 0.96 -9.23 -36.20
CA ALA A 74 2.25 -8.94 -35.60
C ALA A 74 2.21 -9.19 -34.11
N ASP A 75 3.39 -9.48 -33.56
CA ASP A 75 3.60 -9.59 -32.12
C ASP A 75 4.01 -8.28 -31.50
N LEU A 76 4.67 -7.41 -32.28
CA LEU A 76 5.14 -6.12 -31.80
C LEU A 76 4.66 -5.05 -32.76
N ILE A 77 4.01 -4.01 -32.24
CA ILE A 77 3.47 -2.92 -33.05
C ILE A 77 4.26 -1.65 -32.75
N ILE A 78 4.83 -1.06 -33.79
CA ILE A 78 5.60 0.18 -33.68
C ILE A 78 4.74 1.32 -34.20
N GLU A 79 4.49 2.31 -33.35
CA GLU A 79 3.75 3.52 -33.72
C GLU A 79 4.73 4.67 -33.75
N ARG A 80 4.64 5.51 -34.78
CA ARG A 80 5.58 6.61 -34.96
C ARG A 80 4.92 7.98 -34.93
N ARG A 81 5.71 8.96 -34.48
CA ARG A 81 5.22 10.32 -34.33
C ARG A 81 4.80 10.93 -35.66
N GLU A 82 5.51 10.62 -36.74
CA GLU A 82 5.20 11.27 -38.01
C GLU A 82 3.94 10.74 -38.65
N GLY A 83 3.38 9.64 -38.15
CA GLY A 83 2.23 9.05 -38.76
C GLY A 83 0.93 9.67 -38.28
N SER A 84 -0.14 9.31 -38.94
CA SER A 84 -1.48 9.77 -38.59
C SER A 84 -2.43 8.67 -39.01
N ASP A 85 -3.51 8.52 -38.26
CA ASP A 85 -4.54 7.54 -38.59
C ASP A 85 -5.71 8.19 -39.31
N VAL A 86 -5.56 9.45 -39.69
CA VAL A 86 -6.62 10.24 -40.31
C VAL A 86 -6.13 10.73 -41.67
N CYS A 87 -6.91 10.46 -42.72
CA CYS A 87 -6.66 11.00 -44.05
C CYS A 87 -7.75 11.99 -44.44
N PHE A 88 -8.85 12.03 -43.68
CA PHE A 88 -9.95 12.97 -43.86
C PHE A 88 -10.12 13.46 -42.44
N PRO A 89 -9.99 14.77 -42.18
CA PRO A 89 -9.85 15.25 -40.78
C PRO A 89 -10.91 14.74 -39.83
N GLY A 90 -10.48 14.41 -38.61
CA GLY A 90 -11.37 13.83 -37.64
C GLY A 90 -10.58 13.05 -36.59
N LYS A 91 -11.31 12.30 -35.79
CA LYS A 91 -10.70 11.54 -34.70
C LYS A 91 -11.68 10.50 -34.19
N PHE A 92 -11.14 9.54 -33.45
CA PHE A 92 -11.94 8.54 -32.76
C PHE A 92 -12.35 9.09 -31.39
N VAL A 93 -13.53 8.67 -30.93
CA VAL A 93 -13.98 8.99 -29.58
C VAL A 93 -13.53 7.86 -28.67
N ASN A 94 -12.97 8.21 -27.52
CA ASN A 94 -12.33 7.23 -26.64
C ASN A 94 -11.25 6.50 -27.42
N GLU A 95 -10.46 7.29 -28.15
CA GLU A 95 -9.42 6.73 -29.01
C GLU A 95 -8.35 6.00 -28.21
N GLU A 96 -8.11 6.41 -26.97
CA GLU A 96 -7.05 5.78 -26.21
C GLU A 96 -7.43 4.36 -25.83
N ALA A 97 -8.69 4.14 -25.47
CA ALA A 97 -9.14 2.79 -25.14
C ALA A 97 -9.00 1.87 -26.35
N LEU A 98 -9.34 2.38 -27.54
CA LEU A 98 -9.23 1.56 -28.73
C LEU A 98 -7.78 1.30 -29.09
N ARG A 99 -6.91 2.30 -28.89
CA ARG A 99 -5.48 2.06 -29.12
C ARG A 99 -4.97 0.99 -28.18
N GLN A 100 -5.42 1.01 -26.92
CA GLN A 100 -5.02 -0.01 -25.96
C GLN A 100 -5.51 -1.39 -26.39
N ILE A 101 -6.73 -1.46 -26.91
CA ILE A 101 -7.24 -2.74 -27.42
C ILE A 101 -6.39 -3.22 -28.59
N LEU A 102 -6.04 -2.32 -29.51
CA LEU A 102 -5.30 -2.73 -30.71
C LEU A 102 -3.86 -3.14 -30.39
N ARG A 103 -3.22 -2.46 -29.44
CA ARG A 103 -1.83 -2.80 -29.12
C ARG A 103 -1.72 -4.23 -28.60
N GLU A 104 -2.70 -4.67 -27.82
CA GLU A 104 -2.73 -6.01 -27.27
C GLU A 104 -3.39 -7.02 -28.21
N SER A 105 -3.92 -6.57 -29.34
CA SER A 105 -4.81 -7.40 -30.15
C SER A 105 -4.13 -8.52 -30.90
N GLY A 106 -2.83 -8.42 -31.22
CA GLY A 106 -2.20 -9.44 -32.03
C GLY A 106 -2.35 -9.24 -33.52
N GLY A 107 -3.04 -8.19 -33.94
CA GLY A 107 -3.34 -7.91 -35.33
C GLY A 107 -4.83 -7.98 -35.61
N ILE A 108 -5.18 -7.72 -36.87
CA ILE A 108 -6.57 -7.61 -37.30
C ILE A 108 -6.86 -8.63 -38.38
N ASP A 109 -7.88 -9.46 -38.14
CA ASP A 109 -8.43 -10.43 -39.10
C ASP A 109 -9.81 -9.92 -39.51
N LYS A 110 -9.93 -9.39 -40.73
CA LYS A 110 -11.17 -8.79 -41.18
C LYS A 110 -12.07 -9.78 -41.93
N GLU A 111 -13.33 -9.85 -41.52
CA GLU A 111 -14.35 -10.66 -42.18
C GLU A 111 -15.45 -9.74 -42.69
N ALA A 112 -15.80 -9.90 -43.96
CA ALA A 112 -16.77 -9.02 -44.63
C ALA A 112 -18.11 -8.97 -43.91
N MET A 113 -18.69 -7.76 -43.87
CA MET A 113 -20.00 -7.56 -43.27
C MET A 113 -21.08 -8.30 -44.05
N GLY A 114 -20.99 -8.34 -45.37
CA GLY A 114 -22.01 -8.93 -46.20
C GLY A 114 -23.17 -8.01 -46.46
N PHE A 115 -22.97 -6.69 -46.32
CA PHE A 115 -24.03 -5.72 -46.53
C PHE A 115 -24.22 -5.43 -48.00
N THR A 116 -25.48 -5.36 -48.43
CA THR A 116 -25.86 -4.99 -49.78
C THR A 116 -26.72 -3.74 -49.72
N TYR A 117 -26.39 -2.76 -50.56
CA TYR A 117 -27.08 -1.49 -50.61
C TYR A 117 -27.80 -1.35 -51.95
N SER A 118 -28.92 -0.63 -51.93
CA SER A 118 -29.71 -0.40 -53.14
C SER A 118 -30.28 1.02 -53.09
N GLY A 119 -30.12 1.74 -54.20
CA GLY A 119 -30.57 3.11 -54.30
C GLY A 119 -29.58 4.12 -53.74
N ILE A 120 -28.46 3.66 -53.21
CA ILE A 120 -27.42 4.49 -52.61
C ILE A 120 -26.10 4.18 -53.30
N ARG A 121 -25.44 5.22 -53.82
CA ARG A 121 -24.11 5.02 -54.37
C ARG A 121 -23.11 4.93 -53.24
N THR A 122 -22.18 3.98 -53.36
CA THR A 122 -21.17 3.71 -52.34
C THR A 122 -19.80 4.22 -52.77
N ASN A 123 -19.74 5.01 -53.84
CA ASN A 123 -18.49 5.49 -54.42
C ASN A 123 -18.18 6.91 -53.95
N GLY A 124 -18.50 7.21 -52.69
CA GLY A 124 -18.14 8.49 -52.14
C GLY A 124 -16.63 8.67 -52.12
N ALA A 125 -16.20 9.91 -52.25
CA ALA A 125 -14.77 10.19 -52.28
C ALA A 125 -14.50 11.61 -51.81
N THR A 126 -13.25 11.83 -51.40
CA THR A 126 -12.76 13.12 -50.95
C THR A 126 -11.43 13.41 -51.61
N SER A 127 -11.08 14.69 -51.66
CA SER A 127 -9.77 15.10 -52.15
C SER A 127 -8.68 14.99 -51.09
N SER A 128 -9.05 14.82 -49.81
CA SER A 128 -8.05 14.73 -48.75
C SER A 128 -7.31 13.40 -48.82
N CYS A 129 -8.04 12.30 -48.98
CA CYS A 129 -7.46 10.97 -49.08
C CYS A 129 -7.18 10.74 -50.56
N ARG A 130 -5.91 10.48 -50.90
CA ARG A 130 -5.44 10.45 -52.29
C ARG A 130 -4.74 9.14 -52.64
N ARG A 131 -5.43 8.01 -52.46
CA ARG A 131 -4.83 6.72 -52.85
C ARG A 131 -4.51 6.69 -54.34
N SER A 132 -5.41 7.22 -55.16
CA SER A 132 -5.19 7.39 -56.59
C SER A 132 -6.33 8.26 -57.11
N GLY A 133 -6.01 9.40 -57.73
CA GLY A 133 -7.06 10.36 -57.99
C GLY A 133 -7.66 10.77 -56.65
N SER A 134 -8.97 10.63 -56.52
CA SER A 134 -9.67 10.80 -55.25
C SER A 134 -10.24 9.45 -54.83
N SER A 135 -9.91 9.01 -53.62
CA SER A 135 -10.48 7.79 -53.03
C SER A 135 -10.75 8.05 -51.57
N PHE A 136 -11.70 7.29 -51.01
CA PHE A 136 -12.06 7.35 -49.59
C PHE A 136 -11.30 6.24 -48.84
N TYR A 137 -11.56 6.10 -47.54
CA TYR A 137 -10.97 5.05 -46.73
C TYR A 137 -11.35 3.69 -47.32
N ALA A 138 -10.40 2.75 -47.27
CA ALA A 138 -10.60 1.50 -47.98
C ALA A 138 -11.65 0.64 -47.27
N GLU A 139 -11.54 0.51 -45.96
CA GLU A 139 -12.39 -0.41 -45.21
C GLU A 139 -13.77 0.16 -44.91
N MET A 140 -14.13 1.33 -45.43
CA MET A 140 -15.43 1.94 -45.17
C MET A 140 -16.02 2.53 -46.42
N LYS A 141 -17.35 2.45 -46.51
CA LYS A 141 -18.12 3.02 -47.61
C LYS A 141 -18.75 4.34 -47.17
N TRP A 142 -18.43 5.42 -47.89
CA TRP A 142 -19.02 6.73 -47.64
C TRP A 142 -20.33 6.77 -48.43
N LEU A 143 -21.45 6.65 -47.72
CA LEU A 143 -22.74 6.59 -48.38
C LEU A 143 -23.24 7.99 -48.74
N LEU A 144 -23.70 8.13 -49.97
CA LEU A 144 -24.31 9.33 -50.52
C LEU A 144 -25.79 9.02 -50.75
N SER A 145 -26.56 9.99 -51.25
CA SER A 145 -27.92 9.64 -51.63
C SER A 145 -27.92 9.16 -53.07
N ASN A 146 -28.11 10.06 -54.04
CA ASN A 146 -27.98 9.70 -55.45
C ASN A 146 -27.29 10.85 -56.18
N THR A 147 -28.08 11.85 -56.53
CA THR A 147 -27.66 13.11 -57.12
C THR A 147 -27.61 14.19 -56.05
N ASP A 148 -27.10 15.36 -56.42
CA ASP A 148 -27.03 16.47 -55.47
C ASP A 148 -28.42 16.82 -54.97
N ASN A 149 -28.54 17.01 -53.66
CA ASN A 149 -29.75 17.39 -52.94
C ASN A 149 -30.80 16.29 -52.91
N ALA A 150 -30.48 15.08 -53.38
CA ALA A 150 -31.42 13.98 -53.28
C ALA A 150 -31.56 13.51 -51.84
N ALA A 151 -32.76 13.10 -51.46
CA ALA A 151 -33.00 12.61 -50.11
C ALA A 151 -32.31 11.27 -49.89
N PHE A 152 -31.88 11.05 -48.65
CA PHE A 152 -31.26 9.79 -48.25
C PHE A 152 -32.29 8.93 -47.52
N PRO A 153 -32.64 7.74 -48.01
CA PRO A 153 -33.68 6.95 -47.33
C PRO A 153 -33.20 6.38 -46.00
N GLN A 154 -34.17 6.21 -45.09
CA GLN A 154 -33.89 5.58 -43.81
C GLN A 154 -33.75 4.08 -44.00
N MET A 155 -32.74 3.48 -43.36
CA MET A 155 -32.60 2.03 -43.49
C MET A 155 -32.01 1.41 -42.23
N THR A 156 -32.25 0.11 -42.09
CA THR A 156 -31.75 -0.71 -41.00
C THR A 156 -30.87 -1.82 -41.54
N LYS A 157 -29.71 -2.00 -40.92
CA LYS A 157 -28.76 -3.07 -41.24
C LYS A 157 -28.37 -3.78 -39.97
N SER A 158 -27.96 -5.05 -40.09
CA SER A 158 -27.53 -5.78 -38.92
C SER A 158 -26.43 -6.76 -39.28
N TYR A 159 -25.62 -7.10 -38.28
CA TYR A 159 -24.53 -8.05 -38.42
C TYR A 159 -24.49 -8.98 -37.23
N LYS A 160 -24.42 -10.28 -37.48
CA LYS A 160 -24.30 -11.30 -36.44
C LYS A 160 -22.86 -11.77 -36.34
N ASN A 161 -22.34 -11.86 -35.11
CA ASN A 161 -20.99 -12.35 -34.87
C ASN A 161 -21.05 -13.87 -34.82
N THR A 162 -20.69 -14.52 -35.91
CA THR A 162 -20.76 -15.98 -36.01
C THR A 162 -19.50 -16.69 -35.57
N ARG A 163 -18.46 -15.96 -35.15
CA ARG A 163 -17.21 -16.55 -34.69
C ARG A 163 -17.19 -16.67 -33.18
N LYS A 164 -16.21 -17.44 -32.70
CA LYS A 164 -16.03 -17.63 -31.26
C LYS A 164 -15.46 -16.40 -30.58
N ASN A 165 -14.66 -15.56 -31.33
CA ASN A 165 -14.05 -14.37 -30.75
C ASN A 165 -14.96 -13.15 -30.86
N PRO A 166 -14.84 -12.18 -29.97
CA PRO A 166 -15.62 -10.94 -30.12
C PRO A 166 -15.15 -10.11 -31.30
N ALA A 167 -16.09 -9.38 -31.90
CA ALA A 167 -15.83 -8.56 -33.08
C ALA A 167 -15.66 -7.11 -32.67
N LEU A 168 -14.72 -6.43 -33.32
CA LEU A 168 -14.56 -4.98 -33.15
C LEU A 168 -15.25 -4.32 -34.34
N ILE A 169 -16.32 -3.60 -34.07
CA ILE A 169 -17.13 -2.94 -35.10
C ILE A 169 -16.87 -1.45 -35.00
N VAL A 170 -16.41 -0.84 -36.08
CA VAL A 170 -16.09 0.58 -36.09
C VAL A 170 -16.88 1.24 -37.20
N TRP A 171 -17.41 2.43 -36.91
CA TRP A 171 -18.21 3.18 -37.86
C TRP A 171 -17.91 4.65 -37.63
N GLY A 172 -18.31 5.50 -38.59
CA GLY A 172 -18.15 6.93 -38.43
C GLY A 172 -19.41 7.72 -38.72
N ILE A 173 -19.44 8.91 -38.14
CA ILE A 173 -20.49 9.91 -38.34
C ILE A 173 -19.83 11.09 -39.03
N HIS A 174 -20.42 11.55 -40.13
CA HIS A 174 -19.86 12.65 -40.91
C HIS A 174 -20.52 13.96 -40.49
N HIS A 175 -19.69 14.92 -40.09
CA HIS A 175 -20.11 16.27 -39.71
C HIS A 175 -19.66 17.16 -40.85
N SER A 176 -20.61 17.66 -41.63
CA SER A 176 -20.26 18.43 -42.80
C SER A 176 -19.68 19.79 -42.41
N GLY A 177 -19.01 20.43 -43.36
CA GLY A 177 -18.41 21.71 -43.10
C GLY A 177 -19.37 22.88 -43.09
N SER A 178 -20.61 22.66 -43.51
CA SER A 178 -21.63 23.70 -43.55
C SER A 178 -22.97 23.03 -43.74
N THR A 179 -24.04 23.81 -43.54
CA THR A 179 -25.37 23.30 -43.84
C THR A 179 -25.61 23.24 -45.35
N ALA A 180 -24.89 24.06 -46.13
CA ALA A 180 -24.98 23.95 -47.58
C ALA A 180 -24.38 22.65 -48.08
N GLU A 181 -23.26 22.23 -47.46
CA GLU A 181 -22.68 20.96 -47.85
C GLU A 181 -23.61 19.82 -47.53
N GLN A 182 -24.27 19.87 -46.36
CA GLN A 182 -25.23 18.83 -46.03
C GLN A 182 -26.44 18.90 -46.97
N THR A 183 -26.79 20.09 -47.43
CA THR A 183 -27.86 20.19 -48.41
C THR A 183 -27.47 19.42 -49.68
N LYS A 184 -26.24 19.63 -50.14
CA LYS A 184 -25.73 18.84 -51.27
C LYS A 184 -25.55 17.37 -50.88
N LEU A 185 -24.96 17.13 -49.72
CA LEU A 185 -24.63 15.79 -49.22
C LEU A 185 -25.62 15.33 -48.16
N TYR A 186 -26.43 14.32 -48.50
CA TYR A 186 -27.54 13.74 -47.70
C TYR A 186 -28.84 14.54 -47.81
N GLY A 187 -28.96 15.46 -48.75
CA GLY A 187 -30.21 16.18 -48.94
C GLY A 187 -30.56 17.05 -47.75
N SER A 188 -31.80 16.93 -47.26
CA SER A 188 -32.26 17.76 -46.15
C SER A 188 -33.21 16.99 -45.26
N GLY A 189 -33.02 17.17 -43.96
CA GLY A 189 -33.88 16.55 -42.97
C GLY A 189 -33.11 16.39 -41.66
N ASN A 190 -33.82 15.90 -40.66
CA ASN A 190 -33.19 15.59 -39.39
C ASN A 190 -32.43 14.28 -39.52
N LYS A 191 -31.22 14.25 -38.99
CA LYS A 191 -30.36 13.07 -39.06
C LYS A 191 -30.23 12.45 -37.68
N LEU A 192 -30.31 11.12 -37.64
CA LEU A 192 -30.17 10.36 -36.41
C LEU A 192 -29.56 9.01 -36.78
N VAL A 193 -28.47 8.63 -36.12
CA VAL A 193 -27.86 7.32 -36.30
C VAL A 193 -28.00 6.57 -34.99
N THR A 194 -28.62 5.38 -35.02
CA THR A 194 -28.86 4.59 -33.83
C THR A 194 -28.10 3.27 -33.94
N VAL A 195 -27.36 2.91 -32.89
CA VAL A 195 -26.57 1.69 -32.86
C VAL A 195 -26.93 0.94 -31.58
N GLY A 196 -27.17 -0.36 -31.70
CA GLY A 196 -27.44 -1.16 -30.52
C GLY A 196 -27.06 -2.63 -30.65
N SER A 197 -26.89 -3.24 -29.49
CA SER A 197 -26.62 -4.66 -29.32
C SER A 197 -27.13 -5.01 -27.93
N SER A 198 -27.01 -6.31 -27.59
CA SER A 198 -27.61 -6.79 -26.34
C SER A 198 -27.08 -6.08 -25.11
N ASN A 199 -25.81 -5.67 -25.12
CA ASN A 199 -25.22 -4.92 -24.03
C ASN A 199 -24.69 -3.55 -24.45
N TYR A 200 -25.22 -2.97 -25.53
CA TYR A 200 -24.73 -1.66 -25.95
C TYR A 200 -25.88 -0.89 -26.58
N GLN A 201 -25.98 0.40 -26.27
CA GLN A 201 -26.98 1.22 -26.94
C GLN A 201 -26.52 2.68 -26.94
N GLN A 202 -26.52 3.29 -28.13
CA GLN A 202 -26.11 4.68 -28.29
C GLN A 202 -26.75 5.23 -29.55
N SER A 203 -26.83 6.56 -29.61
CA SER A 203 -27.24 7.24 -30.82
C SER A 203 -26.41 8.51 -30.98
N PHE A 204 -26.28 8.93 -32.24
CA PHE A 204 -25.44 10.04 -32.63
C PHE A 204 -26.23 10.98 -33.53
N VAL A 205 -25.92 12.27 -33.41
CA VAL A 205 -26.55 13.31 -34.20
C VAL A 205 -25.46 14.08 -34.95
N PRO A 206 -25.48 14.14 -36.29
CA PRO A 206 -24.52 14.99 -37.01
C PRO A 206 -24.74 16.45 -36.66
N SER A 207 -23.64 17.21 -36.64
CA SER A 207 -23.67 18.64 -36.32
C SER A 207 -22.91 19.42 -37.38
N PRO A 208 -23.57 19.75 -38.50
CA PRO A 208 -22.90 20.51 -39.56
C PRO A 208 -22.57 21.92 -39.09
N GLY A 209 -21.51 22.47 -39.66
CA GLY A 209 -21.16 23.84 -39.39
C GLY A 209 -19.72 24.12 -39.73
N ALA A 210 -19.42 25.41 -39.84
CA ALA A 210 -18.07 25.85 -40.21
C ALA A 210 -17.06 25.41 -39.16
N ARG A 211 -15.91 24.96 -39.66
CA ARG A 211 -14.80 24.50 -38.84
C ARG A 211 -13.51 24.96 -39.50
N THR A 212 -12.43 25.00 -38.71
CA THR A 212 -11.13 25.35 -39.27
C THR A 212 -10.74 24.33 -40.33
N GLN A 213 -10.12 24.82 -41.40
CA GLN A 213 -9.74 23.94 -42.50
C GLN A 213 -8.52 23.13 -42.14
N VAL A 214 -8.61 21.81 -42.30
CA VAL A 214 -7.54 20.87 -42.04
C VAL A 214 -7.32 20.06 -43.30
N ASN A 215 -6.08 20.04 -43.79
CA ASN A 215 -5.73 19.32 -45.02
C ASN A 215 -6.58 19.77 -46.21
N GLY A 216 -6.93 21.06 -46.22
CA GLY A 216 -7.65 21.67 -47.32
C GLY A 216 -9.17 21.61 -47.25
N GLN A 217 -9.74 20.84 -46.34
CA GLN A 217 -11.20 20.69 -46.24
C GLN A 217 -11.66 20.80 -44.79
N SER A 218 -12.87 21.32 -44.61
CA SER A 218 -13.47 21.52 -43.30
C SER A 218 -14.32 20.37 -42.78
N GLY A 219 -14.77 19.45 -43.64
CA GLY A 219 -15.63 18.38 -43.18
C GLY A 219 -14.88 17.41 -42.31
N ARG A 220 -15.62 16.76 -41.39
CA ARG A 220 -15.01 15.89 -40.39
C ARG A 220 -15.77 14.59 -40.24
N ILE A 221 -15.05 13.52 -39.88
CA ILE A 221 -15.64 12.25 -39.51
C ILE A 221 -15.26 11.93 -38.07
N ASP A 222 -16.25 11.67 -37.22
CA ASP A 222 -16.06 11.16 -35.87
C ASP A 222 -16.21 9.65 -35.89
N PHE A 223 -15.17 8.93 -35.50
CA PHE A 223 -15.17 7.47 -35.51
C PHE A 223 -15.54 6.90 -34.14
N HIS A 224 -16.45 5.93 -34.13
CA HIS A 224 -16.99 5.29 -32.95
C HIS A 224 -16.71 3.79 -33.07
N TRP A 225 -16.73 3.08 -31.95
CA TRP A 225 -16.45 1.64 -31.97
C TRP A 225 -17.28 0.90 -30.92
N LEU A 226 -17.48 -0.39 -31.20
CA LEU A 226 -18.26 -1.32 -30.41
C LEU A 226 -17.51 -2.65 -30.28
N MET A 227 -17.57 -3.27 -29.09
CA MET A 227 -17.05 -4.62 -28.88
C MET A 227 -18.22 -5.59 -28.77
N LEU A 228 -18.31 -6.49 -29.75
CA LEU A 228 -19.45 -7.37 -29.95
C LEU A 228 -19.17 -8.78 -29.45
N ASN A 229 -19.99 -9.24 -28.49
CA ASN A 229 -19.84 -10.57 -27.93
C ASN A 229 -20.26 -11.65 -28.93
N PRO A 230 -19.70 -12.87 -28.83
CA PRO A 230 -20.11 -13.97 -29.72
C PRO A 230 -21.61 -14.26 -29.67
N ASN A 231 -22.16 -14.56 -30.86
CA ASN A 231 -23.57 -14.87 -31.11
C ASN A 231 -24.48 -13.67 -30.92
N ASP A 232 -23.95 -12.48 -30.70
CA ASP A 232 -24.72 -11.27 -30.54
C ASP A 232 -24.82 -10.58 -31.90
N THR A 233 -25.84 -9.75 -32.05
CA THR A 233 -26.11 -9.05 -33.30
C THR A 233 -26.12 -7.55 -33.07
N VAL A 234 -25.38 -6.82 -33.90
CA VAL A 234 -25.37 -5.36 -33.87
C VAL A 234 -26.37 -4.88 -34.89
N THR A 235 -27.28 -3.99 -34.47
CA THR A 235 -28.28 -3.41 -35.33
C THR A 235 -27.97 -1.94 -35.49
N PHE A 236 -27.97 -1.48 -36.74
CA PHE A 236 -27.67 -0.12 -37.14
C PHE A 236 -28.91 0.47 -37.79
N SER A 237 -29.17 1.75 -37.52
CA SER A 237 -30.27 2.50 -38.13
C SER A 237 -29.73 3.82 -38.64
N PHE A 238 -29.98 4.13 -39.92
CA PHE A 238 -29.42 5.30 -40.56
C PHE A 238 -30.52 6.19 -41.12
N ASN A 239 -30.25 7.50 -41.05
CA ASN A 239 -30.95 8.53 -41.77
C ASN A 239 -29.97 9.31 -42.65
N GLY A 240 -28.72 8.88 -42.71
CA GLY A 240 -27.65 9.54 -43.41
C GLY A 240 -26.50 9.84 -42.46
N ALA A 241 -25.47 10.49 -43.01
CA ALA A 241 -24.27 10.87 -42.26
C ALA A 241 -23.62 9.67 -41.57
N PHE A 242 -23.52 8.56 -42.29
CA PHE A 242 -22.96 7.32 -41.75
C PHE A 242 -21.80 6.91 -42.63
N ILE A 243 -20.68 6.57 -42.02
CA ILE A 243 -19.53 6.01 -42.73
C ILE A 243 -19.55 4.52 -42.41
N ALA A 244 -19.95 3.70 -43.38
CA ALA A 244 -20.31 2.34 -42.97
C ALA A 244 -19.12 1.38 -43.00
N PRO A 245 -19.00 0.48 -42.02
CA PRO A 245 -17.98 -0.56 -42.12
C PRO A 245 -18.33 -1.55 -43.22
N ASP A 246 -17.29 -2.06 -43.88
CA ASP A 246 -17.44 -3.14 -44.83
C ASP A 246 -17.05 -4.48 -44.26
N ARG A 247 -16.12 -4.51 -43.29
CA ARG A 247 -15.71 -5.75 -42.66
C ARG A 247 -15.47 -5.54 -41.17
N ALA A 248 -15.83 -6.56 -40.38
CA ALA A 248 -15.61 -6.55 -38.93
C ALA A 248 -14.19 -6.98 -38.65
N SER A 249 -13.59 -6.36 -37.63
CA SER A 249 -12.22 -6.62 -37.22
C SER A 249 -12.19 -7.57 -36.04
N PHE A 250 -11.56 -8.72 -36.23
CA PHE A 250 -11.36 -9.74 -35.20
C PHE A 250 -9.91 -9.66 -34.73
N LEU A 251 -9.69 -9.98 -33.46
CA LEU A 251 -8.36 -9.91 -32.92
C LEU A 251 -7.67 -11.25 -33.18
N ARG A 252 -6.39 -11.21 -33.54
CA ARG A 252 -5.67 -12.44 -33.87
C ARG A 252 -5.10 -13.14 -32.65
N GLY A 253 -4.73 -12.41 -31.61
CA GLY A 253 -4.08 -13.02 -30.47
C GLY A 253 -3.60 -12.01 -29.45
N LYS A 254 -2.30 -12.04 -29.13
CA LYS A 254 -1.71 -11.13 -28.14
C LYS A 254 -0.45 -10.50 -28.73
N SER A 255 -0.25 -9.23 -28.39
CA SER A 255 0.89 -8.43 -28.83
C SER A 255 1.09 -7.30 -27.83
N MET A 256 2.10 -6.47 -28.09
CA MET A 256 2.30 -5.24 -27.33
C MET A 256 2.65 -4.17 -28.35
N GLY A 257 2.35 -2.91 -28.03
CA GLY A 257 2.66 -1.79 -28.90
C GLY A 257 3.64 -0.81 -28.29
N ILE A 258 4.36 -0.11 -29.16
CA ILE A 258 5.36 0.89 -28.79
C ILE A 258 5.08 2.17 -29.56
N GLN A 259 5.14 3.30 -28.86
CA GLN A 259 5.18 4.60 -29.51
C GLN A 259 6.64 5.03 -29.52
N SER A 260 7.22 5.18 -30.71
CA SER A 260 8.66 5.41 -30.81
C SER A 260 9.04 6.21 -32.04
N GLY A 261 10.20 6.88 -31.94
CA GLY A 261 10.80 7.63 -33.04
C GLY A 261 12.04 7.06 -33.70
N VAL A 262 12.41 5.80 -33.46
CA VAL A 262 13.67 5.24 -33.99
C VAL A 262 13.39 3.99 -34.83
N GLN A 263 14.39 3.63 -35.65
CA GLN A 263 14.27 2.51 -36.58
C GLN A 263 14.29 1.15 -35.87
N VAL A 264 13.75 0.14 -36.57
CA VAL A 264 13.65 -1.23 -36.06
C VAL A 264 14.88 -2.05 -36.43
N ASP A 265 15.50 -2.68 -35.44
CA ASP A 265 16.66 -3.54 -35.58
C ASP A 265 16.23 -4.99 -35.40
N ALA A 266 16.39 -5.80 -36.44
CA ALA A 266 15.93 -7.19 -36.40
C ALA A 266 16.90 -8.17 -35.73
N ASP A 267 18.05 -7.72 -35.21
CA ASP A 267 19.07 -8.65 -34.69
C ASP A 267 19.07 -8.93 -33.18
N CYS A 268 18.59 -8.02 -32.33
CA CYS A 268 18.73 -8.27 -30.86
C CYS A 268 17.42 -8.78 -30.25
N GLU A 269 17.53 -9.64 -29.22
CA GLU A 269 16.33 -10.08 -28.51
C GLU A 269 16.13 -9.10 -27.35
N GLY A 270 14.99 -8.42 -27.32
CA GLY A 270 14.71 -7.46 -26.26
C GLY A 270 13.26 -7.48 -25.83
N ASP A 271 13.04 -7.20 -24.53
CA ASP A 271 11.71 -7.12 -23.95
C ASP A 271 11.25 -5.71 -23.57
N CYS A 272 12.15 -4.83 -23.12
CA CYS A 272 11.79 -3.50 -22.65
C CYS A 272 12.06 -2.47 -23.73
N TYR A 273 11.05 -1.66 -24.03
CA TYR A 273 11.14 -0.65 -25.07
C TYR A 273 10.63 0.69 -24.56
N TYR A 274 11.18 1.76 -25.13
CA TYR A 274 10.74 3.12 -24.83
C TYR A 274 10.89 3.90 -26.12
N SER A 275 10.41 5.15 -26.11
CA SER A 275 10.29 5.92 -27.34
C SER A 275 11.62 6.15 -28.04
N GLY A 276 12.73 6.12 -27.31
CA GLY A 276 14.05 6.28 -27.86
C GLY A 276 14.80 5.01 -28.23
N GLY A 277 14.20 3.84 -28.08
CA GLY A 277 14.92 2.61 -28.37
C GLY A 277 14.47 1.49 -27.44
N THR A 278 15.39 0.56 -27.20
CA THR A 278 15.14 -0.59 -26.35
C THR A 278 16.18 -0.64 -25.24
N ILE A 279 15.76 -1.20 -24.10
CA ILE A 279 16.60 -1.36 -22.92
C ILE A 279 16.78 -2.86 -22.73
N ILE A 280 17.94 -3.38 -23.11
CA ILE A 280 18.23 -4.81 -22.96
C ILE A 280 19.36 -4.94 -21.94
N SER A 281 18.97 -5.19 -20.70
CA SER A 281 19.91 -5.27 -19.59
C SER A 281 19.20 -5.87 -18.39
N ASN A 282 19.83 -6.88 -17.77
CA ASN A 282 19.25 -7.55 -16.61
C ASN A 282 19.66 -6.87 -15.31
N LEU A 283 19.31 -5.58 -15.18
CA LEU A 283 19.55 -4.83 -13.95
C LEU A 283 18.23 -4.63 -13.19
N PRO A 284 18.26 -4.57 -11.85
CA PRO A 284 17.00 -4.36 -11.10
C PRO A 284 16.21 -3.13 -11.50
N PHE A 285 16.88 -2.02 -11.82
CA PHE A 285 16.23 -0.74 -12.04
C PHE A 285 16.76 -0.08 -13.32
N GLN A 286 16.01 0.91 -13.77
CA GLN A 286 16.43 1.78 -14.87
C GLN A 286 15.99 3.20 -14.53
N ASN A 287 16.74 4.18 -15.04
CA ASN A 287 16.41 5.60 -14.88
C ASN A 287 16.39 6.28 -16.24
N ILE A 288 15.79 5.61 -17.21
CA ILE A 288 15.80 6.07 -18.60
C ILE A 288 14.46 6.68 -19.00
N ASP A 289 13.36 5.98 -18.76
CA ASP A 289 12.05 6.45 -19.18
C ASP A 289 11.00 5.82 -18.27
N SER A 290 10.27 6.66 -17.54
CA SER A 290 9.28 6.19 -16.58
C SER A 290 8.09 5.49 -17.22
N ARG A 291 7.88 5.61 -18.53
CA ARG A 291 6.76 4.97 -19.21
C ARG A 291 7.17 3.73 -20.02
N ALA A 292 8.38 3.22 -19.79
CA ALA A 292 8.84 2.05 -20.54
C ALA A 292 7.91 0.86 -20.29
N VAL A 293 7.68 0.06 -21.32
CA VAL A 293 6.72 -1.04 -21.28
C VAL A 293 7.42 -2.35 -21.59
N GLY A 294 6.71 -3.44 -21.30
CA GLY A 294 7.22 -4.78 -21.44
C GLY A 294 7.77 -5.31 -20.13
N LYS A 295 8.55 -6.39 -20.24
CA LYS A 295 9.17 -6.99 -19.05
C LYS A 295 10.43 -6.17 -18.77
N CYS A 296 10.23 -5.05 -18.08
CA CYS A 296 11.26 -4.02 -17.98
C CYS A 296 11.66 -3.78 -16.52
N PRO A 297 12.92 -3.39 -16.25
CA PRO A 297 13.29 -2.98 -14.89
C PRO A 297 12.47 -1.82 -14.36
N ARG A 298 12.42 -1.74 -13.02
CA ARG A 298 11.62 -0.75 -12.32
C ARG A 298 12.26 0.63 -12.47
N TYR A 299 11.43 1.65 -12.70
CA TYR A 299 11.95 2.99 -12.88
C TYR A 299 12.23 3.65 -11.53
N VAL A 300 13.43 4.24 -11.41
CA VAL A 300 13.84 4.98 -10.22
C VAL A 300 14.31 6.35 -10.68
N LYS A 301 14.35 7.28 -9.72
CA LYS A 301 14.74 8.66 -9.99
C LYS A 301 16.24 8.92 -9.89
N GLN A 302 16.97 8.11 -9.12
CA GLN A 302 18.38 8.37 -8.90
C GLN A 302 19.17 8.20 -10.19
N ARG A 303 20.12 9.13 -10.41
CA ARG A 303 20.98 9.04 -11.59
C ARG A 303 21.79 7.76 -11.58
N SER A 304 22.31 7.38 -10.42
CA SER A 304 23.03 6.13 -10.28
C SER A 304 22.93 5.65 -8.84
N LEU A 305 23.06 4.34 -8.69
CA LEU A 305 23.13 3.71 -7.38
C LEU A 305 24.18 2.62 -7.53
N LEU A 306 25.19 2.66 -6.67
CA LEU A 306 26.25 1.68 -6.70
C LEU A 306 26.02 0.70 -5.56
N LEU A 307 25.83 -0.57 -5.91
CA LEU A 307 25.62 -1.65 -4.96
C LEU A 307 26.94 -2.39 -4.90
N ALA A 308 27.52 -2.44 -3.71
CA ALA A 308 28.82 -3.04 -3.54
C ALA A 308 28.79 -4.52 -3.90
N THR A 309 29.86 -4.97 -4.53
CA THR A 309 30.06 -6.36 -4.92
C THR A 309 31.25 -6.91 -4.12
N GLY A 310 31.62 -6.20 -3.06
CA GLY A 310 32.69 -6.60 -2.18
C GLY A 310 32.69 -5.66 -0.99
N MET A 311 33.62 -5.91 -0.09
CA MET A 311 33.74 -5.20 1.16
C MET A 311 34.42 -3.83 1.03
N LYS A 312 34.31 -3.08 2.12
CA LYS A 312 34.91 -1.75 2.23
C LYS A 312 36.41 -1.74 2.00
N ASN A 313 36.85 -0.74 1.23
CA ASN A 313 38.23 -0.56 0.80
C ASN A 313 39.07 0.16 1.87
N VAL A 314 39.42 -0.58 2.91
CA VAL A 314 40.27 0.01 3.94
C VAL A 314 41.64 0.18 3.29
N PRO A 315 42.16 1.40 3.14
CA PRO A 315 43.40 1.57 2.37
C PRO A 315 44.61 0.98 3.08
N GLU A 316 45.62 0.64 2.27
CA GLU A 316 46.88 0.16 2.78
C GLU A 316 47.75 1.33 3.23
N ILE A 317 48.65 1.06 4.17
CA ILE A 317 49.57 2.06 4.71
C ILE A 317 50.97 1.84 4.16
N ALA B 9 54.91 -3.53 9.25
CA ALA B 9 55.39 -4.28 8.10
C ALA B 9 54.42 -5.41 7.76
N ILE B 10 54.01 -6.17 8.77
CA ILE B 10 52.97 -7.19 8.63
C ILE B 10 51.66 -6.52 9.02
N ALA B 11 50.98 -5.94 8.04
CA ALA B 11 49.76 -5.20 8.29
C ALA B 11 48.62 -6.16 8.63
N GLY B 12 47.60 -5.62 9.29
CA GLY B 12 46.43 -6.40 9.65
C GLY B 12 45.16 -5.68 9.24
N PHE B 13 44.09 -6.49 9.08
CA PHE B 13 42.79 -5.95 8.69
C PHE B 13 42.25 -4.93 9.68
N ILE B 14 42.63 -5.04 10.96
CA ILE B 14 42.09 -4.13 11.95
C ILE B 14 42.50 -2.70 11.64
N GLU B 15 43.76 -2.51 11.23
CA GLU B 15 44.27 -1.19 10.85
C GLU B 15 44.26 -0.92 9.35
N ASN B 16 44.71 -1.87 8.52
CA ASN B 16 44.89 -1.57 7.10
C ASN B 16 44.59 -2.80 6.24
N GLY B 17 44.14 -2.54 5.02
CA GLY B 17 43.97 -3.59 4.04
C GLY B 17 45.30 -3.90 3.36
N TRP B 18 45.26 -4.89 2.47
CA TRP B 18 46.45 -5.33 1.74
C TRP B 18 46.25 -5.10 0.24
N GLU B 19 47.29 -4.62 -0.41
CA GLU B 19 47.33 -4.48 -1.85
C GLU B 19 48.03 -5.65 -2.54
N GLY B 20 48.56 -6.60 -1.77
CA GLY B 20 49.28 -7.75 -2.28
C GLY B 20 48.47 -8.98 -2.59
N LEU B 21 47.17 -8.99 -2.29
CA LEU B 21 46.33 -10.16 -2.52
C LEU B 21 45.65 -10.05 -3.88
N ILE B 22 46.20 -10.78 -4.84
CA ILE B 22 45.66 -10.84 -6.20
C ILE B 22 45.06 -12.20 -6.52
N ASP B 23 45.19 -13.19 -5.63
CA ASP B 23 44.67 -14.53 -5.81
C ASP B 23 43.39 -14.77 -5.03
N GLY B 24 42.77 -13.73 -4.49
CA GLY B 24 41.58 -13.90 -3.68
C GLY B 24 41.28 -12.64 -2.89
N TRP B 25 40.32 -12.76 -1.99
CA TRP B 25 39.85 -11.64 -1.17
C TRP B 25 40.43 -11.67 0.24
N TYR B 26 40.57 -12.85 0.80
CA TYR B 26 41.02 -13.03 2.17
C TYR B 26 42.29 -13.86 2.15
N GLY B 27 43.16 -13.63 3.12
CA GLY B 27 44.38 -14.40 3.12
C GLY B 27 45.22 -14.16 4.35
N PHE B 28 46.40 -14.76 4.33
CA PHE B 28 47.35 -14.75 5.42
C PHE B 28 48.65 -14.13 4.95
N ARG B 29 49.35 -13.50 5.91
CA ARG B 29 50.71 -13.04 5.71
C ARG B 29 51.58 -13.74 6.74
N HIS B 30 52.82 -14.03 6.35
CA HIS B 30 53.74 -14.82 7.16
C HIS B 30 55.07 -14.09 7.24
N GLN B 31 55.68 -14.20 8.42
CA GLN B 31 57.04 -13.72 8.68
C GLN B 31 57.75 -14.77 9.52
N ASN B 32 58.86 -15.29 9.00
CA ASN B 32 59.62 -16.31 9.69
C ASN B 32 61.08 -16.20 9.28
N ALA B 33 61.91 -17.15 9.73
CA ALA B 33 63.33 -17.09 9.47
C ALA B 33 63.72 -17.53 8.07
N GLN B 34 62.81 -18.20 7.34
CA GLN B 34 63.07 -18.65 5.98
C GLN B 34 62.54 -17.68 4.93
N GLY B 35 61.47 -16.96 5.23
CA GLY B 35 60.95 -16.01 4.26
C GLY B 35 59.75 -15.28 4.80
N GLU B 36 59.25 -14.36 3.98
CA GLU B 36 58.09 -13.53 4.28
C GLU B 36 57.21 -13.50 3.05
N GLY B 37 55.91 -13.30 3.24
CA GLY B 37 55.03 -13.24 2.09
C GLY B 37 53.59 -13.53 2.45
N THR B 38 52.78 -13.70 1.39
CA THR B 38 51.34 -13.85 1.52
C THR B 38 50.85 -15.12 0.84
N ALA B 39 49.60 -15.46 1.18
CA ALA B 39 48.87 -16.52 0.52
C ALA B 39 47.37 -16.22 0.66
N ALA B 40 46.59 -16.64 -0.33
CA ALA B 40 45.15 -16.44 -0.28
C ALA B 40 44.46 -17.63 0.37
N ASP B 41 43.31 -17.35 0.99
CA ASP B 41 42.44 -18.38 1.57
C ASP B 41 41.36 -18.68 0.54
N TYR B 42 41.52 -19.79 -0.19
CA TYR B 42 40.57 -20.14 -1.25
C TYR B 42 39.16 -20.33 -0.72
N LYS B 43 39.02 -21.08 0.38
CA LYS B 43 37.69 -21.44 0.88
C LYS B 43 36.91 -20.22 1.37
N SER B 44 37.57 -19.30 2.08
CA SER B 44 36.88 -18.11 2.55
C SER B 44 36.46 -17.21 1.39
N THR B 45 37.35 -17.04 0.41
CA THR B 45 37.02 -16.25 -0.77
C THR B 45 35.84 -16.84 -1.50
N GLN B 46 35.86 -18.16 -1.72
CA GLN B 46 34.78 -18.77 -2.49
C GLN B 46 33.46 -18.70 -1.73
N SER B 47 33.50 -18.86 -0.41
CA SER B 47 32.26 -18.74 0.36
C SER B 47 31.68 -17.33 0.28
N ALA B 48 32.53 -16.31 0.48
CA ALA B 48 32.04 -14.94 0.42
C ALA B 48 31.54 -14.59 -0.98
N ILE B 49 32.24 -15.05 -2.01
CA ILE B 49 31.82 -14.80 -3.38
C ILE B 49 30.50 -15.51 -3.67
N ASP B 50 30.34 -16.75 -3.22
CA ASP B 50 29.08 -17.46 -3.45
C ASP B 50 27.91 -16.76 -2.78
N GLN B 51 28.11 -16.23 -1.57
CA GLN B 51 27.01 -15.51 -0.93
C GLN B 51 26.70 -14.21 -1.66
N ILE B 52 27.73 -13.46 -2.07
CA ILE B 52 27.45 -12.21 -2.78
C ILE B 52 26.84 -12.47 -4.16
N THR B 53 27.33 -13.49 -4.88
CA THR B 53 26.73 -13.80 -6.18
C THR B 53 25.29 -14.25 -6.02
N GLY B 54 24.98 -15.05 -4.99
CA GLY B 54 23.59 -15.40 -4.74
C GLY B 54 22.74 -14.19 -4.42
N LYS B 55 23.31 -13.22 -3.69
CA LYS B 55 22.61 -11.97 -3.43
C LYS B 55 22.29 -11.25 -4.73
N LEU B 56 23.27 -11.19 -5.63
CA LEU B 56 23.04 -10.56 -6.92
C LEU B 56 22.00 -11.33 -7.72
N ASN B 57 22.04 -12.67 -7.64
CA ASN B 57 21.08 -13.50 -8.36
C ASN B 57 19.67 -13.23 -7.88
N ARG B 58 19.52 -12.89 -6.61
CA ARG B 58 18.21 -12.48 -6.12
C ARG B 58 17.85 -11.11 -6.67
N LEU B 59 18.79 -10.17 -6.59
CA LEU B 59 18.49 -8.80 -6.99
C LEU B 59 18.26 -8.69 -8.50
N ILE B 60 19.03 -9.44 -9.29
CA ILE B 60 18.98 -9.30 -10.75
C ILE B 60 17.87 -10.16 -11.36
N GLU B 61 17.06 -10.81 -10.53
CA GLU B 61 15.98 -11.66 -11.02
C GLU B 61 15.02 -10.87 -11.90
N LYS B 62 14.73 -11.41 -13.08
CA LYS B 62 13.84 -10.77 -14.03
C LYS B 62 12.40 -10.88 -13.57
N THR B 63 11.63 -9.80 -13.77
CA THR B 63 10.21 -9.81 -13.49
C THR B 63 9.45 -10.38 -14.67
N ASN B 64 8.38 -11.11 -14.38
CA ASN B 64 7.53 -11.74 -15.39
C ASN B 64 6.24 -10.95 -15.65
N GLN B 65 6.10 -9.75 -15.09
CA GLN B 65 4.89 -8.96 -15.27
C GLN B 65 5.01 -8.12 -16.53
N GLN B 66 4.08 -8.32 -17.46
CA GLN B 66 4.03 -7.59 -18.71
C GLN B 66 3.21 -6.32 -18.48
N PHE B 67 3.81 -5.16 -18.78
CA PHE B 67 3.13 -3.87 -18.67
C PHE B 67 2.83 -3.32 -20.05
N GLU B 68 1.65 -2.73 -20.18
CA GLU B 68 1.17 -2.10 -21.41
C GLU B 68 1.16 -0.60 -21.24
N LEU B 69 1.12 0.12 -22.37
CA LEU B 69 0.96 1.56 -22.32
C LEU B 69 -0.43 1.93 -21.81
N ILE B 70 -0.47 2.91 -20.91
CA ILE B 70 -1.71 3.53 -20.47
C ILE B 70 -1.66 5.04 -20.68
N ASP B 71 -0.67 5.50 -21.43
CA ASP B 71 -0.55 6.95 -21.72
C ASP B 71 -0.42 7.11 -23.24
N ASN B 72 0.01 8.28 -23.68
CA ASN B 72 0.17 8.52 -25.11
C ASN B 72 1.13 9.68 -25.32
N GLU B 73 2.20 9.43 -26.07
CA GLU B 73 3.19 10.45 -26.37
C GLU B 73 2.79 11.32 -27.54
N PHE B 74 2.07 10.76 -28.51
CA PHE B 74 1.80 11.46 -29.76
C PHE B 74 0.60 12.38 -29.61
N THR B 75 -0.41 11.93 -28.88
CA THR B 75 -1.60 12.70 -28.56
C THR B 75 -1.73 12.68 -27.04
N GLU B 76 -2.54 13.58 -26.51
CA GLU B 76 -2.74 13.65 -25.07
C GLU B 76 -4.03 12.96 -24.66
N VAL B 77 -4.01 12.38 -23.47
CA VAL B 77 -5.19 11.79 -22.85
C VAL B 77 -5.95 12.88 -22.11
N GLU B 78 -7.19 12.59 -21.73
CA GLU B 78 -8.00 13.55 -21.00
C GLU B 78 -7.25 14.01 -19.74
N LYS B 79 -7.35 15.30 -19.45
CA LYS B 79 -6.53 15.90 -18.41
C LYS B 79 -6.79 15.30 -17.04
N GLN B 80 -8.04 14.95 -16.71
CA GLN B 80 -8.28 14.38 -15.38
C GLN B 80 -7.68 12.98 -15.27
N ILE B 81 -7.94 12.11 -16.24
CA ILE B 81 -7.33 10.79 -16.18
C ILE B 81 -5.84 10.90 -16.41
N GLY B 82 -5.40 11.87 -17.21
CA GLY B 82 -3.98 12.09 -17.40
C GLY B 82 -3.28 12.42 -16.09
N ASN B 83 -3.85 13.35 -15.32
CA ASN B 83 -3.24 13.73 -14.05
C ASN B 83 -3.34 12.60 -13.04
N VAL B 84 -4.40 11.80 -13.08
CA VAL B 84 -4.49 10.66 -12.18
C VAL B 84 -3.39 9.65 -12.52
N ILE B 85 -3.17 9.40 -13.81
CA ILE B 85 -2.10 8.50 -14.22
C ILE B 85 -0.74 9.07 -13.84
N ASN B 86 -0.52 10.37 -14.04
CA ASN B 86 0.74 10.99 -13.67
C ASN B 86 1.00 10.88 -12.17
N TRP B 87 -0.03 11.15 -11.37
CA TRP B 87 0.12 11.05 -9.92
C TRP B 87 0.40 9.62 -9.49
N THR B 88 -0.35 8.66 -10.04
CA THR B 88 -0.13 7.27 -9.67
C THR B 88 1.26 6.82 -10.08
N ARG B 89 1.69 7.16 -11.29
CA ARG B 89 3.02 6.78 -11.74
C ARG B 89 4.10 7.45 -10.90
N ASP B 90 3.91 8.71 -10.53
CA ASP B 90 4.91 9.39 -9.70
C ASP B 90 4.94 8.84 -8.28
N SER B 91 3.78 8.45 -7.73
CA SER B 91 3.76 7.84 -6.40
C SER B 91 4.42 6.47 -6.44
N ILE B 92 4.17 5.71 -7.49
CA ILE B 92 4.82 4.41 -7.65
C ILE B 92 6.32 4.61 -7.85
N THR B 93 6.70 5.63 -8.61
CA THR B 93 8.12 5.95 -8.79
C THR B 93 8.77 6.34 -7.47
N GLU B 94 8.08 7.11 -6.63
CA GLU B 94 8.61 7.42 -5.32
C GLU B 94 8.75 6.16 -4.47
N VAL B 95 7.79 5.24 -4.59
CA VAL B 95 7.88 3.99 -3.86
C VAL B 95 9.08 3.19 -4.33
N TRP B 96 9.27 3.09 -5.64
CA TRP B 96 10.40 2.33 -6.17
C TRP B 96 11.73 3.02 -5.92
N SER B 97 11.75 4.35 -5.86
CA SER B 97 12.99 5.04 -5.53
C SER B 97 13.34 4.81 -4.08
N TYR B 98 12.33 4.83 -3.21
CA TYR B 98 12.56 4.51 -1.80
C TYR B 98 13.05 3.08 -1.65
N ASN B 99 12.38 2.13 -2.30
CA ASN B 99 12.81 0.74 -2.22
C ASN B 99 14.19 0.56 -2.83
N ALA B 100 14.51 1.26 -3.90
CA ALA B 100 15.82 1.12 -4.51
C ALA B 100 16.92 1.66 -3.60
N GLU B 101 16.68 2.80 -2.95
CA GLU B 101 17.71 3.36 -2.08
C GLU B 101 17.82 2.55 -0.79
N LEU B 102 16.70 2.10 -0.26
CA LEU B 102 16.73 1.25 0.93
C LEU B 102 17.39 -0.08 0.62
N LEU B 103 17.09 -0.65 -0.54
CA LEU B 103 17.66 -1.93 -0.93
C LEU B 103 19.16 -1.82 -1.15
N VAL B 104 19.60 -0.79 -1.86
CA VAL B 104 21.05 -0.62 -2.09
C VAL B 104 21.75 -0.32 -0.77
N ALA B 105 21.16 0.52 0.07
CA ALA B 105 21.79 0.84 1.36
C ALA B 105 21.86 -0.39 2.25
N MET B 106 20.81 -1.20 2.28
CA MET B 106 20.81 -2.39 3.12
C MET B 106 21.68 -3.48 2.55
N GLU B 107 21.76 -3.62 1.24
CA GLU B 107 22.65 -4.61 0.66
C GLU B 107 24.10 -4.19 0.79
N ASN B 108 24.39 -2.89 0.74
CA ASN B 108 25.77 -2.46 0.95
C ASN B 108 26.17 -2.62 2.41
N GLN B 109 25.26 -2.30 3.34
CA GLN B 109 25.55 -2.50 4.75
C GLN B 109 25.68 -3.98 5.07
N HIS B 110 24.80 -4.81 4.48
CA HIS B 110 24.87 -6.24 4.72
C HIS B 110 26.09 -6.84 4.06
N THR B 111 26.47 -6.36 2.89
CA THR B 111 27.65 -6.89 2.19
C THR B 111 28.91 -6.57 2.96
N ILE B 112 29.05 -5.34 3.46
CA ILE B 112 30.24 -4.99 4.22
C ILE B 112 30.25 -5.72 5.55
N ASP B 113 29.12 -5.72 6.25
CA ASP B 113 29.06 -6.43 7.52
C ASP B 113 29.23 -7.93 7.33
N LEU B 114 28.75 -8.49 6.23
CA LEU B 114 28.88 -9.91 5.95
C LEU B 114 30.34 -10.28 5.71
N ALA B 115 31.01 -9.51 4.85
CA ALA B 115 32.41 -9.82 4.58
C ALA B 115 33.27 -9.62 5.81
N ASP B 116 32.98 -8.61 6.63
CA ASP B 116 33.77 -8.44 7.85
C ASP B 116 33.41 -9.52 8.87
N SER B 117 32.15 -9.98 8.88
CA SER B 117 31.78 -11.09 9.73
C SER B 117 32.51 -12.35 9.29
N GLU B 118 32.58 -12.59 7.98
CA GLU B 118 33.30 -13.76 7.48
C GLU B 118 34.78 -13.68 7.82
N MET B 119 35.33 -12.46 7.82
CA MET B 119 36.71 -12.31 8.26
C MET B 119 36.81 -12.66 9.74
N ASP B 120 35.83 -12.26 10.53
CA ASP B 120 35.81 -12.65 11.94
C ASP B 120 35.67 -14.16 12.11
N LYS B 121 34.83 -14.80 11.28
CA LYS B 121 34.66 -16.25 11.39
C LYS B 121 35.97 -16.97 11.12
N LEU B 122 36.69 -16.56 10.07
CA LEU B 122 38.00 -17.15 9.81
C LEU B 122 38.98 -16.81 10.93
N TYR B 123 38.95 -15.57 11.42
CA TYR B 123 39.84 -15.16 12.50
C TYR B 123 39.62 -15.99 13.74
N GLU B 124 38.35 -16.19 14.10
CA GLU B 124 38.03 -17.02 15.25
C GLU B 124 38.44 -18.46 14.98
N ARG B 125 38.27 -18.93 13.74
CA ARG B 125 38.72 -20.28 13.42
C ARG B 125 40.21 -20.43 13.66
N VAL B 126 41.01 -19.46 13.25
CA VAL B 126 42.45 -19.51 13.46
C VAL B 126 42.78 -19.44 14.95
N LYS B 127 42.09 -18.56 15.69
CA LYS B 127 42.32 -18.45 17.13
C LYS B 127 41.96 -19.74 17.84
N ARG B 128 40.85 -20.35 17.46
CA ARG B 128 40.38 -21.61 18.01
C ARG B 128 41.33 -22.75 17.65
N GLN B 129 41.90 -22.70 16.45
CA GLN B 129 42.86 -23.73 16.03
C GLN B 129 44.14 -23.62 16.83
N LEU B 130 44.61 -22.39 17.10
CA LEU B 130 45.85 -22.17 17.82
C LEU B 130 45.71 -22.31 19.33
N ARG B 131 44.54 -21.99 19.88
CA ARG B 131 44.27 -22.04 21.32
C ARG B 131 45.33 -21.27 22.11
N GLU B 132 46.08 -21.94 22.99
CA GLU B 132 47.02 -21.32 23.90
C GLU B 132 48.35 -21.01 23.22
N ASN B 133 48.49 -21.33 21.93
CA ASN B 133 49.73 -21.11 21.21
C ASN B 133 49.90 -19.74 20.57
N ALA B 134 48.92 -18.86 20.66
CA ALA B 134 49.04 -17.57 20.01
C ALA B 134 48.25 -16.54 20.80
N GLU B 135 48.62 -15.28 20.63
CA GLU B 135 47.95 -14.18 21.29
C GLU B 135 47.58 -13.11 20.29
N GLU B 136 46.38 -12.58 20.44
CA GLU B 136 45.94 -11.49 19.59
C GLU B 136 46.54 -10.19 20.12
N ASP B 137 47.15 -9.41 19.22
CA ASP B 137 47.78 -8.15 19.60
C ASP B 137 46.96 -6.92 19.25
N GLY B 138 45.74 -7.10 18.74
CA GLY B 138 44.86 -6.00 18.45
C GLY B 138 45.04 -5.31 17.12
N THR B 139 46.03 -5.72 16.31
CA THR B 139 46.23 -5.17 14.98
C THR B 139 45.73 -6.10 13.90
N GLY B 140 45.21 -7.29 14.25
CA GLY B 140 44.80 -8.31 13.31
C GLY B 140 45.83 -9.40 13.15
N CYS B 141 46.94 -9.31 13.87
CA CYS B 141 48.04 -10.27 13.85
C CYS B 141 47.84 -11.26 15.00
N PHE B 142 48.39 -12.45 14.83
CA PHE B 142 48.54 -13.40 15.91
C PHE B 142 50.03 -13.52 16.19
N GLU B 143 50.42 -13.21 17.42
CA GLU B 143 51.81 -13.41 17.80
C GLU B 143 51.89 -14.87 18.23
N ILE B 144 52.75 -15.62 17.56
CA ILE B 144 52.88 -17.06 17.72
C ILE B 144 54.19 -17.37 18.41
N PHE B 145 54.10 -18.17 19.47
CA PHE B 145 55.25 -18.54 20.27
C PHE B 145 55.80 -19.92 19.92
N HIS B 146 55.26 -20.57 18.88
CA HIS B 146 55.77 -21.86 18.36
C HIS B 146 56.50 -21.61 17.04
N LYS B 147 57.82 -21.61 17.09
CA LYS B 147 58.60 -21.29 15.90
C LYS B 147 58.36 -22.34 14.82
N CYS B 148 57.98 -21.85 13.64
CA CYS B 148 57.76 -22.66 12.44
C CYS B 148 58.06 -21.80 11.23
N ASP B 149 58.90 -22.31 10.32
CA ASP B 149 59.24 -21.57 9.11
C ASP B 149 58.48 -22.03 7.87
N ASP B 150 58.06 -23.31 7.79
CA ASP B 150 57.48 -23.83 6.54
C ASP B 150 56.12 -24.54 6.66
N ASP B 151 56.10 -25.77 7.19
CA ASP B 151 54.88 -26.59 7.15
C ASP B 151 53.73 -25.98 7.94
N CYS B 152 54.03 -25.22 8.99
CA CYS B 152 52.96 -24.68 9.82
C CYS B 152 52.16 -23.62 9.08
N MET B 153 52.74 -22.99 8.07
CA MET B 153 52.02 -21.92 7.40
C MET B 153 50.88 -22.50 6.57
N ALA B 154 51.17 -23.56 5.82
CA ALA B 154 50.12 -24.25 5.07
C ALA B 154 49.16 -24.96 6.02
N SER B 155 49.68 -25.51 7.13
CA SER B 155 48.81 -26.24 8.04
C SER B 155 47.81 -25.31 8.72
N ILE B 156 48.26 -24.11 9.10
CA ILE B 156 47.36 -23.12 9.70
C ILE B 156 46.38 -22.60 8.65
N ARG B 157 46.85 -22.36 7.42
CA ARG B 157 45.91 -21.96 6.37
C ARG B 157 44.84 -23.02 6.16
N ASN B 158 45.20 -24.29 6.24
CA ASN B 158 44.24 -25.37 6.20
C ASN B 158 43.69 -25.62 7.59
N ASN B 159 42.81 -26.61 7.71
CA ASN B 159 42.31 -27.06 9.00
C ASN B 159 43.13 -28.22 9.55
N THR B 160 44.13 -28.69 8.81
CA THR B 160 44.93 -29.86 9.18
C THR B 160 46.16 -29.43 9.99
N TYR B 161 45.90 -28.78 11.11
CA TYR B 161 46.92 -28.33 12.04
C TYR B 161 46.66 -28.99 13.39
N ASP B 162 47.67 -29.68 13.90
CA ASP B 162 47.59 -30.41 15.18
C ASP B 162 48.39 -29.64 16.22
N HIS B 163 47.71 -28.67 16.86
CA HIS B 163 48.35 -27.74 17.79
C HIS B 163 48.99 -28.44 18.99
N SER B 164 48.64 -29.68 19.22
CA SER B 164 49.15 -30.25 20.49
C SER B 164 50.67 -30.48 20.44
N LYS B 165 51.27 -30.78 19.30
CA LYS B 165 52.71 -31.15 19.31
C LYS B 165 53.49 -29.95 19.81
N TYR B 166 53.14 -28.78 19.31
CA TYR B 166 53.91 -27.58 19.66
C TYR B 166 53.39 -26.93 20.94
N ARG B 167 52.20 -27.33 21.40
CA ARG B 167 51.57 -26.73 22.60
C ARG B 167 52.65 -26.45 23.65
N GLU B 168 53.47 -27.46 23.99
CA GLU B 168 54.46 -27.21 25.05
C GLU B 168 55.18 -25.95 24.61
N GLU B 169 55.42 -25.81 23.31
CA GLU B 169 56.20 -24.67 22.76
C GLU B 169 55.49 -23.37 23.07
N ALA B 170 54.16 -23.36 23.03
CA ALA B 170 53.48 -22.07 23.19
C ALA B 170 53.12 -21.78 24.66
N MET B 171 53.67 -22.57 25.59
CA MET B 171 53.49 -22.13 26.97
C MET B 171 54.85 -21.76 27.52
N GLN B 172 55.87 -22.60 27.29
CA GLN B 172 57.19 -22.30 27.84
C GLN B 172 57.61 -20.91 27.38
N ASN B 173 57.51 -20.67 26.07
CA ASN B 173 58.01 -19.43 25.48
C ASN B 173 57.23 -18.19 25.92
N ARG B 174 55.94 -18.29 26.22
CA ARG B 174 55.15 -17.10 26.56
C ARG B 174 54.96 -16.89 28.06
N ILE B 175 55.61 -17.67 28.92
CA ILE B 175 55.49 -17.52 30.36
C ILE B 175 56.88 -17.30 30.95
N ASP C 1 43.11 -1.67 39.68
CA ASP C 1 42.73 -3.05 40.08
C ASP C 1 41.61 -3.60 39.19
N LYS C 2 40.51 -2.87 39.11
CA LYS C 2 39.36 -3.23 38.28
C LYS C 2 39.07 -2.09 37.30
N ILE C 3 39.05 -2.44 36.01
CA ILE C 3 38.67 -1.50 34.95
C ILE C 3 37.32 -1.96 34.43
N CYS C 4 36.35 -1.05 34.41
CA CYS C 4 34.98 -1.35 34.05
C CYS C 4 34.59 -0.60 32.79
N LEU C 5 33.83 -1.28 31.95
CA LEU C 5 33.24 -0.71 30.74
C LEU C 5 31.73 -0.72 30.86
N GLY C 6 31.10 0.33 30.37
CA GLY C 6 29.66 0.43 30.45
C GLY C 6 29.19 1.59 29.61
N HIS C 7 27.89 1.86 29.69
CA HIS C 7 27.30 2.89 28.86
C HIS C 7 26.27 3.69 29.64
N HIS C 8 26.03 4.91 29.16
CA HIS C 8 25.10 5.81 29.79
C HIS C 8 23.67 5.30 29.66
N ALA C 9 22.96 5.29 30.77
CA ALA C 9 21.56 4.89 30.85
C ALA C 9 20.80 5.95 31.62
N VAL C 10 19.49 5.98 31.41
CA VAL C 10 18.61 6.92 32.10
C VAL C 10 17.57 6.10 32.86
N SER C 11 17.10 6.66 33.97
CA SER C 11 16.15 5.97 34.82
C SER C 11 14.73 5.97 34.26
N ASN C 12 14.40 6.86 33.32
CA ASN C 12 13.03 6.97 32.82
C ASN C 12 13.16 7.10 31.30
N GLY C 13 13.16 5.95 30.62
CA GLY C 13 13.46 5.89 29.21
C GLY C 13 12.24 6.05 28.34
N THR C 14 12.44 5.85 27.03
CA THR C 14 11.38 6.00 26.03
C THR C 14 11.21 4.71 25.25
N LYS C 15 9.95 4.33 25.01
CA LYS C 15 9.62 3.08 24.34
C LYS C 15 9.62 3.26 22.83
N VAL C 16 10.28 2.33 22.13
CA VAL C 16 10.33 2.26 20.67
C VAL C 16 10.00 0.83 20.28
N ASN C 17 9.64 0.64 19.01
CA ASN C 17 9.41 -0.70 18.47
C ASN C 17 10.62 -1.19 17.70
N THR C 18 10.79 -2.51 17.66
CA THR C 18 11.81 -3.21 16.88
C THR C 18 11.15 -4.30 16.05
N LEU C 19 11.93 -4.96 15.20
CA LEU C 19 11.37 -6.05 14.42
C LEU C 19 10.95 -7.22 15.30
N THR C 20 11.69 -7.47 16.37
CA THR C 20 11.47 -8.65 17.22
C THR C 20 10.60 -8.39 18.43
N GLU C 21 10.71 -7.23 19.08
CA GLU C 21 9.93 -6.95 20.28
C GLU C 21 9.38 -5.54 20.25
N ARG C 22 8.15 -5.39 20.76
CA ARG C 22 7.50 -4.11 20.91
C ARG C 22 7.77 -3.56 22.31
N GLY C 23 7.79 -2.24 22.42
CA GLY C 23 7.95 -1.61 23.72
C GLY C 23 9.35 -1.70 24.29
N VAL C 24 10.36 -1.70 23.45
CA VAL C 24 11.74 -1.76 23.89
C VAL C 24 12.13 -0.39 24.39
N GLU C 25 12.74 -0.32 25.58
CA GLU C 25 13.09 0.96 26.18
C GLU C 25 14.49 1.36 25.76
N VAL C 26 14.62 2.59 25.26
CA VAL C 26 15.89 3.15 24.83
C VAL C 26 16.10 4.47 25.58
N VAL C 27 17.36 4.89 25.64
CA VAL C 27 17.73 6.09 26.37
C VAL C 27 17.11 7.34 25.74
N ASN C 28 17.14 7.43 24.41
CA ASN C 28 16.63 8.59 23.70
C ASN C 28 15.99 8.15 22.41
N ALA C 29 14.99 8.91 21.97
CA ALA C 29 14.29 8.61 20.73
C ALA C 29 13.63 9.89 20.24
N THR C 30 13.40 9.95 18.94
CA THR C 30 12.70 11.07 18.32
C THR C 30 11.54 10.52 17.49
N GLU C 31 10.67 11.41 17.03
CA GLU C 31 9.57 11.00 16.18
C GLU C 31 9.97 11.06 14.71
N THR C 32 9.38 10.14 13.94
CA THR C 32 9.48 10.16 12.49
C THR C 32 8.16 10.52 11.82
N VAL C 33 7.07 10.64 12.59
CA VAL C 33 5.75 10.98 12.08
C VAL C 33 5.35 12.31 12.70
N GLU C 34 5.18 13.32 11.85
CA GLU C 34 4.77 14.64 12.31
C GLU C 34 3.27 14.67 12.53
N ARG C 35 2.85 15.13 13.71
CA ARG C 35 1.43 15.33 14.01
C ARG C 35 1.05 16.78 14.25
N THR C 36 2.02 17.70 14.31
CA THR C 36 1.75 19.09 14.65
C THR C 36 1.88 19.98 13.43
N ASN C 37 0.81 20.69 13.11
CA ASN C 37 0.75 21.66 12.03
C ASN C 37 0.76 23.06 12.63
N ILE C 38 1.03 24.05 11.78
CA ILE C 38 0.87 25.46 12.15
C ILE C 38 -0.47 25.92 11.57
N PRO C 39 -1.39 26.47 12.37
CA PRO C 39 -2.74 26.75 11.84
C PRO C 39 -2.82 27.70 10.66
N ARG C 40 -1.80 28.47 10.34
CA ARG C 40 -1.89 29.47 9.29
C ARG C 40 -1.14 29.05 8.04
N ILE C 41 -1.54 29.62 6.90
CA ILE C 41 -0.87 29.35 5.63
C ILE C 41 0.27 30.36 5.52
N CYS C 42 1.48 29.90 5.82
CA CYS C 42 2.64 30.76 5.95
C CYS C 42 3.40 30.71 4.61
N SER C 43 3.20 31.75 3.80
CA SER C 43 3.70 31.79 2.42
C SER C 43 4.58 33.02 2.25
N LYS C 44 5.89 32.80 2.08
CA LYS C 44 6.86 33.86 1.86
C LYS C 44 7.77 33.43 0.73
N GLY C 45 8.14 34.38 -0.12
CA GLY C 45 8.98 34.08 -1.25
C GLY C 45 8.23 33.52 -2.44
N LYS C 46 6.90 33.38 -2.33
CA LYS C 46 6.04 32.82 -3.35
C LYS C 46 4.88 33.79 -3.52
N ARG C 47 4.65 34.26 -4.74
CA ARG C 47 3.53 35.16 -4.96
C ARG C 47 2.23 34.40 -4.70
N THR C 48 1.40 34.96 -3.83
CA THR C 48 0.17 34.30 -3.39
C THR C 48 -1.00 35.23 -3.62
N VAL C 49 -2.05 34.71 -4.26
CA VAL C 49 -3.30 35.42 -4.46
C VAL C 49 -4.27 34.79 -3.48
N ASP C 50 -4.68 35.56 -2.47
CA ASP C 50 -5.55 35.06 -1.40
C ASP C 50 -7.00 35.22 -1.83
N LEU C 51 -7.53 34.25 -2.56
CA LEU C 51 -8.89 34.36 -3.05
C LEU C 51 -9.86 34.26 -1.87
N GLY C 52 -10.97 34.99 -1.97
CA GLY C 52 -11.98 35.00 -0.94
C GLY C 52 -13.20 34.20 -1.34
N GLN C 53 -14.26 34.88 -1.74
CA GLN C 53 -15.47 34.18 -2.17
C GLN C 53 -15.39 33.67 -3.60
N CYS C 54 -14.28 33.91 -4.28
CA CYS C 54 -14.04 33.44 -5.64
C CYS C 54 -13.13 32.21 -5.65
N GLY C 55 -13.59 31.15 -6.29
CA GLY C 55 -12.75 29.97 -6.44
C GLY C 55 -11.81 30.17 -7.61
N LEU C 56 -10.98 29.16 -7.85
CA LEU C 56 -10.01 29.27 -8.94
C LEU C 56 -10.68 29.18 -10.29
N LEU C 57 -11.67 28.31 -10.42
CA LEU C 57 -12.34 28.15 -11.70
C LEU C 57 -13.02 29.43 -12.13
N GLY C 58 -13.59 30.16 -11.16
CA GLY C 58 -14.23 31.42 -11.48
C GLY C 58 -13.28 32.50 -12.00
N THR C 59 -11.98 32.35 -11.80
CA THR C 59 -11.06 33.37 -12.28
C THR C 59 -10.96 33.41 -13.80
N ILE C 60 -11.51 32.40 -14.48
CA ILE C 60 -11.58 32.42 -15.93
C ILE C 60 -12.73 33.30 -16.39
N THR C 61 -13.87 33.21 -15.72
CA THR C 61 -15.07 33.90 -16.16
C THR C 61 -15.21 35.30 -15.56
N GLY C 62 -14.63 35.54 -14.39
CA GLY C 62 -14.64 36.87 -13.81
C GLY C 62 -15.91 37.27 -13.08
N PRO C 63 -16.30 36.52 -12.05
CA PRO C 63 -17.46 36.91 -11.24
C PRO C 63 -17.13 38.10 -10.36
N PRO C 64 -18.14 38.83 -9.86
CA PRO C 64 -17.85 40.02 -9.05
C PRO C 64 -17.10 39.75 -7.76
N GLN C 65 -17.03 38.51 -7.29
CA GLN C 65 -16.25 38.25 -6.08
C GLN C 65 -14.76 38.46 -6.31
N CYS C 66 -14.28 38.42 -7.55
CA CYS C 66 -12.84 38.53 -7.84
C CYS C 66 -12.59 39.32 -9.12
N ASP C 67 -13.22 40.49 -9.20
CA ASP C 67 -12.95 41.37 -10.34
C ASP C 67 -11.50 41.81 -10.33
N GLN C 68 -10.92 41.96 -9.14
CA GLN C 68 -9.52 42.31 -8.98
C GLN C 68 -8.57 41.18 -9.37
N PHE C 69 -9.07 39.95 -9.60
CA PHE C 69 -8.27 38.80 -10.01
C PHE C 69 -8.64 38.34 -11.42
N LEU C 70 -9.16 39.25 -12.25
CA LEU C 70 -9.46 38.90 -13.63
C LEU C 70 -8.18 38.51 -14.36
N GLU C 71 -7.09 39.22 -14.09
CA GLU C 71 -5.75 38.88 -14.55
C GLU C 71 -4.86 38.89 -13.33
N PHE C 72 -4.01 37.88 -13.18
CA PHE C 72 -3.14 37.83 -12.02
C PHE C 72 -1.96 36.92 -12.30
N SER C 73 -0.97 37.01 -11.42
CA SER C 73 0.18 36.13 -11.41
C SER C 73 0.26 35.53 -10.02
N ALA C 74 0.70 34.28 -9.95
CA ALA C 74 0.83 33.66 -8.65
C ALA C 74 1.76 32.47 -8.72
N ASP C 75 2.30 32.15 -7.55
CA ASP C 75 2.97 30.91 -7.26
C ASP C 75 2.09 30.04 -6.39
N LEU C 76 1.19 30.66 -5.63
CA LEU C 76 0.25 29.98 -4.75
C LEU C 76 -1.16 30.48 -4.99
N ILE C 77 -2.07 29.54 -5.23
CA ILE C 77 -3.48 29.83 -5.44
C ILE C 77 -4.24 29.13 -4.32
N ILE C 78 -5.06 29.89 -3.59
CA ILE C 78 -5.78 29.39 -2.43
C ILE C 78 -7.28 29.52 -2.69
N GLU C 79 -7.98 28.39 -2.73
CA GLU C 79 -9.43 28.36 -2.86
C GLU C 79 -10.06 28.28 -1.47
N ARG C 80 -11.30 28.76 -1.35
CA ARG C 80 -12.01 28.76 -0.09
C ARG C 80 -13.32 27.99 -0.15
N ARG C 81 -13.67 27.35 0.98
CA ARG C 81 -14.91 26.60 1.08
C ARG C 81 -16.12 27.52 0.90
N GLU C 82 -16.05 28.74 1.45
CA GLU C 82 -17.18 29.65 1.36
C GLU C 82 -17.31 30.30 0.00
N GLY C 83 -16.36 30.07 -0.91
CA GLY C 83 -16.35 30.72 -2.20
C GLY C 83 -17.20 29.98 -3.20
N SER C 84 -17.30 30.58 -4.37
CA SER C 84 -18.11 30.04 -5.46
C SER C 84 -17.38 30.34 -6.76
N ASP C 85 -17.56 29.44 -7.73
CA ASP C 85 -17.01 29.60 -9.06
C ASP C 85 -17.99 30.25 -10.02
N VAL C 86 -19.21 30.53 -9.57
CA VAL C 86 -20.27 31.10 -10.39
C VAL C 86 -20.91 32.23 -9.59
N CYS C 87 -21.68 33.07 -10.28
CA CYS C 87 -22.52 34.05 -9.61
C CYS C 87 -23.93 33.80 -10.14
N PHE C 88 -24.10 33.90 -11.44
CA PHE C 88 -25.26 33.31 -12.08
C PHE C 88 -25.11 31.79 -11.97
N PRO C 89 -26.16 31.04 -11.61
CA PRO C 89 -25.96 29.60 -11.36
C PRO C 89 -25.43 28.89 -12.60
N GLY C 90 -24.53 27.93 -12.38
CA GLY C 90 -23.94 27.22 -13.50
C GLY C 90 -22.97 26.16 -13.01
N LYS C 91 -22.45 25.41 -13.98
CA LYS C 91 -21.51 24.34 -13.70
C LYS C 91 -20.63 24.14 -14.92
N PHE C 92 -19.37 23.82 -14.69
CA PHE C 92 -18.44 23.48 -15.75
C PHE C 92 -18.46 21.98 -16.03
N VAL C 93 -18.28 21.62 -17.30
CA VAL C 93 -18.14 20.21 -17.69
C VAL C 93 -16.67 19.84 -17.58
N ASN C 94 -16.40 18.70 -16.93
CA ASN C 94 -15.03 18.30 -16.62
C ASN C 94 -14.33 19.40 -15.84
N GLU C 95 -15.05 19.93 -14.85
CA GLU C 95 -14.55 21.04 -14.05
C GLU C 95 -13.30 20.68 -13.25
N GLU C 96 -13.12 19.40 -12.92
CA GLU C 96 -11.97 19.01 -12.12
C GLU C 96 -10.69 19.10 -12.94
N ALA C 97 -10.74 18.68 -14.21
CA ALA C 97 -9.55 18.79 -15.06
C ALA C 97 -9.17 20.24 -15.29
N LEU C 98 -10.16 21.11 -15.46
CA LEU C 98 -9.85 22.51 -15.67
C LEU C 98 -9.27 23.14 -14.41
N ARG C 99 -9.82 22.84 -13.24
CA ARG C 99 -9.22 23.34 -12.03
C ARG C 99 -7.81 22.78 -11.84
N GLN C 100 -7.59 21.53 -12.24
CA GLN C 100 -6.29 20.91 -12.08
C GLN C 100 -5.23 21.62 -12.92
N ILE C 101 -5.58 21.97 -14.16
CA ILE C 101 -4.61 22.70 -14.99
C ILE C 101 -4.47 24.15 -14.52
N LEU C 102 -5.52 24.73 -13.93
CA LEU C 102 -5.39 26.09 -13.43
C LEU C 102 -4.49 26.17 -12.21
N ARG C 103 -4.54 25.18 -11.32
CA ARG C 103 -3.69 25.20 -10.14
C ARG C 103 -2.21 25.22 -10.53
N GLU C 104 -1.87 24.58 -11.65
CA GLU C 104 -0.51 24.56 -12.18
C GLU C 104 -0.20 25.74 -13.10
N SER C 105 -1.19 26.59 -13.41
CA SER C 105 -1.05 27.54 -14.49
C SER C 105 -0.04 28.65 -14.23
N GLY C 106 0.27 28.97 -12.98
CA GLY C 106 1.19 30.06 -12.72
C GLY C 106 0.56 31.43 -12.77
N GLY C 107 -0.76 31.52 -12.96
CA GLY C 107 -1.47 32.77 -13.15
C GLY C 107 -2.26 32.72 -14.43
N ILE C 108 -2.57 33.87 -15.02
CA ILE C 108 -3.43 33.96 -16.20
C ILE C 108 -3.04 35.19 -17.01
N ASP C 109 -3.07 35.05 -18.34
CA ASP C 109 -2.89 36.15 -19.28
C ASP C 109 -4.15 36.23 -20.15
N LYS C 110 -4.23 37.27 -20.99
CA LYS C 110 -5.40 37.52 -21.82
C LYS C 110 -5.07 38.06 -23.20
N GLU C 111 -6.00 37.76 -24.13
CA GLU C 111 -6.13 38.30 -25.47
C GLU C 111 -7.63 38.51 -25.67
N ALA C 112 -8.04 38.99 -26.85
CA ALA C 112 -9.46 39.27 -27.07
C ALA C 112 -9.87 38.83 -28.47
N MET C 113 -11.17 38.55 -28.60
CA MET C 113 -11.76 38.08 -29.84
C MET C 113 -12.61 39.13 -30.54
N GLY C 114 -13.74 39.58 -29.97
CA GLY C 114 -14.59 40.55 -30.64
C GLY C 114 -16.10 40.45 -30.45
N PHE C 115 -16.79 39.71 -31.33
CA PHE C 115 -18.26 39.61 -31.35
C PHE C 115 -18.92 40.96 -31.51
N THR C 116 -18.53 41.66 -32.58
CA THR C 116 -18.99 43.00 -32.89
C THR C 116 -20.12 42.98 -33.93
N TYR C 117 -20.73 41.82 -34.16
CA TYR C 117 -21.77 41.70 -35.17
C TYR C 117 -23.00 42.52 -34.80
N SER C 118 -23.63 43.10 -35.81
CA SER C 118 -24.84 43.90 -35.60
C SER C 118 -26.04 43.00 -35.34
N GLY C 119 -27.08 43.61 -34.77
CA GLY C 119 -28.30 42.90 -34.46
C GLY C 119 -28.26 42.10 -33.18
N ILE C 120 -27.17 42.21 -32.40
CA ILE C 120 -26.92 41.39 -31.23
C ILE C 120 -26.72 42.32 -30.04
N ARG C 121 -27.34 41.98 -28.92
CA ARG C 121 -27.15 42.72 -27.67
C ARG C 121 -25.98 42.07 -26.94
N THR C 122 -24.86 42.78 -26.90
CA THR C 122 -23.60 42.25 -26.39
C THR C 122 -23.36 42.54 -24.91
N ASN C 123 -24.32 43.17 -24.21
CA ASN C 123 -24.16 43.52 -22.80
C ASN C 123 -25.38 43.06 -21.99
N GLY C 124 -25.69 41.77 -22.09
CA GLY C 124 -26.78 41.24 -21.31
C GLY C 124 -26.39 41.13 -19.84
N ALA C 125 -27.40 41.13 -18.97
CA ALA C 125 -27.15 41.06 -17.55
C ALA C 125 -28.31 40.37 -16.85
N THR C 126 -28.01 39.86 -15.65
CA THR C 126 -28.96 39.17 -14.80
C THR C 126 -29.04 39.86 -13.45
N SER C 127 -30.05 39.47 -12.67
CA SER C 127 -30.24 39.97 -11.32
C SER C 127 -29.47 39.18 -10.28
N SER C 128 -28.94 38.00 -10.63
CA SER C 128 -28.24 37.16 -9.66
C SER C 128 -27.02 37.86 -9.07
N CYS C 129 -26.23 38.53 -9.90
CA CYS C 129 -24.99 39.18 -9.47
C CYS C 129 -24.88 40.55 -10.09
N ARG C 130 -24.37 41.51 -9.31
CA ARG C 130 -24.36 42.91 -9.70
C ARG C 130 -23.07 43.59 -9.23
N ARG C 131 -22.76 44.71 -9.89
CA ARG C 131 -21.71 45.62 -9.44
C ARG C 131 -22.28 46.94 -8.94
N SER C 132 -23.41 47.37 -9.50
CA SER C 132 -24.14 48.56 -9.09
C SER C 132 -25.59 48.27 -9.45
N GLY C 133 -25.86 48.25 -10.76
CA GLY C 133 -27.09 47.70 -11.31
C GLY C 133 -26.83 46.28 -11.78
N SER C 134 -27.80 45.73 -12.50
CA SER C 134 -27.63 44.36 -12.98
C SER C 134 -26.40 44.29 -13.87
N SER C 135 -25.60 43.24 -13.67
CA SER C 135 -24.35 43.07 -14.40
C SER C 135 -24.19 41.61 -14.78
N PHE C 136 -23.02 41.29 -15.32
CA PHE C 136 -22.69 39.96 -15.79
C PHE C 136 -21.17 39.85 -15.77
N TYR C 137 -20.68 38.63 -15.98
CA TYR C 137 -19.26 38.35 -16.06
C TYR C 137 -18.58 39.29 -17.04
N ALA C 138 -17.46 39.88 -16.62
CA ALA C 138 -16.74 40.81 -17.47
C ALA C 138 -16.29 40.14 -18.76
N GLU C 139 -16.05 38.83 -18.71
CA GLU C 139 -15.46 38.07 -19.80
C GLU C 139 -16.47 37.47 -20.79
N MET C 140 -17.77 37.72 -20.62
CA MET C 140 -18.78 37.15 -21.50
C MET C 140 -19.81 38.21 -21.89
N LYS C 141 -20.43 38.02 -23.07
CA LYS C 141 -21.34 39.00 -23.66
C LYS C 141 -22.82 38.64 -23.69
N TRP C 142 -23.18 37.36 -23.49
CA TRP C 142 -24.51 36.76 -23.63
C TRP C 142 -25.06 36.63 -25.05
N LEU C 143 -24.88 37.66 -25.89
CA LEU C 143 -25.45 37.69 -27.23
C LEU C 143 -26.96 37.46 -27.20
N LEU C 144 -27.67 38.45 -26.67
CA LEU C 144 -29.13 38.41 -26.64
C LEU C 144 -29.63 39.09 -27.91
N SER C 145 -30.91 38.90 -28.22
CA SER C 145 -31.45 39.58 -29.38
C SER C 145 -31.48 41.08 -29.14
N ASN C 146 -31.34 41.85 -30.23
CA ASN C 146 -31.35 43.30 -30.09
C ASN C 146 -32.72 43.81 -29.69
N THR C 147 -33.79 43.14 -30.13
CA THR C 147 -35.15 43.46 -29.76
C THR C 147 -35.84 42.18 -29.31
N ASP C 148 -36.96 42.36 -28.63
CA ASP C 148 -37.74 41.24 -28.11
C ASP C 148 -38.32 40.38 -29.23
N ASN C 149 -38.30 39.06 -29.01
CA ASN C 149 -38.93 38.08 -29.90
C ASN C 149 -38.43 38.16 -31.34
N ALA C 150 -37.13 38.40 -31.51
CA ALA C 150 -36.49 38.48 -32.80
C ALA C 150 -35.57 37.29 -33.00
N ALA C 151 -35.68 36.63 -34.16
CA ALA C 151 -34.87 35.46 -34.44
C ALA C 151 -33.39 35.80 -34.34
N PHE C 152 -32.66 34.95 -33.63
CA PHE C 152 -31.23 35.16 -33.48
C PHE C 152 -30.56 34.78 -34.80
N PRO C 153 -29.68 35.61 -35.37
CA PRO C 153 -29.02 35.20 -36.61
C PRO C 153 -28.00 34.10 -36.37
N GLN C 154 -27.83 33.24 -37.38
CA GLN C 154 -26.79 32.23 -37.32
C GLN C 154 -25.48 32.93 -37.61
N MET C 155 -24.45 32.62 -36.83
CA MET C 155 -23.16 33.29 -37.04
C MET C 155 -22.01 32.35 -36.78
N THR C 156 -20.86 32.72 -37.36
CA THR C 156 -19.58 32.07 -37.15
C THR C 156 -18.56 33.10 -36.72
N LYS C 157 -17.61 32.66 -35.90
CA LYS C 157 -16.49 33.52 -35.49
C LYS C 157 -15.31 32.62 -35.17
N SER C 158 -14.10 33.09 -35.48
CA SER C 158 -12.91 32.28 -35.21
C SER C 158 -11.80 33.09 -34.56
N TYR C 159 -10.95 32.35 -33.84
CA TYR C 159 -9.79 32.88 -33.13
C TYR C 159 -8.55 32.12 -33.61
N LYS C 160 -7.50 32.86 -34.00
CA LYS C 160 -6.30 32.30 -34.60
C LYS C 160 -5.19 31.88 -33.63
N ASN C 161 -5.28 32.27 -32.35
CA ASN C 161 -4.26 31.93 -31.35
C ASN C 161 -2.83 32.24 -31.79
N THR C 162 -2.59 33.50 -32.12
CA THR C 162 -1.28 33.93 -32.61
C THR C 162 -0.30 34.14 -31.44
N ARG C 163 0.00 33.05 -30.73
CA ARG C 163 0.95 33.09 -29.62
C ARG C 163 1.62 31.74 -29.50
N LYS C 164 2.81 31.75 -28.88
CA LYS C 164 3.57 30.52 -28.65
C LYS C 164 2.84 29.56 -27.71
N ASN C 165 2.13 30.10 -26.67
CA ASN C 165 1.52 29.22 -25.69
C ASN C 165 0.14 28.74 -26.13
N PRO C 166 -0.32 27.58 -25.67
CA PRO C 166 -1.70 27.18 -25.96
C PRO C 166 -2.69 28.09 -25.24
N ALA C 167 -3.83 28.34 -25.90
CA ALA C 167 -4.84 29.22 -25.35
C ALA C 167 -5.90 28.43 -24.59
N LEU C 168 -6.37 29.01 -23.49
CA LEU C 168 -7.45 28.42 -22.69
C LEU C 168 -8.74 29.15 -23.06
N ILE C 169 -9.63 28.44 -23.75
CA ILE C 169 -10.87 29.02 -24.25
C ILE C 169 -12.01 28.43 -23.44
N VAL C 170 -12.83 29.29 -22.84
CA VAL C 170 -13.99 28.88 -22.08
C VAL C 170 -15.18 29.64 -22.63
N TRP C 171 -16.27 28.93 -22.87
CA TRP C 171 -17.50 29.52 -23.40
C TRP C 171 -18.67 28.83 -22.73
N GLY C 172 -19.81 29.50 -22.69
CA GLY C 172 -21.00 28.87 -22.13
C GLY C 172 -22.14 28.66 -23.09
N ILE C 173 -22.97 27.68 -22.73
CA ILE C 173 -24.24 27.39 -23.40
C ILE C 173 -25.32 27.68 -22.37
N HIS C 174 -26.35 28.42 -22.76
CA HIS C 174 -27.39 28.81 -21.82
C HIS C 174 -28.58 27.86 -21.94
N HIS C 175 -28.88 27.18 -20.83
CA HIS C 175 -30.02 26.29 -20.72
C HIS C 175 -31.10 27.14 -20.08
N SER C 176 -32.11 27.52 -20.86
CA SER C 176 -33.09 28.47 -20.37
C SER C 176 -33.92 27.84 -19.26
N GLY C 177 -34.43 28.71 -18.37
CA GLY C 177 -35.30 28.24 -17.30
C GLY C 177 -36.56 27.59 -17.82
N SER C 178 -37.07 28.08 -18.95
CA SER C 178 -38.28 27.54 -19.54
C SER C 178 -38.24 27.88 -21.02
N THR C 179 -39.18 27.31 -21.78
CA THR C 179 -39.24 27.63 -23.20
C THR C 179 -39.67 29.08 -23.41
N ALA C 180 -40.54 29.61 -22.54
CA ALA C 180 -40.95 31.01 -22.66
C ALA C 180 -39.77 31.95 -22.42
N GLU C 181 -38.91 31.61 -21.46
CA GLU C 181 -37.73 32.43 -21.24
C GLU C 181 -36.84 32.41 -22.47
N GLN C 182 -36.70 31.23 -23.09
CA GLN C 182 -35.88 31.14 -24.29
C GLN C 182 -36.45 31.99 -25.41
N THR C 183 -37.79 31.99 -25.58
CA THR C 183 -38.37 32.86 -26.61
C THR C 183 -38.12 34.32 -26.28
N LYS C 184 -38.19 34.68 -25.00
CA LYS C 184 -37.92 36.06 -24.59
C LYS C 184 -36.49 36.46 -24.91
N LEU C 185 -35.52 35.62 -24.56
CA LEU C 185 -34.11 35.96 -24.78
C LEU C 185 -33.68 35.78 -26.23
N TYR C 186 -34.20 34.75 -26.90
CA TYR C 186 -33.83 34.42 -28.27
C TYR C 186 -35.09 34.10 -29.04
N GLY C 187 -35.09 34.38 -30.33
CA GLY C 187 -36.25 34.04 -31.12
C GLY C 187 -36.38 32.55 -31.33
N SER C 188 -37.51 32.16 -31.91
CA SER C 188 -37.85 30.76 -32.07
C SER C 188 -36.85 30.05 -33.00
N GLY C 189 -36.60 28.79 -32.70
CA GLY C 189 -35.79 27.96 -33.58
C GLY C 189 -35.18 26.80 -32.82
N ASN C 190 -34.56 25.91 -33.59
CA ASN C 190 -33.85 24.75 -33.05
C ASN C 190 -32.40 25.15 -32.86
N LYS C 191 -32.01 25.45 -31.62
CA LYS C 191 -30.71 26.03 -31.35
C LYS C 191 -29.63 24.95 -31.47
N LEU C 192 -28.50 25.33 -32.08
CA LEU C 192 -27.37 24.42 -32.24
C LEU C 192 -26.10 25.23 -32.12
N VAL C 193 -25.13 24.72 -31.36
CA VAL C 193 -23.80 25.30 -31.23
C VAL C 193 -22.76 24.24 -31.57
N THR C 194 -21.80 24.60 -32.42
CA THR C 194 -20.67 23.73 -32.71
C THR C 194 -19.37 24.48 -32.45
N VAL C 195 -18.36 23.73 -32.04
CA VAL C 195 -17.01 24.25 -31.83
C VAL C 195 -16.07 23.34 -32.60
N GLY C 196 -15.36 23.92 -33.56
CA GLY C 196 -14.36 23.21 -34.33
C GLY C 196 -12.95 23.64 -33.95
N SER C 197 -12.03 22.71 -34.13
CA SER C 197 -10.59 22.90 -34.01
C SER C 197 -9.98 21.66 -34.65
N SER C 198 -8.65 21.60 -34.69
CA SER C 198 -8.06 20.39 -35.23
C SER C 198 -8.23 19.17 -34.32
N ASN C 199 -8.55 19.35 -33.03
CA ASN C 199 -8.68 18.20 -32.15
C ASN C 199 -9.82 18.34 -31.12
N TYR C 200 -10.89 19.09 -31.40
CA TYR C 200 -12.00 19.22 -30.45
C TYR C 200 -13.31 18.81 -31.11
N GLN C 201 -13.80 19.55 -32.10
CA GLN C 201 -14.91 19.12 -32.94
C GLN C 201 -16.21 18.84 -32.17
N GLN C 202 -16.46 19.51 -31.04
CA GLN C 202 -17.58 19.15 -30.17
C GLN C 202 -18.84 19.96 -30.48
N SER C 203 -19.98 19.26 -30.52
CA SER C 203 -21.30 19.86 -30.70
C SER C 203 -22.05 19.94 -29.37
N PHE C 204 -22.80 21.03 -29.19
CA PHE C 204 -23.62 21.29 -28.01
C PHE C 204 -24.99 21.77 -28.47
N VAL C 205 -26.03 21.39 -27.73
CA VAL C 205 -27.39 21.87 -28.00
C VAL C 205 -28.03 22.40 -26.71
N PRO C 206 -28.54 23.64 -26.69
CA PRO C 206 -29.29 24.10 -25.51
C PRO C 206 -30.53 23.26 -25.25
N SER C 207 -30.77 22.98 -23.97
CA SER C 207 -31.86 22.14 -23.50
C SER C 207 -32.60 22.91 -22.41
N PRO C 208 -33.69 23.62 -22.73
CA PRO C 208 -34.41 24.37 -21.68
C PRO C 208 -34.83 23.47 -20.53
N GLY C 209 -34.55 23.93 -19.32
CA GLY C 209 -34.57 23.09 -18.15
C GLY C 209 -35.83 22.95 -17.33
N ALA C 210 -36.48 24.06 -16.96
CA ALA C 210 -37.52 24.05 -15.93
C ALA C 210 -36.94 23.46 -14.64
N ARG C 211 -35.73 23.89 -14.31
CA ARG C 211 -34.98 23.42 -13.17
C ARG C 211 -35.34 24.21 -11.91
N THR C 212 -34.77 23.82 -10.79
CA THR C 212 -35.02 24.51 -9.53
C THR C 212 -34.34 25.87 -9.54
N GLN C 213 -34.74 26.72 -8.60
CA GLN C 213 -34.24 28.09 -8.54
C GLN C 213 -33.01 28.15 -7.64
N VAL C 214 -31.90 28.61 -8.21
CA VAL C 214 -30.62 28.79 -7.51
C VAL C 214 -30.20 30.23 -7.72
N ASN C 215 -29.88 30.92 -6.63
CA ASN C 215 -29.51 32.33 -6.66
C ASN C 215 -30.58 33.18 -7.32
N GLY C 216 -31.85 32.81 -7.12
CA GLY C 216 -32.97 33.58 -7.61
C GLY C 216 -33.46 33.29 -9.03
N GLN C 217 -32.76 32.47 -9.81
CA GLN C 217 -33.16 32.20 -11.19
C GLN C 217 -33.14 30.70 -11.50
N SER C 218 -34.03 30.31 -12.42
CA SER C 218 -34.15 28.92 -12.85
C SER C 218 -33.30 28.57 -14.06
N GLY C 219 -32.77 29.55 -14.80
CA GLY C 219 -31.94 29.24 -15.95
C GLY C 219 -30.54 28.91 -15.50
N ARG C 220 -29.70 28.43 -16.44
CA ARG C 220 -28.37 28.05 -16.01
C ARG C 220 -27.39 28.10 -17.18
N ILE C 221 -26.14 28.45 -16.88
CA ILE C 221 -25.05 28.47 -17.86
C ILE C 221 -24.16 27.25 -17.68
N ASP C 222 -23.99 26.46 -18.75
CA ASP C 222 -23.13 25.29 -18.78
C ASP C 222 -21.82 25.71 -19.42
N PHE C 223 -20.74 25.73 -18.64
CA PHE C 223 -19.47 26.25 -19.11
C PHE C 223 -18.65 25.11 -19.70
N HIS C 224 -18.15 25.32 -20.91
CA HIS C 224 -17.40 24.33 -21.67
C HIS C 224 -15.98 24.86 -21.90
N TRP C 225 -15.04 23.93 -21.87
CA TRP C 225 -13.61 24.20 -21.89
C TRP C 225 -12.91 23.56 -23.09
N LEU C 226 -12.07 24.34 -23.77
CA LEU C 226 -11.18 23.83 -24.81
C LEU C 226 -9.77 24.38 -24.59
N MET C 227 -8.78 23.48 -24.59
CA MET C 227 -7.37 23.85 -24.52
C MET C 227 -6.80 23.78 -25.93
N LEU C 228 -6.42 24.93 -26.48
CA LEU C 228 -6.09 25.11 -27.88
C LEU C 228 -4.58 25.09 -28.12
N ASN C 229 -4.13 24.18 -28.97
CA ASN C 229 -2.71 24.06 -29.31
C ASN C 229 -2.23 25.35 -29.99
N PRO C 230 -0.94 25.68 -29.87
CA PRO C 230 -0.40 26.88 -30.54
C PRO C 230 -0.64 26.92 -32.05
N ASN C 231 -1.05 28.10 -32.51
CA ASN C 231 -1.33 28.43 -33.92
C ASN C 231 -2.52 27.67 -34.50
N ASP C 232 -3.28 26.95 -33.70
CA ASP C 232 -4.49 26.32 -34.18
C ASP C 232 -5.63 27.33 -34.09
N THR C 233 -6.67 27.13 -34.89
CA THR C 233 -7.78 28.06 -34.99
C THR C 233 -9.04 27.43 -34.42
N VAL C 234 -9.68 28.15 -33.50
CA VAL C 234 -10.97 27.73 -32.94
C VAL C 234 -12.06 28.42 -33.71
N THR C 235 -13.04 27.64 -34.19
CA THR C 235 -14.17 28.18 -34.93
C THR C 235 -15.44 27.89 -34.16
N PHE C 236 -16.17 28.93 -33.79
CA PHE C 236 -17.45 28.80 -33.12
C PHE C 236 -18.53 29.06 -34.16
N SER C 237 -19.61 28.27 -34.10
CA SER C 237 -20.76 28.46 -34.96
C SER C 237 -22.01 28.28 -34.12
N PHE C 238 -22.90 29.28 -34.12
CA PHE C 238 -24.06 29.16 -33.24
C PHE C 238 -25.27 29.92 -33.77
N ASN C 239 -26.43 29.41 -33.35
CA ASN C 239 -27.75 29.97 -33.61
C ASN C 239 -28.31 30.72 -32.40
N GLY C 240 -27.51 30.91 -31.35
CA GLY C 240 -27.94 31.58 -30.14
C GLY C 240 -27.76 30.70 -28.92
N ALA C 241 -28.17 31.25 -27.78
CA ALA C 241 -28.00 30.61 -26.47
C ALA C 241 -26.53 30.27 -26.25
N PHE C 242 -25.66 31.18 -26.68
CA PHE C 242 -24.21 31.01 -26.65
C PHE C 242 -23.61 32.11 -25.78
N ILE C 243 -23.03 31.75 -24.64
CA ILE C 243 -22.41 32.72 -23.75
C ILE C 243 -20.97 32.86 -24.22
N ALA C 244 -20.77 33.76 -25.18
CA ALA C 244 -19.49 33.88 -25.87
C ALA C 244 -18.42 34.44 -24.95
N PRO C 245 -17.17 34.00 -25.09
CA PRO C 245 -16.08 34.66 -24.36
C PRO C 245 -15.79 36.03 -24.95
N ASP C 246 -15.39 36.95 -24.08
CA ASP C 246 -14.84 38.23 -24.49
C ASP C 246 -13.34 38.13 -24.69
N ARG C 247 -12.68 37.40 -23.80
CA ARG C 247 -11.23 37.29 -23.78
C ARG C 247 -10.84 35.82 -23.89
N ALA C 248 -9.73 35.59 -24.56
CA ALA C 248 -9.09 34.28 -24.63
C ALA C 248 -8.02 34.30 -23.55
N SER C 249 -7.87 33.19 -22.83
CA SER C 249 -6.93 33.16 -21.71
C SER C 249 -5.72 32.30 -22.02
N PHE C 250 -4.63 32.61 -21.33
CA PHE C 250 -3.38 31.90 -21.47
C PHE C 250 -2.77 31.57 -20.11
N LEU C 251 -1.95 30.54 -20.11
CA LEU C 251 -1.20 30.17 -18.91
C LEU C 251 -0.05 31.16 -18.75
N ARG C 252 0.38 31.34 -17.50
CA ARG C 252 1.43 32.30 -17.17
C ARG C 252 2.75 31.67 -16.80
N GLY C 253 2.73 30.51 -16.15
CA GLY C 253 3.96 29.91 -15.66
C GLY C 253 3.73 28.61 -14.93
N LYS C 254 4.17 28.56 -13.67
CA LYS C 254 4.01 27.39 -12.82
C LYS C 254 3.61 27.84 -11.43
N SER C 255 2.61 27.17 -10.86
CA SER C 255 2.14 27.42 -9.51
C SER C 255 1.71 26.10 -8.90
N MET C 256 1.52 26.11 -7.59
CA MET C 256 0.98 24.97 -6.84
C MET C 256 -0.23 25.42 -6.05
N GLY C 257 -1.40 25.34 -6.71
CA GLY C 257 -2.64 25.76 -6.08
C GLY C 257 -3.12 24.79 -5.02
N ILE C 258 -3.74 25.34 -3.98
CA ILE C 258 -4.24 24.57 -2.85
C ILE C 258 -5.67 24.98 -2.53
N GLN C 259 -6.33 24.13 -1.74
CA GLN C 259 -7.63 24.43 -1.14
C GLN C 259 -7.47 24.54 0.37
N SER C 260 -8.09 25.55 0.98
CA SER C 260 -8.00 25.68 2.42
C SER C 260 -9.17 26.50 2.95
N GLY C 261 -9.38 26.38 4.26
CA GLY C 261 -10.36 27.15 5.01
C GLY C 261 -9.82 28.11 6.06
N VAL C 262 -8.51 28.40 6.09
CA VAL C 262 -7.90 29.17 7.17
C VAL C 262 -7.17 30.39 6.60
N GLN C 263 -6.82 31.34 7.49
CA GLN C 263 -6.13 32.57 7.07
C GLN C 263 -4.68 32.33 6.65
N VAL C 264 -4.17 33.29 5.88
CA VAL C 264 -2.84 33.28 5.30
C VAL C 264 -1.89 34.09 6.17
N ASP C 265 -0.74 33.51 6.51
CA ASP C 265 0.30 34.18 7.26
C ASP C 265 1.41 34.53 6.24
N ALA C 266 2.48 35.22 6.68
CA ALA C 266 3.55 35.54 5.75
C ALA C 266 4.92 35.76 6.40
N ASP C 267 5.17 35.34 7.64
CA ASP C 267 6.46 35.56 8.29
C ASP C 267 7.36 34.32 8.30
N CYS C 268 7.01 33.29 7.54
CA CYS C 268 7.83 32.08 7.46
C CYS C 268 7.54 31.42 6.12
N GLU C 269 8.28 30.35 5.82
CA GLU C 269 8.19 29.68 4.54
C GLU C 269 8.09 28.18 4.74
N GLY C 270 7.32 27.55 3.86
CA GLY C 270 7.20 26.10 3.84
C GLY C 270 6.56 25.67 2.55
N ASP C 271 6.71 24.39 2.25
CA ASP C 271 6.23 23.83 0.98
C ASP C 271 4.94 23.02 1.10
N CYS C 272 4.60 22.47 2.27
CA CYS C 272 3.47 21.57 2.36
C CYS C 272 2.24 22.30 2.85
N TYR C 273 1.17 22.25 2.07
CA TYR C 273 -0.08 22.92 2.36
C TYR C 273 -1.21 21.89 2.33
N TYR C 274 -2.20 22.09 3.19
CA TYR C 274 -3.38 21.23 3.21
C TYR C 274 -4.55 22.07 3.72
N SER C 275 -5.74 21.45 3.73
CA SER C 275 -6.98 22.18 3.99
C SER C 275 -6.96 22.95 5.30
N GLY C 276 -6.32 22.40 6.32
CA GLY C 276 -6.24 23.01 7.64
C GLY C 276 -5.00 23.81 7.96
N GLY C 277 -4.11 24.06 6.99
CA GLY C 277 -2.86 24.75 7.32
C GLY C 277 -1.65 24.25 6.56
N THR C 278 -0.45 24.41 7.13
CA THR C 278 0.77 23.98 6.49
C THR C 278 1.54 23.05 7.40
N ILE C 279 2.46 22.30 6.80
CA ILE C 279 3.35 21.40 7.51
C ILE C 279 4.76 21.86 7.20
N ILE C 280 5.48 22.32 8.23
CA ILE C 280 6.87 22.75 8.11
C ILE C 280 7.67 21.78 8.97
N SER C 281 8.27 20.77 8.34
CA SER C 281 8.98 19.76 9.10
C SER C 281 9.89 18.97 8.16
N ASN C 282 11.01 18.50 8.73
CA ASN C 282 11.96 17.67 8.01
C ASN C 282 11.84 16.19 8.37
N LEU C 283 10.79 15.80 9.08
CA LEU C 283 10.66 14.39 9.43
C LEU C 283 10.22 13.60 8.20
N PRO C 284 10.57 12.31 8.10
CA PRO C 284 10.22 11.56 6.89
C PRO C 284 8.73 11.31 6.69
N PHE C 285 7.91 11.30 7.74
CA PHE C 285 6.49 10.97 7.62
C PHE C 285 5.64 12.00 8.35
N GLN C 286 4.36 12.04 7.96
CA GLN C 286 3.36 12.87 8.64
C GLN C 286 2.06 12.09 8.72
N ASN C 287 1.25 12.40 9.74
CA ASN C 287 -0.07 11.81 9.93
C ASN C 287 -1.14 12.88 10.14
N ILE C 288 -1.11 13.94 9.35
CA ILE C 288 -2.07 15.04 9.47
C ILE C 288 -3.16 14.95 8.41
N ASP C 289 -2.78 14.79 7.15
CA ASP C 289 -3.75 14.83 6.06
C ASP C 289 -3.24 14.05 4.86
N SER C 290 -4.00 13.03 4.46
CA SER C 290 -3.64 12.18 3.32
C SER C 290 -3.68 12.92 1.99
N ARG C 291 -4.28 14.11 1.96
CA ARG C 291 -4.43 14.93 0.78
C ARG C 291 -3.45 16.10 0.76
N ALA C 292 -2.41 16.05 1.61
CA ALA C 292 -1.45 17.14 1.68
C ALA C 292 -0.75 17.34 0.34
N VAL C 293 -0.60 18.61 -0.03
CA VAL C 293 -0.07 19.00 -1.34
C VAL C 293 1.33 19.58 -1.18
N GLY C 294 2.24 19.21 -2.07
CA GLY C 294 3.59 19.74 -2.12
C GLY C 294 4.66 18.74 -1.72
N LYS C 295 5.89 19.26 -1.62
CA LYS C 295 7.07 18.45 -1.29
C LYS C 295 7.12 18.22 0.22
N CYS C 296 6.21 17.35 0.70
CA CYS C 296 6.11 17.08 2.13
C CYS C 296 6.28 15.61 2.56
N PRO C 297 6.42 15.36 3.86
CA PRO C 297 6.52 13.97 4.33
C PRO C 297 5.35 13.12 3.88
N ARG C 298 5.65 11.84 3.71
CA ARG C 298 4.71 10.86 3.18
C ARG C 298 3.68 10.49 4.23
N TYR C 299 2.43 10.37 3.81
CA TYR C 299 1.34 10.08 4.74
C TYR C 299 1.36 8.61 5.18
N VAL C 300 1.21 8.41 6.49
CA VAL C 300 1.11 7.10 7.11
C VAL C 300 -0.13 7.09 8.00
N LYS C 301 -0.58 5.89 8.36
CA LYS C 301 -1.73 5.76 9.26
C LYS C 301 -1.35 5.94 10.72
N GLN C 302 -0.12 5.58 11.10
CA GLN C 302 0.26 5.58 12.50
C GLN C 302 0.33 7.01 13.05
N ARG C 303 -0.18 7.18 14.28
CA ARG C 303 -0.05 8.47 14.93
C ARG C 303 1.40 8.80 15.20
N SER C 304 2.18 7.83 15.65
CA SER C 304 3.57 8.08 15.98
C SER C 304 4.40 6.83 15.79
N LEU C 305 5.61 7.04 15.31
CA LEU C 305 6.64 6.02 15.20
C LEU C 305 7.89 6.65 15.77
N LEU C 306 8.49 5.99 16.76
CA LEU C 306 9.66 6.53 17.44
C LEU C 306 10.92 5.82 16.96
N LEU C 307 11.88 6.61 16.52
CA LEU C 307 13.15 6.13 16.02
C LEU C 307 14.17 6.33 17.15
N ALA C 308 14.76 5.23 17.58
CA ALA C 308 15.75 5.30 18.65
C ALA C 308 16.95 6.09 18.18
N THR C 309 17.46 6.95 19.06
CA THR C 309 18.65 7.74 18.82
C THR C 309 19.64 7.49 19.95
N GLY C 310 19.56 6.29 20.54
CA GLY C 310 20.44 5.98 21.65
C GLY C 310 20.43 4.49 21.96
N MET C 311 21.06 4.17 23.08
CA MET C 311 21.27 2.81 23.53
C MET C 311 20.03 2.21 24.17
N LYS C 312 20.05 0.89 24.28
CA LYS C 312 19.00 0.16 25.02
C LYS C 312 19.06 0.56 26.49
N ASN C 313 17.89 0.87 27.05
CA ASN C 313 17.80 1.42 28.41
C ASN C 313 17.72 0.32 29.47
N VAL C 314 18.87 -0.23 29.82
CA VAL C 314 18.99 -1.25 30.85
C VAL C 314 19.32 -0.54 32.17
N PRO C 315 18.46 -0.58 33.17
CA PRO C 315 18.65 0.26 34.34
C PRO C 315 19.75 -0.15 35.33
N GLU C 316 20.06 0.81 36.21
CA GLU C 316 20.97 0.62 37.36
C GLU C 316 22.41 0.84 36.90
N ALA D 9 30.40 -4.26 43.53
CA ALA D 9 30.09 -2.84 43.67
C ALA D 9 29.92 -2.21 42.30
N ILE D 10 30.82 -2.54 41.38
CA ILE D 10 30.87 -1.98 40.04
C ILE D 10 30.52 -3.08 39.05
N ALA D 11 29.58 -2.78 38.15
CA ALA D 11 29.17 -3.70 37.09
C ALA D 11 29.09 -2.92 35.79
N GLY D 12 29.32 -3.63 34.67
CA GLY D 12 29.33 -3.03 33.37
C GLY D 12 28.10 -3.35 32.53
N PHE D 13 28.24 -3.11 31.23
CA PHE D 13 27.13 -3.22 30.28
C PHE D 13 26.50 -4.61 30.23
N ILE D 14 27.20 -5.66 30.65
CA ILE D 14 26.60 -6.99 30.64
C ILE D 14 25.41 -7.07 31.57
N GLU D 15 25.50 -6.44 32.74
CA GLU D 15 24.42 -6.45 33.72
C GLU D 15 23.65 -5.13 33.83
N ASN D 16 24.33 -3.99 33.69
CA ASN D 16 23.62 -2.72 33.87
C ASN D 16 24.35 -1.59 33.16
N GLY D 17 23.59 -0.52 32.91
CA GLY D 17 24.15 0.72 32.42
C GLY D 17 24.53 1.63 33.57
N TRP D 18 24.93 2.84 33.23
CA TRP D 18 25.34 3.84 34.20
C TRP D 18 24.41 5.03 34.13
N GLU D 19 24.08 5.60 35.30
CA GLU D 19 23.26 6.80 35.36
C GLU D 19 24.07 8.08 35.53
N GLY D 20 25.30 7.98 36.04
CA GLY D 20 26.13 9.13 36.28
C GLY D 20 27.01 9.54 35.12
N LEU D 21 26.98 8.81 34.01
CA LEU D 21 27.79 9.13 32.83
C LEU D 21 27.02 10.15 31.99
N ILE D 22 26.97 11.39 32.51
CA ILE D 22 26.20 12.43 31.85
C ILE D 22 26.90 12.86 30.55
N ASP D 23 28.21 13.09 30.62
CA ASP D 23 28.98 13.50 29.44
C ASP D 23 29.42 12.24 28.67
N GLY D 24 28.87 12.09 27.47
CA GLY D 24 29.20 10.97 26.61
C GLY D 24 28.21 9.83 26.73
N TRP D 25 28.47 8.80 25.93
CA TRP D 25 27.66 7.59 25.85
C TRP D 25 28.45 6.39 26.32
N TYR D 26 29.68 6.24 25.85
CA TYR D 26 30.54 5.11 26.15
C TYR D 26 31.54 5.62 27.19
N GLY D 27 31.90 4.77 28.13
CA GLY D 27 32.89 5.23 29.09
C GLY D 27 33.41 4.13 29.99
N PHE D 28 34.24 4.56 30.93
CA PHE D 28 34.94 3.71 31.86
C PHE D 28 34.63 4.14 33.29
N ARG D 29 34.66 3.18 34.21
CA ARG D 29 34.49 3.41 35.63
C ARG D 29 35.67 2.73 36.32
N HIS D 30 36.19 3.38 37.36
CA HIS D 30 37.46 3.00 37.95
C HIS D 30 37.40 2.97 39.47
N GLN D 31 37.98 1.92 40.05
CA GLN D 31 38.19 1.77 41.48
C GLN D 31 39.68 1.50 41.75
N ASN D 32 40.29 2.26 42.66
CA ASN D 32 41.68 2.04 43.02
C ASN D 32 41.88 2.45 44.48
N ALA D 33 43.11 2.26 44.94
CA ALA D 33 43.48 2.68 46.29
C ALA D 33 43.44 4.20 46.42
N GLN D 34 43.49 4.92 45.31
CA GLN D 34 43.43 6.37 45.31
C GLN D 34 41.99 6.90 45.24
N GLY D 35 40.98 6.03 45.11
CA GLY D 35 39.60 6.46 45.03
C GLY D 35 38.87 5.83 43.86
N GLU D 36 37.71 6.41 43.54
CA GLU D 36 36.85 5.91 42.49
C GLU D 36 36.41 7.06 41.59
N GLY D 37 36.09 6.74 40.34
CA GLY D 37 35.58 7.77 39.45
C GLY D 37 35.18 7.21 38.10
N THR D 38 34.62 8.10 37.28
CA THR D 38 34.09 7.76 35.97
C THR D 38 34.65 8.72 34.93
N ALA D 39 34.97 8.21 33.74
CA ALA D 39 35.43 9.06 32.64
C ALA D 39 34.92 8.50 31.33
N ALA D 40 34.51 9.38 30.43
CA ALA D 40 33.97 8.95 29.15
C ALA D 40 35.08 8.69 28.14
N ASP D 41 34.79 7.81 27.18
CA ASP D 41 35.66 7.52 26.04
C ASP D 41 35.13 8.39 24.90
N TYR D 42 35.83 9.50 24.65
CA TYR D 42 35.36 10.48 23.66
C TYR D 42 35.25 9.87 22.26
N LYS D 43 36.27 9.11 21.83
CA LYS D 43 36.28 8.63 20.44
C LYS D 43 35.14 7.67 20.14
N SER D 44 34.81 6.76 21.07
CA SER D 44 33.76 5.79 20.81
C SER D 44 32.39 6.46 20.72
N THR D 45 32.09 7.34 21.66
CA THR D 45 30.82 8.04 21.62
C THR D 45 30.74 8.95 20.39
N GLN D 46 31.84 9.62 20.06
CA GLN D 46 31.82 10.51 18.91
C GLN D 46 31.57 9.74 17.62
N SER D 47 32.19 8.56 17.48
CA SER D 47 31.96 7.74 16.30
C SER D 47 30.52 7.24 16.24
N ALA D 48 30.02 6.71 17.35
CA ALA D 48 28.65 6.19 17.35
C ALA D 48 27.63 7.29 17.09
N ILE D 49 27.84 8.49 17.65
CA ILE D 49 26.87 9.54 17.43
C ILE D 49 26.99 10.08 16.02
N ASP D 50 28.19 10.10 15.45
CA ASP D 50 28.32 10.54 14.06
C ASP D 50 27.60 9.58 13.13
N GLN D 51 27.69 8.28 13.42
CA GLN D 51 26.98 7.30 12.60
C GLN D 51 25.46 7.46 12.75
N ILE D 52 24.99 7.72 13.98
CA ILE D 52 23.55 7.91 14.16
C ILE D 52 23.08 9.19 13.49
N THR D 53 23.85 10.28 13.58
CA THR D 53 23.47 11.51 12.88
C THR D 53 23.42 11.28 11.37
N GLY D 54 24.40 10.55 10.82
CA GLY D 54 24.33 10.23 9.40
C GLY D 54 23.10 9.43 9.05
N LYS D 55 22.72 8.49 9.92
CA LYS D 55 21.49 7.74 9.72
C LYS D 55 20.28 8.67 9.69
N LEU D 56 20.22 9.60 10.66
CA LEU D 56 19.12 10.53 10.70
C LEU D 56 19.11 11.43 9.47
N ASN D 57 20.29 11.87 9.04
CA ASN D 57 20.38 12.74 7.87
C ASN D 57 19.88 12.01 6.64
N ARG D 58 20.05 10.69 6.59
CA ARG D 58 19.49 9.93 5.48
C ARG D 58 17.98 9.86 5.61
N LEU D 59 17.46 9.57 6.80
CA LEU D 59 16.00 9.48 6.96
C LEU D 59 15.31 10.84 6.78
N ILE D 60 15.94 11.96 7.15
CA ILE D 60 15.24 13.24 7.11
C ILE D 60 15.35 13.90 5.73
N GLU D 61 15.86 13.15 4.74
CA GLU D 61 15.94 13.68 3.39
C GLU D 61 14.55 14.02 2.86
N LYS D 62 14.40 15.20 2.28
CA LYS D 62 13.11 15.66 1.76
C LYS D 62 13.01 15.30 0.28
N THR D 63 11.86 14.75 -0.12
CA THR D 63 11.65 14.40 -1.51
C THR D 63 11.51 15.67 -2.35
N ASN D 64 11.90 15.57 -3.62
CA ASN D 64 11.78 16.66 -4.57
C ASN D 64 10.59 16.49 -5.51
N GLN D 65 9.73 15.50 -5.27
CA GLN D 65 8.52 15.29 -6.07
C GLN D 65 7.37 16.07 -5.46
N GLN D 66 6.85 17.02 -6.22
CA GLN D 66 5.74 17.86 -5.79
C GLN D 66 4.45 17.22 -6.28
N PHE D 67 3.57 16.87 -5.35
CA PHE D 67 2.29 16.27 -5.67
C PHE D 67 1.23 17.36 -5.69
N GLU D 68 0.28 17.24 -6.62
CA GLU D 68 -0.78 18.21 -6.80
C GLU D 68 -2.10 17.61 -6.29
N LEU D 69 -3.15 18.42 -6.35
CA LEU D 69 -4.48 17.94 -5.99
C LEU D 69 -5.06 17.11 -7.13
N ILE D 70 -5.56 15.92 -6.78
CA ILE D 70 -6.34 15.09 -7.69
C ILE D 70 -7.81 15.09 -7.29
N ASP D 71 -8.11 14.97 -6.00
CA ASP D 71 -9.49 15.05 -5.54
C ASP D 71 -9.83 16.52 -5.31
N ASN D 72 -11.04 16.76 -4.84
CA ASN D 72 -11.53 18.12 -4.58
C ASN D 72 -12.48 18.02 -3.39
N GLU D 73 -12.12 18.69 -2.30
CA GLU D 73 -12.90 18.58 -1.06
C GLU D 73 -14.21 19.36 -1.13
N PHE D 74 -14.19 20.56 -1.71
CA PHE D 74 -15.39 21.39 -1.70
C PHE D 74 -16.47 20.81 -2.60
N THR D 75 -16.09 20.36 -3.79
CA THR D 75 -16.99 19.72 -4.75
C THR D 75 -16.47 18.32 -5.02
N GLU D 76 -17.25 17.31 -4.67
CA GLU D 76 -16.79 15.94 -4.82
C GLU D 76 -16.68 15.56 -6.30
N VAL D 77 -15.59 14.88 -6.62
CA VAL D 77 -15.32 14.38 -7.97
C VAL D 77 -16.24 13.23 -8.29
N GLU D 78 -16.27 12.80 -9.56
CA GLU D 78 -17.15 11.72 -10.00
C GLU D 78 -16.90 10.47 -9.17
N LYS D 79 -17.99 9.74 -8.89
CA LYS D 79 -17.91 8.61 -7.98
C LYS D 79 -16.96 7.53 -8.47
N GLN D 80 -16.96 7.23 -9.77
CA GLN D 80 -16.09 6.15 -10.24
C GLN D 80 -14.62 6.56 -10.19
N ILE D 81 -14.30 7.77 -10.66
CA ILE D 81 -12.90 8.19 -10.62
C ILE D 81 -12.52 8.53 -9.19
N GLY D 82 -13.44 9.08 -8.41
CA GLY D 82 -13.15 9.35 -7.02
C GLY D 82 -12.86 8.09 -6.24
N ASN D 83 -13.63 7.03 -6.49
CA ASN D 83 -13.38 5.76 -5.82
C ASN D 83 -12.10 5.11 -6.30
N VAL D 84 -11.74 5.27 -7.57
CA VAL D 84 -10.47 4.74 -8.03
C VAL D 84 -9.32 5.49 -7.37
N ILE D 85 -9.43 6.81 -7.26
CA ILE D 85 -8.41 7.61 -6.59
C ILE D 85 -8.31 7.23 -5.12
N ASN D 86 -9.45 7.06 -4.45
CA ASN D 86 -9.43 6.69 -3.04
C ASN D 86 -8.83 5.29 -2.85
N TRP D 87 -9.14 4.35 -3.73
CA TRP D 87 -8.52 3.04 -3.63
C TRP D 87 -7.02 3.11 -3.85
N THR D 88 -6.58 3.87 -4.85
CA THR D 88 -5.15 4.01 -5.10
C THR D 88 -4.46 4.67 -3.93
N ARG D 89 -5.04 5.74 -3.39
CA ARG D 89 -4.46 6.41 -2.23
C ARG D 89 -4.42 5.50 -1.02
N ASP D 90 -5.47 4.71 -0.80
CA ASP D 90 -5.47 3.82 0.34
C ASP D 90 -4.42 2.72 0.18
N SER D 91 -4.22 2.25 -1.05
CA SER D 91 -3.17 1.26 -1.28
C SER D 91 -1.79 1.85 -1.08
N ILE D 92 -1.58 3.08 -1.57
CA ILE D 92 -0.30 3.75 -1.38
C ILE D 92 -0.07 4.04 0.10
N THR D 93 -1.13 4.43 0.82
CA THR D 93 -1.03 4.65 2.25
C THR D 93 -0.66 3.37 2.96
N GLU D 94 -1.24 2.24 2.56
CA GLU D 94 -0.86 0.97 3.14
C GLU D 94 0.60 0.63 2.84
N VAL D 95 1.06 0.96 1.63
CA VAL D 95 2.45 0.71 1.27
C VAL D 95 3.39 1.56 2.12
N TRP D 96 3.06 2.84 2.29
CA TRP D 96 3.93 3.71 3.07
C TRP D 96 3.81 3.44 4.56
N SER D 97 2.66 2.95 5.03
CA SER D 97 2.54 2.60 6.44
C SER D 97 3.38 1.36 6.73
N TYR D 98 3.32 0.37 5.84
CA TYR D 98 4.17 -0.80 5.95
C TYR D 98 5.63 -0.42 5.89
N ASN D 99 6.01 0.42 4.91
CA ASN D 99 7.41 0.82 4.78
C ASN D 99 7.86 1.65 5.98
N ALA D 100 6.98 2.48 6.53
CA ALA D 100 7.34 3.27 7.71
C ALA D 100 7.55 2.39 8.93
N GLU D 101 6.67 1.41 9.14
CA GLU D 101 6.86 0.54 10.29
C GLU D 101 8.08 -0.33 10.11
N LEU D 102 8.30 -0.80 8.89
CA LEU D 102 9.46 -1.65 8.62
C LEU D 102 10.75 -0.86 8.76
N LEU D 103 10.76 0.39 8.29
CA LEU D 103 11.95 1.22 8.40
C LEU D 103 12.24 1.58 9.85
N VAL D 104 11.22 1.97 10.60
CA VAL D 104 11.45 2.34 12.00
C VAL D 104 11.89 1.12 12.80
N ALA D 105 11.25 -0.03 12.58
CA ALA D 105 11.65 -1.23 13.30
C ALA D 105 13.06 -1.67 12.93
N MET D 106 13.41 -1.63 11.64
CA MET D 106 14.76 -2.02 11.24
C MET D 106 15.79 -1.04 11.77
N GLU D 107 15.52 0.26 11.68
CA GLU D 107 16.50 1.22 12.15
C GLU D 107 16.63 1.18 13.66
N ASN D 108 15.55 0.89 14.39
CA ASN D 108 15.67 0.74 15.83
C ASN D 108 16.48 -0.49 16.19
N GLN D 109 16.29 -1.58 15.44
CA GLN D 109 17.08 -2.78 15.71
C GLN D 109 18.54 -2.55 15.34
N HIS D 110 18.79 -1.81 14.25
CA HIS D 110 20.17 -1.54 13.86
C HIS D 110 20.82 -0.53 14.80
N THR D 111 20.05 0.42 15.35
CA THR D 111 20.64 1.34 16.31
C THR D 111 21.01 0.61 17.59
N ILE D 112 20.15 -0.28 18.06
CA ILE D 112 20.46 -1.04 19.27
C ILE D 112 21.63 -1.98 19.02
N ASP D 113 21.60 -2.70 17.88
CA ASP D 113 22.70 -3.59 17.56
C ASP D 113 23.98 -2.84 17.28
N LEU D 114 23.90 -1.64 16.70
CA LEU D 114 25.09 -0.83 16.47
C LEU D 114 25.70 -0.39 17.80
N ALA D 115 24.86 0.07 18.73
CA ALA D 115 25.37 0.48 20.03
C ALA D 115 26.02 -0.69 20.74
N ASP D 116 25.42 -1.87 20.66
CA ASP D 116 26.02 -3.02 21.34
C ASP D 116 27.26 -3.54 20.61
N SER D 117 27.30 -3.50 19.28
CA SER D 117 28.49 -3.90 18.56
C SER D 117 29.65 -2.95 18.83
N GLU D 118 29.37 -1.64 18.87
CA GLU D 118 30.41 -0.67 19.19
C GLU D 118 30.88 -0.84 20.63
N MET D 119 29.95 -1.13 21.54
CA MET D 119 30.35 -1.39 22.92
C MET D 119 31.23 -2.63 22.99
N ASP D 120 30.90 -3.64 22.20
CA ASP D 120 31.73 -4.84 22.13
C ASP D 120 33.09 -4.54 21.49
N LYS D 121 33.12 -3.69 20.47
CA LYS D 121 34.40 -3.30 19.86
C LYS D 121 35.30 -2.60 20.87
N LEU D 122 34.72 -1.76 21.72
CA LEU D 122 35.52 -1.12 22.76
C LEU D 122 35.99 -2.15 23.77
N TYR D 123 35.11 -3.10 24.12
CA TYR D 123 35.44 -4.16 25.06
C TYR D 123 36.59 -5.04 24.55
N GLU D 124 36.49 -5.46 23.30
CA GLU D 124 37.56 -6.25 22.69
C GLU D 124 38.83 -5.44 22.53
N ARG D 125 38.72 -4.14 22.20
CA ARG D 125 39.94 -3.35 22.09
C ARG D 125 40.67 -3.30 23.43
N VAL D 126 39.93 -3.14 24.52
CA VAL D 126 40.57 -3.16 25.85
C VAL D 126 41.18 -4.52 26.14
N LYS D 127 40.47 -5.61 25.81
CA LYS D 127 41.03 -6.94 26.05
C LYS D 127 42.29 -7.18 25.23
N ARG D 128 42.27 -6.74 23.96
CA ARG D 128 43.39 -6.91 23.06
C ARG D 128 44.59 -6.09 23.51
N GLN D 129 44.33 -4.89 24.03
CA GLN D 129 45.39 -4.02 24.48
C GLN D 129 46.01 -4.52 25.78
N LEU D 130 45.20 -5.09 26.67
CA LEU D 130 45.70 -5.59 27.95
C LEU D 130 46.36 -6.97 27.86
N ARG D 131 45.96 -7.81 26.90
CA ARG D 131 46.51 -9.17 26.74
C ARG D 131 46.34 -9.95 28.05
N GLU D 132 47.39 -10.64 28.54
CA GLU D 132 47.36 -11.44 29.75
C GLU D 132 47.36 -10.62 31.03
N ASN D 133 47.49 -9.31 30.96
CA ASN D 133 47.55 -8.49 32.17
C ASN D 133 46.18 -8.22 32.77
N ALA D 134 45.10 -8.66 32.12
CA ALA D 134 43.76 -8.46 32.63
C ALA D 134 42.92 -9.65 32.24
N GLU D 135 41.89 -9.93 33.05
CA GLU D 135 40.96 -11.01 32.77
C GLU D 135 39.54 -10.52 32.95
N GLU D 136 38.68 -10.79 31.97
CA GLU D 136 37.28 -10.40 32.12
C GLU D 136 36.63 -11.21 33.22
N ASP D 137 35.79 -10.56 34.02
CA ASP D 137 35.07 -11.20 35.11
C ASP D 137 33.66 -11.63 34.73
N GLY D 138 33.24 -11.41 33.49
CA GLY D 138 31.92 -11.82 33.03
C GLY D 138 30.79 -10.86 33.32
N THR D 139 31.06 -9.72 33.98
CA THR D 139 30.01 -8.75 34.31
C THR D 139 30.31 -7.39 33.69
N GLY D 140 31.18 -7.34 32.69
CA GLY D 140 31.48 -6.12 31.97
C GLY D 140 32.71 -5.39 32.46
N CYS D 141 33.54 -6.04 33.26
CA CYS D 141 34.74 -5.43 33.81
C CYS D 141 35.90 -6.36 33.53
N PHE D 142 37.11 -5.81 33.55
CA PHE D 142 38.32 -6.60 33.45
C PHE D 142 39.06 -6.41 34.77
N GLU D 143 39.40 -7.51 35.42
CA GLU D 143 40.18 -7.44 36.63
C GLU D 143 41.65 -7.34 36.24
N ILE D 144 42.34 -6.37 36.84
CA ILE D 144 43.74 -6.11 36.60
C ILE D 144 44.46 -6.81 37.74
N PHE D 145 45.40 -7.70 37.40
CA PHE D 145 46.04 -8.50 38.42
C PHE D 145 47.18 -7.75 39.11
N HIS D 146 47.99 -7.02 38.36
CA HIS D 146 48.99 -6.17 38.98
C HIS D 146 48.36 -4.87 39.46
N LYS D 147 49.00 -4.24 40.43
CA LYS D 147 48.55 -2.94 40.89
C LYS D 147 49.06 -1.85 39.96
N CYS D 148 48.30 -0.77 39.85
CA CYS D 148 48.72 0.37 39.04
C CYS D 148 47.98 1.62 39.51
N ASP D 149 48.40 2.75 38.96
CA ASP D 149 47.86 4.06 39.31
C ASP D 149 46.83 4.50 38.26
N ASP D 150 46.26 5.69 38.49
CA ASP D 150 45.28 6.25 37.55
C ASP D 150 45.88 6.55 36.19
N ASP D 151 47.18 6.89 36.12
CA ASP D 151 47.77 7.32 34.86
C ASP D 151 47.84 6.20 33.82
N CYS D 152 48.15 4.98 34.25
CA CYS D 152 48.22 3.89 33.27
C CYS D 152 46.83 3.50 32.81
N MET D 153 45.82 3.67 33.68
CA MET D 153 44.48 3.39 33.24
C MET D 153 43.96 4.49 32.32
N ALA D 154 44.40 5.72 32.55
CA ALA D 154 44.08 6.78 31.60
C ALA D 154 44.75 6.48 30.26
N SER D 155 45.95 5.91 30.29
CA SER D 155 46.60 5.49 29.06
C SER D 155 45.77 4.41 28.37
N ILE D 156 45.12 3.53 29.16
CA ILE D 156 44.22 2.55 28.54
C ILE D 156 43.10 3.28 27.82
N ARG D 157 42.49 4.25 28.49
CA ARG D 157 41.48 5.06 27.82
C ARG D 157 42.10 5.80 26.63
N ASN D 158 43.35 6.23 26.77
CA ASN D 158 44.06 6.97 25.74
C ASN D 158 44.56 6.07 24.61
N ASN D 159 44.43 4.75 24.75
CA ASN D 159 44.88 3.79 23.74
C ASN D 159 46.40 3.82 23.58
N THR D 160 47.12 4.03 24.69
CA THR D 160 48.58 4.10 24.69
C THR D 160 49.19 3.19 25.76
N TYR D 161 48.46 2.18 26.23
CA TYR D 161 48.98 1.28 27.25
C TYR D 161 49.87 0.24 26.57
N ASP D 162 51.14 0.20 26.97
CA ASP D 162 52.13 -0.72 26.41
C ASP D 162 52.18 -1.99 27.25
N HIS D 163 51.83 -3.12 26.64
CA HIS D 163 51.84 -4.38 27.36
C HIS D 163 53.25 -4.90 27.63
N SER D 164 54.29 -4.33 27.00
CA SER D 164 55.66 -4.81 27.17
C SER D 164 56.21 -4.26 28.50
N LYS D 165 55.62 -4.75 29.58
CA LYS D 165 55.94 -4.39 30.95
C LYS D 165 56.43 -5.65 31.67
N TYR D 166 56.60 -5.53 33.00
CA TYR D 166 57.03 -6.65 33.82
C TYR D 166 55.87 -7.64 33.98
N ARG D 167 55.67 -8.42 32.91
CA ARG D 167 54.56 -9.37 32.83
C ARG D 167 54.59 -10.37 33.98
N GLU D 168 55.79 -10.73 34.45
CA GLU D 168 55.95 -11.75 35.49
C GLU D 168 55.13 -11.45 36.74
N GLU D 169 55.00 -10.17 37.11
CA GLU D 169 54.20 -9.87 38.29
C GLU D 169 52.74 -10.24 38.08
N ALA D 170 52.18 -9.88 36.92
CA ALA D 170 50.81 -10.26 36.62
C ALA D 170 50.65 -11.77 36.54
N MET D 171 51.65 -12.46 35.99
CA MET D 171 51.57 -13.92 35.87
C MET D 171 51.63 -14.57 37.23
N GLN D 172 52.47 -14.06 38.13
CA GLN D 172 52.54 -14.59 39.48
C GLN D 172 51.23 -14.33 40.23
N ASN D 173 50.62 -13.17 39.97
CA ASN D 173 49.36 -12.86 40.63
C ASN D 173 48.24 -13.76 40.13
N ARG D 174 48.26 -14.13 38.85
CA ARG D 174 47.27 -15.09 38.36
C ARG D 174 47.53 -16.49 38.91
N ILE D 175 48.79 -16.92 38.94
CA ILE D 175 49.13 -18.25 39.42
C ILE D 175 49.55 -18.15 40.89
N ASP E 1 37.27 -33.95 31.73
CA ASP E 1 35.85 -33.95 31.30
C ASP E 1 35.59 -32.83 30.31
N LYS E 2 34.53 -32.99 29.52
CA LYS E 2 34.20 -32.07 28.45
C LYS E 2 32.69 -31.82 28.44
N ILE E 3 32.31 -30.60 28.09
CA ILE E 3 30.92 -30.22 27.85
C ILE E 3 30.82 -29.66 26.45
N CYS E 4 29.72 -29.95 25.78
CA CYS E 4 29.43 -29.44 24.45
C CYS E 4 28.10 -28.70 24.45
N LEU E 5 28.10 -27.55 23.81
CA LEU E 5 26.92 -26.72 23.64
C LEU E 5 26.47 -26.87 22.20
N GLY E 6 25.17 -26.80 21.99
CA GLY E 6 24.67 -26.95 20.66
C GLY E 6 23.16 -26.82 20.61
N HIS E 7 22.61 -27.34 19.53
CA HIS E 7 21.20 -27.19 19.24
C HIS E 7 20.62 -28.46 18.64
N HIS E 8 19.29 -28.48 18.58
CA HIS E 8 18.56 -29.63 18.08
C HIS E 8 18.60 -29.67 16.57
N ALA E 9 18.10 -30.75 16.00
CA ALA E 9 18.08 -30.93 14.56
C ALA E 9 17.00 -31.95 14.23
N VAL E 10 16.61 -31.99 12.96
CA VAL E 10 15.68 -32.99 12.46
C VAL E 10 16.31 -33.64 11.23
N SER E 11 15.85 -34.86 10.92
CA SER E 11 16.36 -35.56 9.75
C SER E 11 15.81 -34.96 8.45
N ASN E 12 14.61 -34.40 8.49
CA ASN E 12 14.00 -33.80 7.32
C ASN E 12 13.27 -32.53 7.75
N GLY E 13 13.79 -31.38 7.32
CA GLY E 13 13.23 -30.09 7.65
C GLY E 13 12.52 -29.51 6.44
N THR E 14 12.53 -28.18 6.33
CA THR E 14 11.89 -27.51 5.21
C THR E 14 12.85 -26.42 4.73
N LYS E 15 12.68 -25.97 3.49
CA LYS E 15 13.61 -25.00 2.91
C LYS E 15 12.95 -23.63 2.82
N VAL E 16 13.78 -22.61 3.05
CA VAL E 16 13.36 -21.21 2.99
C VAL E 16 14.30 -20.43 2.09
N ASN E 17 13.79 -19.31 1.59
CA ASN E 17 14.53 -18.37 0.77
C ASN E 17 15.09 -17.24 1.64
N THR E 18 16.41 -17.12 1.67
CA THR E 18 17.11 -16.07 2.40
C THR E 18 17.66 -15.05 1.41
N LEU E 19 18.28 -13.99 1.94
CA LEU E 19 18.77 -12.92 1.10
C LEU E 19 19.87 -13.39 0.14
N THR E 20 20.75 -14.28 0.60
CA THR E 20 21.88 -14.73 -0.22
C THR E 20 21.76 -16.13 -0.80
N GLU E 21 20.98 -17.04 -0.20
CA GLU E 21 20.87 -18.41 -0.68
C GLU E 21 19.41 -18.87 -0.74
N ARG E 22 19.05 -19.44 -1.88
CA ARG E 22 17.67 -19.80 -2.22
C ARG E 22 17.11 -20.96 -1.40
N GLY E 23 17.94 -21.89 -0.95
CA GLY E 23 17.43 -23.11 -0.33
C GLY E 23 17.99 -23.46 1.04
N VAL E 24 17.84 -22.57 2.03
CA VAL E 24 18.39 -22.87 3.35
C VAL E 24 17.43 -23.82 4.06
N GLU E 25 17.95 -24.95 4.52
CA GLU E 25 17.12 -25.88 5.25
C GLU E 25 17.01 -25.41 6.70
N VAL E 26 15.79 -25.39 7.22
CA VAL E 26 15.51 -25.02 8.60
C VAL E 26 14.70 -26.12 9.26
N VAL E 27 14.72 -26.11 10.58
CA VAL E 27 13.98 -27.08 11.38
C VAL E 27 12.48 -26.89 11.17
N ASN E 28 12.02 -25.65 11.16
CA ASN E 28 10.60 -25.35 11.04
C ASN E 28 10.42 -24.03 10.30
N ALA E 29 9.28 -23.91 9.63
CA ALA E 29 8.90 -22.70 8.94
C ALA E 29 7.40 -22.75 8.73
N THR E 30 6.79 -21.58 8.58
CA THR E 30 5.36 -21.49 8.30
C THR E 30 5.10 -20.65 7.06
N GLU E 31 3.97 -20.92 6.43
CA GLU E 31 3.56 -20.16 5.27
C GLU E 31 3.13 -18.76 5.66
N THR E 32 3.47 -17.78 4.82
CA THR E 32 2.97 -16.42 4.90
C THR E 32 1.98 -16.13 3.79
N VAL E 33 1.85 -17.04 2.81
CA VAL E 33 0.95 -16.89 1.68
C VAL E 33 -0.12 -17.95 1.83
N GLU E 34 -1.38 -17.52 2.01
CA GLU E 34 -2.48 -18.44 2.18
C GLU E 34 -2.95 -18.96 0.83
N ARG E 35 -3.02 -20.29 0.72
CA ARG E 35 -3.54 -20.95 -0.47
C ARG E 35 -4.80 -21.76 -0.23
N THR E 36 -5.16 -22.04 1.02
CA THR E 36 -6.35 -22.83 1.32
C THR E 36 -7.56 -21.91 1.39
N ASN E 37 -8.70 -22.40 0.91
CA ASN E 37 -9.94 -21.65 0.98
C ASN E 37 -11.09 -22.62 1.16
N ILE E 38 -12.25 -22.08 1.49
CA ILE E 38 -13.50 -22.82 1.66
C ILE E 38 -14.42 -22.49 0.49
N PRO E 39 -14.90 -23.47 -0.28
CA PRO E 39 -15.78 -23.15 -1.42
C PRO E 39 -17.07 -22.40 -1.08
N ARG E 40 -17.42 -22.22 0.20
CA ARG E 40 -18.66 -21.58 0.60
C ARG E 40 -18.38 -20.20 1.17
N ILE E 41 -19.41 -19.35 1.15
CA ILE E 41 -19.32 -17.99 1.70
C ILE E 41 -19.58 -18.01 3.19
N CYS E 42 -18.60 -17.55 3.97
CA CYS E 42 -18.70 -17.51 5.42
C CYS E 42 -19.35 -16.20 5.83
N SER E 43 -20.61 -16.27 6.28
CA SER E 43 -21.36 -15.06 6.63
C SER E 43 -22.15 -15.36 7.90
N LYS E 44 -21.45 -15.29 9.02
CA LYS E 44 -22.00 -15.52 10.35
C LYS E 44 -21.92 -14.21 11.12
N GLY E 45 -22.96 -13.90 11.87
CA GLY E 45 -22.91 -12.68 12.66
C GLY E 45 -23.13 -11.43 11.84
N LYS E 46 -23.58 -11.57 10.60
CA LYS E 46 -23.75 -10.47 9.68
C LYS E 46 -25.09 -10.65 8.98
N ARG E 47 -25.77 -9.55 8.69
CA ARG E 47 -26.98 -9.64 7.89
C ARG E 47 -26.56 -9.83 6.45
N THR E 48 -27.00 -10.93 5.84
CA THR E 48 -26.60 -11.32 4.50
C THR E 48 -27.81 -11.40 3.60
N VAL E 49 -27.73 -10.75 2.45
CA VAL E 49 -28.76 -10.79 1.42
C VAL E 49 -28.19 -11.53 0.23
N ASP E 50 -28.79 -12.68 -0.09
CA ASP E 50 -28.34 -13.51 -1.21
C ASP E 50 -29.20 -13.13 -2.40
N LEU E 51 -28.63 -12.33 -3.30
CA LEU E 51 -29.38 -11.75 -4.42
C LEU E 51 -29.47 -12.73 -5.58
N GLY E 52 -30.12 -13.85 -5.32
CA GLY E 52 -30.31 -14.83 -6.37
C GLY E 52 -31.25 -14.31 -7.43
N GLN E 53 -30.88 -14.53 -8.69
CA GLN E 53 -31.61 -14.07 -9.87
C GLN E 53 -31.78 -12.55 -9.94
N CYS E 54 -31.06 -11.79 -9.11
CA CYS E 54 -31.21 -10.34 -9.03
C CYS E 54 -29.85 -9.68 -8.83
N GLY E 55 -29.59 -8.62 -9.60
CA GLY E 55 -28.37 -7.85 -9.47
C GLY E 55 -28.50 -6.77 -8.42
N LEU E 56 -27.40 -6.04 -8.20
CA LEU E 56 -27.42 -4.96 -7.21
C LEU E 56 -28.38 -3.84 -7.62
N LEU E 57 -28.47 -3.55 -8.91
CA LEU E 57 -29.29 -2.42 -9.34
C LEU E 57 -30.75 -2.80 -9.43
N GLY E 58 -31.05 -4.11 -9.47
CA GLY E 58 -32.43 -4.58 -9.47
C GLY E 58 -33.15 -4.30 -8.17
N THR E 59 -32.41 -3.97 -7.12
CA THR E 59 -33.06 -3.61 -5.87
C THR E 59 -33.52 -2.17 -5.89
N ILE E 60 -33.17 -1.41 -6.92
CA ILE E 60 -33.61 -0.03 -7.08
C ILE E 60 -34.81 0.06 -8.02
N THR E 61 -34.76 -0.63 -9.16
CA THR E 61 -35.83 -0.52 -10.15
C THR E 61 -36.94 -1.56 -9.93
N GLY E 62 -36.63 -2.69 -9.29
CA GLY E 62 -37.64 -3.66 -8.95
C GLY E 62 -38.19 -4.55 -10.04
N PRO E 63 -37.35 -5.30 -10.75
CA PRO E 63 -37.89 -6.31 -11.68
C PRO E 63 -38.56 -7.42 -10.88
N PRO E 64 -39.48 -8.18 -11.48
CA PRO E 64 -40.16 -9.24 -10.71
C PRO E 64 -39.23 -10.17 -9.96
N GLN E 65 -38.11 -10.54 -10.56
CA GLN E 65 -37.17 -11.46 -9.93
C GLN E 65 -36.54 -10.91 -8.66
N CYS E 66 -36.66 -9.62 -8.40
CA CYS E 66 -36.09 -8.98 -7.22
C CYS E 66 -37.14 -8.48 -6.24
N ASP E 67 -38.40 -8.93 -6.38
CA ASP E 67 -39.49 -8.34 -5.58
C ASP E 67 -39.22 -8.42 -4.09
N GLN E 68 -38.60 -9.51 -3.61
CA GLN E 68 -38.36 -9.66 -2.18
C GLN E 68 -37.21 -8.82 -1.64
N PHE E 69 -36.41 -8.17 -2.49
CA PHE E 69 -35.23 -7.42 -2.06
C PHE E 69 -35.38 -5.92 -2.21
N LEU E 70 -36.59 -5.41 -2.43
CA LEU E 70 -36.75 -3.98 -2.71
C LEU E 70 -36.29 -3.11 -1.55
N GLU E 71 -36.55 -3.53 -0.31
CA GLU E 71 -36.20 -2.75 0.89
C GLU E 71 -35.22 -3.52 1.78
N PHE E 72 -34.36 -4.32 1.15
CA PHE E 72 -33.46 -5.19 1.90
C PHE E 72 -32.54 -4.40 2.84
N SER E 73 -32.16 -5.07 3.93
CA SER E 73 -31.26 -4.52 4.94
C SER E 73 -30.17 -5.56 5.14
N ALA E 74 -28.90 -5.14 4.96
CA ALA E 74 -27.83 -6.13 5.03
C ALA E 74 -26.52 -5.45 5.38
N ASP E 75 -25.62 -6.25 5.97
CA ASP E 75 -24.23 -5.91 6.17
C ASP E 75 -23.35 -6.47 5.06
N LEU E 76 -23.75 -7.60 4.48
CA LEU E 76 -23.03 -8.24 3.39
C LEU E 76 -24.01 -8.46 2.25
N ILE E 77 -23.67 -7.96 1.07
CA ILE E 77 -24.53 -8.05 -0.12
C ILE E 77 -23.78 -8.91 -1.12
N ILE E 78 -24.42 -10.00 -1.55
CA ILE E 78 -23.83 -10.97 -2.46
C ILE E 78 -24.54 -10.90 -3.79
N GLU E 79 -23.81 -10.48 -4.83
CA GLU E 79 -24.34 -10.41 -6.18
C GLU E 79 -23.99 -11.71 -6.89
N ARG E 80 -24.89 -12.20 -7.74
CA ARG E 80 -24.73 -13.48 -8.41
C ARG E 80 -24.56 -13.33 -9.91
N ARG E 81 -23.74 -14.22 -10.49
CA ARG E 81 -23.50 -14.22 -11.92
C ARG E 81 -24.78 -14.49 -12.69
N GLU E 82 -25.63 -15.39 -12.18
CA GLU E 82 -26.84 -15.76 -12.90
C GLU E 82 -27.95 -14.73 -12.78
N GLY E 83 -27.75 -13.69 -11.95
CA GLY E 83 -28.76 -12.68 -11.74
C GLY E 83 -28.70 -11.61 -12.80
N SER E 84 -29.65 -10.70 -12.71
CA SER E 84 -29.73 -9.59 -13.65
C SER E 84 -30.29 -8.37 -12.94
N ASP E 85 -29.86 -7.20 -13.39
CA ASP E 85 -30.36 -5.94 -12.89
C ASP E 85 -31.61 -5.46 -13.62
N VAL E 86 -31.79 -5.89 -14.85
CA VAL E 86 -32.77 -5.32 -15.76
C VAL E 86 -33.61 -6.46 -16.29
N CYS E 87 -34.95 -6.31 -16.26
CA CYS E 87 -35.84 -7.31 -16.85
C CYS E 87 -36.30 -6.88 -18.24
N PHE E 88 -36.94 -5.72 -18.36
CA PHE E 88 -37.19 -5.18 -19.68
C PHE E 88 -35.86 -4.67 -20.20
N PRO E 89 -35.43 -5.05 -21.41
CA PRO E 89 -34.04 -4.80 -21.84
C PRO E 89 -33.56 -3.37 -21.66
N GLY E 90 -32.31 -3.23 -21.21
CA GLY E 90 -31.77 -1.91 -20.94
C GLY E 90 -30.51 -2.00 -20.10
N LYS E 91 -30.05 -0.84 -19.67
CA LYS E 91 -28.83 -0.71 -18.86
C LYS E 91 -28.83 0.67 -18.24
N PHE E 92 -27.89 0.89 -17.32
CA PHE E 92 -27.70 2.17 -16.66
C PHE E 92 -26.48 2.87 -17.25
N VAL E 93 -26.47 4.19 -17.16
CA VAL E 93 -25.26 4.97 -17.39
C VAL E 93 -24.52 5.06 -16.07
N ASN E 94 -23.19 4.91 -16.11
CA ASN E 94 -22.38 4.88 -14.89
C ASN E 94 -22.81 3.73 -13.98
N GLU E 95 -22.91 2.53 -14.57
CA GLU E 95 -23.31 1.36 -13.81
C GLU E 95 -22.37 1.11 -12.64
N GLU E 96 -21.07 1.30 -12.87
CA GLU E 96 -20.09 0.93 -11.84
C GLU E 96 -20.16 1.87 -10.65
N ALA E 97 -20.35 3.18 -10.89
CA ALA E 97 -20.45 4.11 -9.77
C ALA E 97 -21.68 3.80 -8.92
N LEU E 98 -22.79 3.46 -9.56
CA LEU E 98 -24.00 3.18 -8.80
C LEU E 98 -23.87 1.86 -8.04
N ARG E 99 -23.26 0.85 -8.65
CA ARG E 99 -23.06 -0.40 -7.92
C ARG E 99 -22.13 -0.18 -6.74
N GLN E 100 -21.08 0.63 -6.92
CA GLN E 100 -20.18 0.92 -5.81
C GLN E 100 -20.90 1.64 -4.68
N ILE E 101 -21.81 2.55 -5.03
CA ILE E 101 -22.61 3.21 -4.00
C ILE E 101 -23.50 2.20 -3.27
N LEU E 102 -24.15 1.30 -4.01
CA LEU E 102 -25.07 0.36 -3.38
C LEU E 102 -24.33 -0.66 -2.51
N ARG E 103 -23.15 -1.10 -2.91
CA ARG E 103 -22.41 -2.09 -2.12
C ARG E 103 -22.08 -1.54 -0.73
N GLU E 104 -21.68 -0.28 -0.65
CA GLU E 104 -21.36 0.37 0.61
C GLU E 104 -22.59 0.95 1.31
N SER E 105 -23.76 0.85 0.70
CA SER E 105 -24.94 1.59 1.14
C SER E 105 -25.48 1.19 2.49
N GLY E 106 -25.23 -0.05 2.94
CA GLY E 106 -25.83 -0.48 4.19
C GLY E 106 -27.22 -1.06 4.03
N GLY E 107 -27.75 -1.05 2.82
CA GLY E 107 -29.10 -1.46 2.51
C GLY E 107 -29.88 -0.25 2.00
N ILE E 108 -31.14 -0.49 1.65
CA ILE E 108 -31.98 0.52 1.01
C ILE E 108 -33.19 0.79 1.88
N ASP E 109 -33.40 2.07 2.21
CA ASP E 109 -34.58 2.55 2.93
C ASP E 109 -35.35 3.47 1.98
N LYS E 110 -36.46 2.98 1.42
CA LYS E 110 -37.18 3.78 0.44
C LYS E 110 -38.32 4.58 1.06
N GLU E 111 -38.58 5.75 0.47
CA GLU E 111 -39.75 6.56 0.81
C GLU E 111 -40.41 7.09 -0.45
N ALA E 112 -41.74 7.04 -0.48
CA ALA E 112 -42.49 7.49 -1.65
C ALA E 112 -42.27 8.97 -1.92
N MET E 113 -42.18 9.32 -3.20
CA MET E 113 -41.99 10.70 -3.62
C MET E 113 -43.29 11.48 -3.68
N GLY E 114 -44.43 10.80 -3.82
CA GLY E 114 -45.71 11.49 -3.85
C GLY E 114 -46.13 12.08 -5.18
N PHE E 115 -45.70 11.50 -6.31
CA PHE E 115 -46.08 12.03 -7.61
C PHE E 115 -47.46 11.50 -7.99
N THR E 116 -48.38 12.42 -8.26
CA THR E 116 -49.74 12.10 -8.67
C THR E 116 -49.94 12.53 -10.12
N TYR E 117 -50.49 11.63 -10.93
CA TYR E 117 -50.69 11.86 -12.36
C TYR E 117 -52.18 11.78 -12.68
N SER E 118 -52.59 12.52 -13.70
CA SER E 118 -53.97 12.55 -14.17
C SER E 118 -53.99 12.70 -15.68
N GLY E 119 -54.80 11.89 -16.35
CA GLY E 119 -54.82 11.89 -17.81
C GLY E 119 -53.74 11.04 -18.42
N ILE E 120 -53.08 10.19 -17.63
CA ILE E 120 -51.96 9.37 -18.05
C ILE E 120 -52.24 7.93 -17.66
N ARG E 121 -51.89 7.00 -18.53
CA ARG E 121 -51.95 5.59 -18.21
C ARG E 121 -50.62 5.25 -17.54
N THR E 122 -50.71 4.61 -16.39
CA THR E 122 -49.54 4.32 -15.57
C THR E 122 -49.27 2.82 -15.54
N ASN E 123 -50.00 2.03 -16.33
CA ASN E 123 -49.86 0.58 -16.27
C ASN E 123 -48.51 0.15 -16.84
N GLY E 124 -48.27 0.44 -18.11
CA GLY E 124 -46.97 0.16 -18.70
C GLY E 124 -46.65 -1.31 -18.84
N ALA E 125 -47.66 -2.17 -18.97
CA ALA E 125 -47.44 -3.60 -18.98
C ALA E 125 -46.51 -4.01 -20.10
N THR E 126 -45.60 -4.93 -19.80
CA THR E 126 -44.66 -5.49 -20.77
C THR E 126 -44.57 -6.99 -20.58
N SER E 127 -44.53 -7.72 -21.69
CA SER E 127 -44.42 -9.17 -21.63
C SER E 127 -43.05 -9.64 -21.17
N SER E 128 -42.03 -8.78 -21.19
CA SER E 128 -40.69 -9.20 -20.79
C SER E 128 -40.53 -9.31 -19.28
N CYS E 129 -41.41 -8.67 -18.50
CA CYS E 129 -41.34 -8.67 -17.04
C CYS E 129 -42.71 -9.15 -16.58
N ARG E 130 -42.74 -10.25 -15.81
CA ARG E 130 -44.00 -10.83 -15.38
C ARG E 130 -43.97 -11.28 -13.92
N ARG E 131 -45.11 -11.13 -13.29
CA ARG E 131 -45.55 -11.65 -11.99
C ARG E 131 -46.85 -12.40 -12.15
N SER E 132 -47.74 -11.89 -12.99
CA SER E 132 -49.00 -12.48 -13.40
C SER E 132 -49.39 -11.64 -14.61
N GLY E 133 -49.82 -12.28 -15.70
CA GLY E 133 -50.13 -11.51 -16.89
C GLY E 133 -48.88 -10.79 -17.36
N SER E 134 -49.00 -9.46 -17.52
CA SER E 134 -47.90 -8.60 -17.94
C SER E 134 -47.77 -7.48 -16.92
N SER E 135 -46.61 -7.35 -16.29
CA SER E 135 -46.43 -6.40 -15.20
C SER E 135 -45.03 -5.79 -15.23
N PHE E 136 -44.98 -4.47 -15.31
CA PHE E 136 -43.76 -3.68 -15.43
C PHE E 136 -43.04 -3.65 -14.08
N TYR E 137 -41.91 -2.93 -14.03
CA TYR E 137 -41.14 -2.78 -12.80
C TYR E 137 -42.02 -2.29 -11.68
N ALA E 138 -41.90 -2.93 -10.51
CA ALA E 138 -42.77 -2.58 -9.39
C ALA E 138 -42.55 -1.14 -8.95
N GLU E 139 -41.31 -0.66 -9.02
CA GLU E 139 -40.94 0.64 -8.44
C GLU E 139 -40.84 1.76 -9.46
N MET E 140 -41.12 1.50 -10.74
CA MET E 140 -41.05 2.50 -11.79
C MET E 140 -42.40 2.52 -12.50
N LYS E 141 -42.83 3.70 -12.90
CA LYS E 141 -44.09 3.90 -13.58
C LYS E 141 -43.81 4.35 -15.01
N TRP E 142 -44.18 3.52 -15.98
CA TRP E 142 -44.01 3.81 -17.40
C TRP E 142 -45.19 4.64 -17.91
N LEU E 143 -45.01 5.96 -17.94
CA LEU E 143 -46.05 6.92 -18.30
C LEU E 143 -46.40 6.89 -19.78
N LEU E 144 -47.25 5.95 -20.17
CA LEU E 144 -47.75 5.95 -21.54
C LEU E 144 -48.54 7.22 -21.78
N SER E 145 -48.56 7.68 -23.04
CA SER E 145 -49.35 8.87 -23.38
C SER E 145 -50.80 8.49 -23.68
N ASN E 146 -51.52 8.12 -22.61
CA ASN E 146 -52.96 7.93 -22.67
C ASN E 146 -53.33 6.98 -23.82
N THR E 147 -54.39 7.24 -24.57
CA THR E 147 -54.75 6.36 -25.67
C THR E 147 -53.76 6.59 -26.80
N ASP E 148 -53.74 5.65 -27.75
CA ASP E 148 -52.68 5.62 -28.75
C ASP E 148 -52.66 6.92 -29.56
N ASN E 149 -51.45 7.40 -29.86
CA ASN E 149 -51.19 8.59 -30.67
C ASN E 149 -51.48 9.91 -29.94
N ALA E 150 -52.14 9.86 -28.78
CA ALA E 150 -52.40 11.07 -28.00
C ALA E 150 -51.09 11.75 -27.61
N ALA E 151 -51.14 13.09 -27.56
CA ALA E 151 -49.99 13.89 -27.15
C ALA E 151 -49.73 13.75 -25.66
N PHE E 152 -48.44 13.82 -25.30
CA PHE E 152 -48.00 13.75 -23.90
C PHE E 152 -47.70 15.17 -23.43
N PRO E 153 -48.37 15.70 -22.39
CA PRO E 153 -48.08 17.07 -21.97
C PRO E 153 -46.70 17.20 -21.33
N GLN E 154 -46.14 18.41 -21.41
CA GLN E 154 -44.81 18.69 -20.91
C GLN E 154 -44.92 18.94 -19.40
N MET E 155 -44.85 17.85 -18.63
CA MET E 155 -45.01 17.93 -17.18
C MET E 155 -43.73 18.32 -16.46
N THR E 156 -43.94 18.97 -15.31
CA THR E 156 -42.88 19.33 -14.37
C THR E 156 -43.23 18.73 -13.01
N LYS E 157 -42.28 18.02 -12.41
CA LYS E 157 -42.44 17.37 -11.11
C LYS E 157 -41.21 17.66 -10.28
N SER E 158 -41.36 17.64 -8.95
CA SER E 158 -40.20 17.87 -8.09
C SER E 158 -40.31 17.07 -6.80
N TYR E 159 -39.14 16.74 -6.26
CA TYR E 159 -39.00 16.01 -5.00
C TYR E 159 -37.97 16.72 -4.13
N LYS E 160 -38.35 17.03 -2.88
CA LYS E 160 -37.46 17.62 -1.91
C LYS E 160 -36.98 16.56 -0.92
N ASN E 161 -35.67 16.53 -0.68
CA ASN E 161 -35.05 15.58 0.26
C ASN E 161 -34.96 16.23 1.63
N THR E 162 -35.85 15.83 2.53
CA THR E 162 -35.92 16.40 3.87
C THR E 162 -35.12 15.60 4.91
N ARG E 163 -34.54 14.47 4.54
CA ARG E 163 -33.80 13.64 5.49
C ARG E 163 -32.35 14.10 5.63
N LYS E 164 -31.71 13.62 6.70
CA LYS E 164 -30.31 13.92 6.96
C LYS E 164 -29.38 13.32 5.90
N ASN E 165 -29.73 12.12 5.36
CA ASN E 165 -28.88 11.46 4.37
C ASN E 165 -29.27 11.89 2.96
N PRO E 166 -28.34 11.86 1.99
CA PRO E 166 -28.72 12.15 0.61
C PRO E 166 -29.59 11.06 0.02
N ALA E 167 -30.45 11.45 -0.92
CA ALA E 167 -31.37 10.53 -1.58
C ALA E 167 -30.77 10.05 -2.89
N LEU E 168 -30.98 8.76 -3.20
CA LEU E 168 -30.62 8.21 -4.51
C LEU E 168 -31.89 8.17 -5.35
N ILE E 169 -31.91 8.96 -6.42
CA ILE E 169 -33.08 9.09 -7.28
C ILE E 169 -32.73 8.51 -8.64
N VAL E 170 -33.54 7.56 -9.11
CA VAL E 170 -33.30 6.84 -10.36
C VAL E 170 -34.50 7.00 -11.26
N TRP E 171 -34.24 7.20 -12.55
CA TRP E 171 -35.28 7.37 -13.56
C TRP E 171 -34.74 6.74 -14.83
N GLY E 172 -35.60 6.57 -15.84
CA GLY E 172 -35.14 6.05 -17.11
C GLY E 172 -35.68 6.84 -18.31
N ILE E 173 -35.11 6.49 -19.46
CA ILE E 173 -35.51 7.02 -20.76
C ILE E 173 -35.85 5.80 -21.61
N HIS E 174 -37.00 5.84 -22.27
CA HIS E 174 -37.44 4.72 -23.10
C HIS E 174 -37.09 4.95 -24.55
N HIS E 175 -36.33 4.02 -25.12
CA HIS E 175 -35.99 3.99 -26.53
C HIS E 175 -36.97 3.00 -27.14
N SER E 176 -37.95 3.51 -27.90
CA SER E 176 -39.08 2.69 -28.29
C SER E 176 -38.69 1.54 -29.20
N GLY E 177 -37.59 1.67 -29.95
CA GLY E 177 -37.17 0.67 -30.91
C GLY E 177 -37.58 0.96 -32.34
N SER E 178 -38.44 1.95 -32.54
CA SER E 178 -38.86 2.39 -33.87
C SER E 178 -39.52 3.75 -33.70
N THR E 179 -39.62 4.50 -34.79
CA THR E 179 -40.35 5.75 -34.73
C THR E 179 -41.86 5.52 -34.76
N ALA E 180 -42.30 4.42 -35.39
CA ALA E 180 -43.73 4.12 -35.40
C ALA E 180 -44.21 3.82 -33.99
N GLU E 181 -43.41 3.08 -33.23
CA GLU E 181 -43.80 2.73 -31.88
C GLU E 181 -43.71 3.92 -30.94
N GLN E 182 -42.70 4.79 -31.11
CA GLN E 182 -42.64 5.98 -30.27
C GLN E 182 -43.82 6.91 -30.57
N THR E 183 -44.17 7.08 -31.85
CA THR E 183 -45.32 7.92 -32.18
C THR E 183 -46.61 7.34 -31.63
N LYS E 184 -46.78 6.03 -31.72
CA LYS E 184 -47.98 5.40 -31.17
C LYS E 184 -48.02 5.51 -29.65
N LEU E 185 -46.92 5.13 -28.99
CA LEU E 185 -46.90 5.00 -27.53
C LEU E 185 -46.87 6.34 -26.82
N TYR E 186 -46.03 7.28 -27.27
CA TYR E 186 -45.90 8.60 -26.63
C TYR E 186 -46.45 9.74 -27.48
N GLY E 187 -47.13 9.46 -28.58
CA GLY E 187 -47.62 10.51 -29.44
C GLY E 187 -46.54 10.99 -30.39
N SER E 188 -46.94 11.85 -31.31
CA SER E 188 -46.00 12.35 -32.30
C SER E 188 -45.17 13.50 -31.72
N GLY E 189 -44.09 13.83 -32.42
CA GLY E 189 -43.23 14.95 -32.07
C GLY E 189 -41.94 14.50 -31.41
N ASN E 190 -41.08 15.48 -31.18
CA ASN E 190 -39.79 15.24 -30.53
C ASN E 190 -39.97 15.28 -29.03
N LYS E 191 -39.23 14.41 -28.32
CA LYS E 191 -39.28 14.32 -26.87
C LYS E 191 -37.97 14.80 -26.26
N LEU E 192 -38.09 15.42 -25.09
CA LEU E 192 -36.95 15.92 -24.33
C LEU E 192 -37.25 15.74 -22.85
N VAL E 193 -36.28 15.23 -22.10
CA VAL E 193 -36.37 15.12 -20.65
C VAL E 193 -35.20 15.89 -20.06
N THR E 194 -35.47 16.77 -19.10
CA THR E 194 -34.43 17.50 -18.38
C THR E 194 -34.54 17.22 -16.90
N VAL E 195 -33.39 17.26 -16.22
CA VAL E 195 -33.29 17.05 -14.78
C VAL E 195 -32.42 18.15 -14.20
N GLY E 196 -32.94 18.82 -13.16
CA GLY E 196 -32.20 19.84 -12.46
C GLY E 196 -32.14 19.59 -10.96
N SER E 197 -31.11 20.18 -10.36
CA SER E 197 -30.86 20.18 -8.93
C SER E 197 -29.82 21.26 -8.68
N SER E 198 -29.44 21.43 -7.42
CA SER E 198 -28.41 22.41 -7.11
C SER E 198 -27.06 22.04 -7.74
N ASN E 199 -26.65 20.77 -7.63
CA ASN E 199 -25.34 20.33 -8.11
C ASN E 199 -25.41 19.29 -9.23
N TYR E 200 -26.54 19.14 -9.92
CA TYR E 200 -26.63 18.21 -11.03
C TYR E 200 -27.57 18.81 -12.08
N GLN E 201 -27.20 18.69 -13.35
CA GLN E 201 -28.04 19.15 -14.45
C GLN E 201 -27.80 18.24 -15.65
N GLN E 202 -28.88 17.84 -16.32
CA GLN E 202 -28.75 16.97 -17.48
C GLN E 202 -29.98 17.09 -18.36
N SER E 203 -29.81 16.68 -19.62
CA SER E 203 -30.93 16.50 -20.55
C SER E 203 -30.73 15.22 -21.33
N PHE E 204 -31.84 14.61 -21.75
CA PHE E 204 -31.86 13.35 -22.46
C PHE E 204 -32.86 13.45 -23.60
N VAL E 205 -32.58 12.74 -24.69
CA VAL E 205 -33.48 12.64 -25.85
C VAL E 205 -33.69 11.17 -26.20
N PRO E 206 -34.93 10.70 -26.39
CA PRO E 206 -35.12 9.31 -26.86
C PRO E 206 -34.50 9.07 -28.22
N SER E 207 -34.12 7.81 -28.46
CA SER E 207 -33.47 7.36 -29.70
C SER E 207 -34.31 6.25 -30.32
N PRO E 208 -35.42 6.57 -30.98
CA PRO E 208 -36.32 5.54 -31.55
C PRO E 208 -35.87 4.98 -32.89
N GLY E 209 -34.73 4.28 -32.89
CA GLY E 209 -34.20 3.76 -34.14
C GLY E 209 -34.58 2.31 -34.40
N ALA E 210 -33.62 1.41 -34.31
CA ALA E 210 -33.89 -0.02 -34.44
C ALA E 210 -32.77 -0.74 -33.69
N ARG E 211 -33.13 -1.79 -32.96
CA ARG E 211 -32.17 -2.50 -32.14
C ARG E 211 -32.43 -4.00 -32.21
N THR E 212 -31.42 -4.77 -31.82
CA THR E 212 -31.55 -6.21 -31.74
C THR E 212 -32.60 -6.58 -30.72
N GLN E 213 -33.47 -7.51 -31.09
CA GLN E 213 -34.55 -7.91 -30.19
C GLN E 213 -34.01 -8.82 -29.11
N VAL E 214 -34.24 -8.45 -27.86
CA VAL E 214 -33.77 -9.19 -26.69
C VAL E 214 -34.98 -9.49 -25.82
N ASN E 215 -35.14 -10.76 -25.46
CA ASN E 215 -36.23 -11.21 -24.60
C ASN E 215 -37.60 -10.79 -25.15
N GLY E 216 -37.74 -10.82 -26.48
CA GLY E 216 -39.00 -10.54 -27.12
C GLY E 216 -39.25 -9.11 -27.53
N GLN E 217 -38.39 -8.16 -27.14
CA GLN E 217 -38.63 -6.74 -27.41
C GLN E 217 -37.34 -6.08 -27.88
N SER E 218 -37.48 -5.13 -28.80
CA SER E 218 -36.35 -4.39 -29.37
C SER E 218 -36.08 -3.04 -28.70
N GLY E 219 -37.02 -2.50 -27.93
CA GLY E 219 -36.75 -1.24 -27.25
C GLY E 219 -35.87 -1.43 -26.04
N ARG E 220 -35.33 -0.32 -25.52
CA ARG E 220 -34.42 -0.38 -24.38
C ARG E 220 -34.70 0.77 -23.43
N ILE E 221 -34.54 0.53 -22.14
CA ILE E 221 -34.66 1.58 -21.13
C ILE E 221 -33.26 1.94 -20.64
N ASP E 222 -32.90 3.22 -20.85
CA ASP E 222 -31.60 3.74 -20.36
C ASP E 222 -31.85 4.37 -18.99
N PHE E 223 -31.29 3.79 -17.93
CA PHE E 223 -31.54 4.25 -16.57
C PHE E 223 -30.44 5.20 -16.14
N HIS E 224 -30.84 6.24 -15.42
CA HIS E 224 -29.97 7.31 -14.97
C HIS E 224 -30.22 7.49 -13.47
N TRP E 225 -29.25 8.08 -12.78
CA TRP E 225 -29.38 8.25 -11.33
C TRP E 225 -28.72 9.55 -10.88
N LEU E 226 -29.15 10.00 -9.70
CA LEU E 226 -28.75 11.27 -9.12
C LEU E 226 -28.60 11.08 -7.62
N MET E 227 -27.54 11.64 -7.04
CA MET E 227 -27.39 11.75 -5.58
C MET E 227 -27.78 13.15 -5.13
N LEU E 228 -28.86 13.25 -4.37
CA LEU E 228 -29.46 14.51 -3.95
C LEU E 228 -29.07 14.86 -2.52
N ASN E 229 -28.38 15.99 -2.36
CA ASN E 229 -27.93 16.46 -1.06
C ASN E 229 -29.12 16.78 -0.16
N PRO E 230 -28.97 16.64 1.16
CA PRO E 230 -30.05 17.01 2.09
C PRO E 230 -30.53 18.44 1.93
N ASN E 231 -31.85 18.62 2.05
CA ASN E 231 -32.58 19.88 1.95
C ASN E 231 -32.57 20.50 0.56
N ASP E 232 -32.09 19.79 -0.45
CA ASP E 232 -32.15 20.27 -1.83
C ASP E 232 -33.38 19.67 -2.51
N THR E 233 -33.61 20.05 -3.76
CA THR E 233 -34.75 19.57 -4.52
C THR E 233 -34.30 19.18 -5.91
N VAL E 234 -34.80 18.05 -6.40
CA VAL E 234 -34.65 17.63 -7.78
C VAL E 234 -35.93 17.93 -8.53
N THR E 235 -35.82 18.60 -9.67
CA THR E 235 -36.96 18.90 -10.51
C THR E 235 -36.77 18.21 -11.85
N PHE E 236 -37.79 17.48 -12.27
CA PHE E 236 -37.82 16.76 -13.53
C PHE E 236 -38.79 17.46 -14.45
N SER E 237 -38.45 17.51 -15.74
CA SER E 237 -39.34 18.08 -16.75
C SER E 237 -39.31 17.15 -17.94
N PHE E 238 -40.48 16.72 -18.41
CA PHE E 238 -40.49 15.69 -19.45
C PHE E 238 -41.70 15.80 -20.36
N ASN E 239 -41.48 15.42 -21.61
CA ASN E 239 -42.49 15.37 -22.66
C ASN E 239 -42.84 13.90 -22.91
N GLY E 240 -42.42 13.00 -22.03
CA GLY E 240 -42.64 11.57 -22.20
C GLY E 240 -41.35 10.79 -22.06
N ALA E 241 -41.51 9.48 -22.00
CA ALA E 241 -40.39 8.55 -21.84
C ALA E 241 -39.58 8.86 -20.60
N PHE E 242 -40.28 9.14 -19.49
CA PHE E 242 -39.64 9.50 -18.23
C PHE E 242 -39.45 8.30 -17.31
N ILE E 243 -40.36 7.32 -17.38
CA ILE E 243 -40.31 6.07 -16.61
C ILE E 243 -40.13 6.42 -15.12
N ALA E 244 -41.00 7.31 -14.62
CA ALA E 244 -40.82 8.07 -13.38
C ALA E 244 -40.48 7.17 -12.19
N PRO E 245 -39.69 7.60 -11.23
CA PRO E 245 -39.57 6.83 -9.98
C PRO E 245 -40.83 6.91 -9.15
N ASP E 246 -41.10 5.83 -8.41
CA ASP E 246 -42.16 5.85 -7.41
C ASP E 246 -41.64 6.15 -6.01
N ARG E 247 -40.45 5.69 -5.65
CA ARG E 247 -39.89 5.92 -4.33
C ARG E 247 -38.42 6.30 -4.44
N ALA E 248 -37.98 7.21 -3.57
CA ALA E 248 -36.58 7.57 -3.47
C ALA E 248 -35.87 6.56 -2.59
N SER E 249 -34.61 6.29 -2.92
CA SER E 249 -33.76 5.34 -2.20
C SER E 249 -32.79 6.04 -1.28
N PHE E 250 -32.88 5.79 0.03
CA PHE E 250 -31.98 6.34 1.03
C PHE E 250 -31.04 5.25 1.53
N LEU E 251 -29.85 5.68 1.96
CA LEU E 251 -28.84 4.77 2.46
C LEU E 251 -29.08 4.49 3.93
N ARG E 252 -28.98 3.21 4.30
CA ARG E 252 -29.23 2.82 5.68
C ARG E 252 -28.01 3.03 6.58
N GLY E 253 -26.81 2.86 6.03
CA GLY E 253 -25.61 2.95 6.83
C GLY E 253 -24.37 2.57 6.05
N LYS E 254 -23.65 1.56 6.54
CA LYS E 254 -22.45 1.07 5.87
C LYS E 254 -22.51 -0.44 5.80
N SER E 255 -22.02 -0.97 4.68
CA SER E 255 -21.92 -2.40 4.42
C SER E 255 -20.81 -2.61 3.42
N MET E 256 -20.55 -3.88 3.10
CA MET E 256 -19.66 -4.25 2.02
C MET E 256 -20.38 -5.24 1.11
N GLY E 257 -20.26 -5.03 -0.20
CA GLY E 257 -20.86 -5.90 -1.18
C GLY E 257 -19.80 -6.76 -1.85
N ILE E 258 -20.18 -7.98 -2.21
CA ILE E 258 -19.29 -8.91 -2.87
C ILE E 258 -19.99 -9.52 -4.08
N GLN E 259 -19.19 -10.12 -4.96
CA GLN E 259 -19.68 -10.94 -6.06
C GLN E 259 -19.25 -12.38 -5.78
N SER E 260 -20.18 -13.32 -5.93
CA SER E 260 -19.85 -14.71 -5.63
C SER E 260 -20.71 -15.66 -6.45
N GLY E 261 -20.11 -16.77 -6.87
CA GLY E 261 -20.78 -17.85 -7.57
C GLY E 261 -21.11 -19.07 -6.76
N VAL E 262 -20.97 -19.04 -5.43
CA VAL E 262 -21.14 -20.22 -4.58
C VAL E 262 -22.16 -19.96 -3.48
N GLN E 263 -22.66 -21.06 -2.91
CA GLN E 263 -23.69 -21.00 -1.88
C GLN E 263 -23.16 -20.38 -0.58
N VAL E 264 -24.10 -19.87 0.22
CA VAL E 264 -23.80 -19.18 1.47
C VAL E 264 -23.85 -20.17 2.63
N ASP E 265 -22.79 -20.19 3.44
CA ASP E 265 -22.69 -21.00 4.65
C ASP E 265 -22.68 -20.05 5.84
N ALA E 266 -23.82 -19.94 6.52
CA ALA E 266 -24.04 -18.96 7.58
C ALA E 266 -23.43 -19.33 8.93
N ASP E 267 -22.78 -20.49 9.08
CA ASP E 267 -22.18 -20.89 10.36
C ASP E 267 -20.67 -20.64 10.42
N CYS E 268 -20.10 -20.01 9.41
CA CYS E 268 -18.67 -19.71 9.32
C CYS E 268 -18.45 -18.21 9.45
N GLU E 269 -17.43 -17.81 10.20
CA GLU E 269 -17.13 -16.41 10.45
C GLU E 269 -15.91 -15.98 9.64
N GLY E 270 -16.02 -14.81 9.03
CA GLY E 270 -14.93 -14.20 8.28
C GLY E 270 -15.36 -12.82 7.86
N ASP E 271 -14.41 -12.06 7.30
CA ASP E 271 -14.72 -10.69 6.89
C ASP E 271 -14.10 -10.28 5.56
N CYS E 272 -13.46 -11.19 4.82
CA CYS E 272 -12.95 -10.86 3.50
C CYS E 272 -13.40 -11.97 2.55
N TYR E 273 -13.93 -11.58 1.40
CA TYR E 273 -14.54 -12.50 0.44
C TYR E 273 -13.96 -12.34 -0.95
N TYR E 274 -14.03 -13.41 -1.74
CA TYR E 274 -13.63 -13.38 -3.14
C TYR E 274 -14.65 -14.21 -3.92
N SER E 275 -14.50 -14.25 -5.25
CA SER E 275 -15.52 -14.82 -6.12
C SER E 275 -15.83 -16.28 -5.80
N GLY E 276 -14.81 -17.08 -5.49
CA GLY E 276 -14.96 -18.51 -5.26
C GLY E 276 -15.10 -18.98 -3.84
N GLY E 277 -15.27 -18.10 -2.87
CA GLY E 277 -15.33 -18.51 -1.48
C GLY E 277 -14.85 -17.40 -0.56
N THR E 278 -14.42 -17.81 0.62
CA THR E 278 -13.91 -16.90 1.64
C THR E 278 -12.48 -17.30 1.98
N ILE E 279 -11.71 -16.34 2.47
CA ILE E 279 -10.33 -16.53 2.90
C ILE E 279 -10.28 -16.17 4.37
N ILE E 280 -10.23 -17.16 5.26
CA ILE E 280 -10.16 -16.91 6.71
C ILE E 280 -8.74 -17.25 7.11
N SER E 281 -7.93 -16.22 7.33
CA SER E 281 -6.53 -16.44 7.64
C SER E 281 -5.98 -15.17 8.24
N ASN E 282 -5.03 -15.34 9.15
CA ASN E 282 -4.30 -14.23 9.75
C ASN E 282 -2.92 -14.04 9.15
N LEU E 283 -2.63 -14.71 8.04
CA LEU E 283 -1.33 -14.61 7.41
C LEU E 283 -1.25 -13.28 6.66
N PRO E 284 -0.05 -12.69 6.53
CA PRO E 284 0.05 -11.39 5.87
C PRO E 284 -0.19 -11.40 4.37
N PHE E 285 -0.04 -12.53 3.68
CA PHE E 285 -0.14 -12.56 2.22
C PHE E 285 -1.05 -13.69 1.74
N GLN E 286 -1.55 -13.53 0.51
CA GLN E 286 -2.38 -14.53 -0.15
C GLN E 286 -2.00 -14.65 -1.62
N ASN E 287 -2.30 -15.80 -2.20
CA ASN E 287 -2.18 -16.05 -3.63
C ASN E 287 -3.47 -16.64 -4.19
N ILE E 288 -4.62 -16.16 -3.70
CA ILE E 288 -5.92 -16.70 -4.07
C ILE E 288 -6.61 -15.84 -5.13
N ASP E 289 -6.78 -14.55 -4.86
CA ASP E 289 -7.53 -13.68 -5.78
C ASP E 289 -7.00 -12.26 -5.65
N SER E 290 -6.38 -11.76 -6.72
CA SER E 290 -5.76 -10.44 -6.69
C SER E 290 -6.76 -9.32 -6.52
N ARG E 291 -8.04 -9.55 -6.78
CA ARG E 291 -9.08 -8.54 -6.66
C ARG E 291 -10.06 -8.86 -5.53
N ALA E 292 -9.63 -9.65 -4.56
CA ALA E 292 -10.49 -9.98 -3.43
C ALA E 292 -10.88 -8.71 -2.70
N VAL E 293 -12.08 -8.71 -2.14
CA VAL E 293 -12.67 -7.55 -1.49
C VAL E 293 -12.88 -7.88 -0.02
N GLY E 294 -12.50 -6.92 0.84
CA GLY E 294 -12.58 -7.08 2.27
C GLY E 294 -11.21 -6.99 2.89
N LYS E 295 -11.15 -7.41 4.15
CA LYS E 295 -9.92 -7.34 4.95
C LYS E 295 -9.08 -8.60 4.76
N CYS E 296 -8.59 -8.82 3.51
CA CYS E 296 -7.85 -10.04 3.19
C CYS E 296 -6.35 -9.80 3.23
N PRO E 297 -5.55 -10.87 3.35
CA PRO E 297 -4.11 -10.72 3.21
C PRO E 297 -3.74 -10.08 1.88
N ARG E 298 -2.56 -9.47 1.81
CA ARG E 298 -2.15 -8.75 0.62
C ARG E 298 -1.75 -9.74 -0.47
N TYR E 299 -2.19 -9.47 -1.70
CA TYR E 299 -1.92 -10.40 -2.79
C TYR E 299 -0.49 -10.29 -3.27
N VAL E 300 0.14 -11.45 -3.46
CA VAL E 300 1.49 -11.56 -4.01
C VAL E 300 1.42 -12.53 -5.17
N LYS E 301 2.42 -12.45 -6.06
CA LYS E 301 2.47 -13.38 -7.18
C LYS E 301 2.95 -14.75 -6.76
N GLN E 302 3.82 -14.82 -5.75
CA GLN E 302 4.43 -16.07 -5.34
C GLN E 302 3.38 -17.06 -4.86
N ARG E 303 3.51 -18.31 -5.33
CA ARG E 303 2.59 -19.35 -4.87
C ARG E 303 2.78 -19.61 -3.39
N SER E 304 4.04 -19.64 -2.93
CA SER E 304 4.32 -19.96 -1.54
C SER E 304 5.58 -19.24 -1.10
N LEU E 305 5.52 -18.73 0.13
CA LEU E 305 6.64 -18.10 0.81
C LEU E 305 6.67 -18.69 2.21
N LEU E 306 7.81 -19.23 2.60
CA LEU E 306 7.96 -19.84 3.90
C LEU E 306 8.86 -18.93 4.73
N LEU E 307 8.34 -18.50 5.88
CA LEU E 307 9.05 -17.64 6.80
C LEU E 307 9.50 -18.57 7.92
N ALA E 308 10.81 -18.64 8.13
CA ALA E 308 11.34 -19.58 9.10
C ALA E 308 10.82 -19.30 10.50
N THR E 309 10.47 -20.38 11.19
CA THR E 309 9.96 -20.36 12.56
C THR E 309 10.93 -21.12 13.45
N GLY E 310 12.16 -21.27 13.00
CA GLY E 310 13.17 -21.99 13.74
C GLY E 310 14.50 -21.74 13.07
N MET E 311 15.53 -22.27 13.69
CA MET E 311 16.88 -22.02 13.22
C MET E 311 17.20 -22.87 11.99
N LYS E 312 18.47 -22.85 11.55
CA LYS E 312 18.89 -23.60 10.37
C LYS E 312 19.15 -25.06 10.71
N ASN E 313 18.93 -25.92 9.73
CA ASN E 313 19.07 -27.37 9.89
C ASN E 313 20.47 -27.84 9.55
N VAL E 314 21.15 -28.44 10.52
CA VAL E 314 22.48 -29.01 10.35
C VAL E 314 22.35 -30.51 10.62
N PRO E 315 22.21 -31.33 9.56
CA PRO E 315 21.62 -32.67 9.74
C PRO E 315 22.22 -33.62 10.77
N GLU E 316 23.52 -33.60 11.05
CA GLU E 316 24.08 -34.53 12.03
C GLU E 316 23.82 -34.06 13.45
N ALA F 9 33.41 -38.14 20.20
CA ALA F 9 32.13 -38.78 20.46
C ALA F 9 31.00 -37.76 20.36
N ILE F 10 31.23 -36.58 20.94
CA ILE F 10 30.26 -35.50 21.00
C ILE F 10 30.86 -34.26 20.37
N ALA F 11 30.02 -33.50 19.66
CA ALA F 11 30.45 -32.27 19.02
C ALA F 11 29.33 -31.25 19.13
N GLY F 12 29.71 -29.97 19.08
CA GLY F 12 28.77 -28.88 19.21
C GLY F 12 28.33 -28.26 17.89
N PHE F 13 27.67 -27.11 18.03
CA PHE F 13 27.07 -26.36 16.93
C PHE F 13 28.06 -25.94 15.85
N ILE F 14 29.37 -25.93 16.14
CA ILE F 14 30.34 -25.50 15.13
C ILE F 14 30.35 -26.43 13.93
N GLU F 15 30.30 -27.74 14.17
CA GLU F 15 30.33 -28.72 13.07
C GLU F 15 29.02 -29.44 12.82
N ASN F 16 28.21 -29.71 13.84
CA ASN F 16 26.94 -30.40 13.61
C ASN F 16 25.94 -30.07 14.70
N GLY F 17 24.68 -30.34 14.41
CA GLY F 17 23.62 -30.25 15.38
C GLY F 17 23.54 -31.53 16.19
N TRP F 18 22.53 -31.60 17.05
CA TRP F 18 22.35 -32.76 17.95
C TRP F 18 20.94 -33.32 17.81
N GLU F 19 20.80 -34.34 16.96
CA GLU F 19 19.51 -35.00 16.83
C GLU F 19 19.21 -35.72 18.13
N GLY F 20 17.98 -35.58 18.64
CA GLY F 20 17.58 -36.16 19.89
C GLY F 20 17.27 -35.15 20.98
N LEU F 21 17.63 -33.88 20.78
CA LEU F 21 17.33 -32.84 21.77
C LEU F 21 15.89 -32.41 21.52
N ILE F 22 14.97 -33.23 22.02
CA ILE F 22 13.55 -33.02 21.78
C ILE F 22 13.01 -31.87 22.61
N ASP F 23 13.40 -31.79 23.88
CA ASP F 23 12.88 -30.78 24.80
C ASP F 23 13.74 -29.53 24.69
N GLY F 24 13.20 -28.49 24.07
CA GLY F 24 13.92 -27.25 23.88
C GLY F 24 14.74 -27.22 22.62
N TRP F 25 15.41 -26.08 22.42
CA TRP F 25 16.21 -25.82 21.23
C TRP F 25 17.69 -25.73 21.51
N TYR F 26 18.09 -25.28 22.69
CA TYR F 26 19.47 -25.09 23.07
C TYR F 26 19.74 -25.92 24.30
N GLY F 27 20.96 -26.45 24.41
CA GLY F 27 21.26 -27.25 25.57
C GLY F 27 22.71 -27.66 25.61
N PHE F 28 23.00 -28.54 26.56
CA PHE F 28 24.34 -29.01 26.85
C PHE F 28 24.41 -30.52 26.69
N ARG F 29 25.58 -30.98 26.28
CA ARG F 29 25.91 -32.40 26.28
C ARG F 29 27.12 -32.57 27.18
N HIS F 30 27.19 -33.73 27.83
CA HIS F 30 28.21 -34.01 28.83
C HIS F 30 28.85 -35.35 28.51
N GLN F 31 30.16 -35.41 28.71
CA GLN F 31 30.95 -36.63 28.69
C GLN F 31 31.59 -36.67 30.06
N ASN F 32 30.89 -37.26 31.03
CA ASN F 32 31.29 -37.28 32.42
C ASN F 32 31.83 -38.66 32.78
N ALA F 33 32.22 -38.81 34.06
CA ALA F 33 32.62 -40.12 34.54
C ALA F 33 31.51 -41.14 34.38
N GLN F 34 30.26 -40.70 34.47
CA GLN F 34 29.08 -41.52 34.24
C GLN F 34 28.78 -41.76 32.77
N GLY F 35 29.52 -41.14 31.86
CA GLY F 35 29.30 -41.29 30.44
C GLY F 35 28.56 -40.12 29.81
N GLU F 36 27.96 -40.42 28.65
CA GLU F 36 27.31 -39.42 27.82
C GLU F 36 25.94 -39.03 28.37
N GLY F 37 25.61 -37.75 28.24
CA GLY F 37 24.26 -37.30 28.56
C GLY F 37 23.92 -35.99 27.90
N THR F 38 22.63 -35.66 27.91
CA THR F 38 22.09 -34.46 27.26
C THR F 38 21.08 -33.79 28.17
N ALA F 39 21.09 -32.45 28.18
CA ALA F 39 20.11 -31.68 28.95
C ALA F 39 19.80 -30.37 28.22
N ALA F 40 18.57 -29.89 28.37
CA ALA F 40 18.18 -28.61 27.81
C ALA F 40 18.66 -27.45 28.68
N ASP F 41 18.93 -26.30 28.03
CA ASP F 41 19.26 -25.08 28.75
C ASP F 41 18.02 -24.38 29.28
N TYR F 42 16.93 -24.41 28.51
CA TYR F 42 15.62 -23.82 28.80
C TYR F 42 15.57 -22.30 28.73
N LYS F 43 16.58 -21.58 29.24
CA LYS F 43 16.51 -20.11 29.21
C LYS F 43 16.79 -19.55 27.81
N SER F 44 17.82 -20.07 27.13
CA SER F 44 18.18 -19.53 25.82
C SER F 44 17.15 -19.92 24.76
N THR F 45 16.61 -21.12 24.85
CA THR F 45 15.57 -21.52 23.91
C THR F 45 14.34 -20.65 24.10
N GLN F 46 13.95 -20.38 25.33
CA GLN F 46 12.78 -19.54 25.55
C GLN F 46 13.04 -18.11 25.09
N SER F 47 14.27 -17.60 25.25
CA SER F 47 14.58 -16.27 24.73
C SER F 47 14.45 -16.22 23.21
N ALA F 48 15.03 -17.21 22.52
CA ALA F 48 14.96 -17.25 21.07
C ALA F 48 13.52 -17.42 20.59
N ILE F 49 12.75 -18.25 21.30
CA ILE F 49 11.36 -18.47 20.93
C ILE F 49 10.54 -17.21 21.15
N ASP F 50 10.77 -16.51 22.26
CA ASP F 50 10.06 -15.25 22.49
C ASP F 50 10.37 -14.23 21.40
N GLN F 51 11.62 -14.18 20.94
CA GLN F 51 11.95 -13.21 19.89
C GLN F 51 11.34 -13.60 18.54
N ILE F 52 11.36 -14.89 18.20
CA ILE F 52 10.73 -15.32 16.96
C ILE F 52 9.21 -15.13 17.03
N THR F 53 8.62 -15.45 18.17
CA THR F 53 7.19 -15.25 18.36
C THR F 53 6.83 -13.78 18.22
N GLY F 54 7.67 -12.89 18.76
CA GLY F 54 7.44 -11.47 18.56
C GLY F 54 7.49 -11.07 17.09
N LYS F 55 8.49 -11.58 16.35
CA LYS F 55 8.56 -11.27 14.92
C LYS F 55 7.30 -11.75 14.20
N LEU F 56 6.84 -12.95 14.52
CA LEU F 56 5.65 -13.47 13.86
C LEU F 56 4.42 -12.68 14.26
N ASN F 57 4.35 -12.25 15.52
CA ASN F 57 3.20 -11.46 15.95
C ASN F 57 3.17 -10.14 15.22
N ARG F 58 4.34 -9.57 14.91
CA ARG F 58 4.35 -8.31 14.17
C ARG F 58 3.95 -8.54 12.72
N LEU F 59 4.49 -9.59 12.07
CA LEU F 59 4.15 -9.79 10.65
C LEU F 59 2.83 -10.53 10.45
N ILE F 60 2.50 -11.51 11.29
CA ILE F 60 1.28 -12.32 11.08
C ILE F 60 0.18 -11.57 11.83
N GLU F 61 -0.33 -10.54 11.15
CA GLU F 61 -1.41 -9.70 11.63
C GLU F 61 -2.15 -9.19 10.41
N LYS F 62 -3.48 -9.16 10.48
CA LYS F 62 -4.24 -8.64 9.35
C LYS F 62 -4.33 -7.13 9.42
N THR F 63 -4.62 -6.52 8.28
CA THR F 63 -4.69 -5.07 8.22
C THR F 63 -6.04 -4.59 8.73
N ASN F 64 -6.14 -3.27 8.91
CA ASN F 64 -7.39 -2.63 9.34
C ASN F 64 -8.01 -1.77 8.26
N GLN F 65 -7.45 -1.76 7.05
CA GLN F 65 -7.99 -0.98 5.94
C GLN F 65 -8.89 -1.90 5.11
N GLN F 66 -10.18 -1.59 5.09
CA GLN F 66 -11.13 -2.36 4.30
C GLN F 66 -11.12 -1.82 2.89
N PHE F 67 -11.02 -2.73 1.90
CA PHE F 67 -11.03 -2.36 0.50
C PHE F 67 -12.35 -2.77 -0.14
N GLU F 68 -12.87 -1.90 -0.99
CA GLU F 68 -14.09 -2.10 -1.76
C GLU F 68 -13.73 -2.53 -3.18
N LEU F 69 -14.70 -3.15 -3.85
CA LEU F 69 -14.53 -3.44 -5.26
C LEU F 69 -14.59 -2.17 -6.08
N ILE F 70 -13.67 -2.04 -7.04
CA ILE F 70 -13.65 -0.93 -7.98
C ILE F 70 -13.78 -1.42 -9.42
N ASP F 71 -14.10 -2.69 -9.62
CA ASP F 71 -14.34 -3.28 -10.92
C ASP F 71 -15.46 -4.29 -10.75
N ASN F 72 -15.78 -5.02 -11.81
CA ASN F 72 -16.95 -5.88 -11.78
C ASN F 72 -16.69 -7.05 -12.71
N GLU F 73 -16.82 -8.27 -12.16
CA GLU F 73 -16.52 -9.49 -12.90
C GLU F 73 -17.58 -9.84 -13.93
N PHE F 74 -18.84 -9.53 -13.64
CA PHE F 74 -19.94 -10.01 -14.47
C PHE F 74 -20.10 -9.16 -15.72
N THR F 75 -20.01 -7.85 -15.55
CA THR F 75 -20.09 -6.86 -16.62
C THR F 75 -18.80 -6.06 -16.58
N GLU F 76 -18.05 -6.09 -17.68
CA GLU F 76 -16.75 -5.46 -17.71
C GLU F 76 -16.87 -3.94 -17.70
N VAL F 77 -15.99 -3.30 -16.94
CA VAL F 77 -15.91 -1.84 -16.87
C VAL F 77 -15.31 -1.28 -18.16
N GLU F 78 -15.38 0.04 -18.33
CA GLU F 78 -14.86 0.69 -19.52
C GLU F 78 -13.38 0.40 -19.68
N LYS F 79 -12.94 0.26 -20.93
CA LYS F 79 -11.58 -0.16 -21.23
C LYS F 79 -10.54 0.82 -20.71
N GLN F 80 -10.78 2.13 -20.79
CA GLN F 80 -9.76 3.06 -20.31
C GLN F 80 -9.63 3.02 -18.78
N ILE F 81 -10.75 3.02 -18.07
CA ILE F 81 -10.67 2.93 -16.62
C ILE F 81 -10.28 1.53 -16.20
N GLY F 82 -10.73 0.52 -16.94
CA GLY F 82 -10.33 -0.84 -16.63
C GLY F 82 -8.84 -1.04 -16.77
N ASN F 83 -8.24 -0.48 -17.83
CA ASN F 83 -6.80 -0.61 -18.02
C ASN F 83 -6.03 0.21 -17.01
N VAL F 84 -6.54 1.37 -16.59
CA VAL F 84 -5.84 2.13 -15.56
C VAL F 84 -5.90 1.37 -14.22
N ILE F 85 -7.06 0.80 -13.90
CA ILE F 85 -7.19 0.01 -12.68
C ILE F 85 -6.29 -1.21 -12.74
N ASN F 86 -6.27 -1.90 -13.86
CA ASN F 86 -5.42 -3.08 -14.00
C ASN F 86 -3.95 -2.74 -13.90
N TRP F 87 -3.52 -1.63 -14.52
CA TRP F 87 -2.13 -1.22 -14.40
C TRP F 87 -1.78 -0.86 -12.96
N THR F 88 -2.64 -0.09 -12.29
CA THR F 88 -2.35 0.28 -10.91
C THR F 88 -2.33 -0.95 -10.02
N ARG F 89 -3.28 -1.86 -10.22
CA ARG F 89 -3.33 -3.08 -9.41
C ARG F 89 -2.12 -3.96 -9.68
N ASP F 90 -1.67 -4.05 -10.92
CA ASP F 90 -0.49 -4.86 -11.21
C ASP F 90 0.76 -4.22 -10.62
N SER F 91 0.86 -2.89 -10.63
CA SER F 91 2.00 -2.24 -10.01
C SER F 91 1.99 -2.41 -8.50
N ILE F 92 0.80 -2.33 -7.90
CA ILE F 92 0.67 -2.57 -6.46
C ILE F 92 1.03 -4.03 -6.14
N THR F 93 0.59 -4.95 -6.99
CA THR F 93 0.95 -6.36 -6.81
C THR F 93 2.46 -6.55 -6.91
N GLU F 94 3.11 -5.86 -7.86
CA GLU F 94 4.57 -5.94 -7.95
C GLU F 94 5.23 -5.37 -6.71
N VAL F 95 4.69 -4.28 -6.16
CA VAL F 95 5.25 -3.69 -4.95
C VAL F 95 5.09 -4.64 -3.78
N TRP F 96 3.91 -5.25 -3.63
CA TRP F 96 3.71 -6.17 -2.51
C TRP F 96 4.43 -7.49 -2.71
N SER F 97 4.64 -7.93 -3.96
CA SER F 97 5.42 -9.13 -4.18
C SER F 97 6.87 -8.89 -3.85
N TYR F 98 7.39 -7.71 -4.23
CA TYR F 98 8.75 -7.34 -3.85
C TYR F 98 8.86 -7.22 -2.34
N ASN F 99 7.90 -6.55 -1.69
CA ASN F 99 7.95 -6.39 -0.25
C ASN F 99 7.82 -7.72 0.47
N ALA F 100 7.00 -8.64 -0.05
CA ALA F 100 6.85 -9.94 0.58
C ALA F 100 8.12 -10.77 0.42
N GLU F 101 8.73 -10.74 -0.76
CA GLU F 101 9.94 -11.53 -0.97
C GLU F 101 11.07 -10.95 -0.14
N LEU F 102 11.18 -9.63 -0.10
CA LEU F 102 12.24 -9.01 0.68
C LEU F 102 12.01 -9.23 2.17
N LEU F 103 10.75 -9.14 2.62
CA LEU F 103 10.46 -9.31 4.04
C LEU F 103 10.77 -10.73 4.47
N VAL F 104 10.35 -11.71 3.68
CA VAL F 104 10.64 -13.09 4.03
C VAL F 104 12.14 -13.35 3.98
N ALA F 105 12.84 -12.79 3.00
CA ALA F 105 14.28 -13.01 2.95
C ALA F 105 15.02 -12.39 4.13
N MET F 106 14.68 -11.15 4.53
CA MET F 106 15.42 -10.58 5.65
C MET F 106 14.98 -11.17 6.96
N GLU F 107 13.72 -11.58 7.09
CA GLU F 107 13.28 -12.17 8.35
C GLU F 107 13.82 -13.59 8.48
N ASN F 108 14.02 -14.29 7.37
CA ASN F 108 14.68 -15.59 7.45
C ASN F 108 16.15 -15.40 7.79
N GLN F 109 16.78 -14.37 7.23
CA GLN F 109 18.18 -14.09 7.54
C GLN F 109 18.31 -13.65 9.00
N HIS F 110 17.38 -12.84 9.47
CA HIS F 110 17.42 -12.37 10.85
C HIS F 110 17.10 -13.49 11.82
N THR F 111 16.16 -14.37 11.47
CA THR F 111 15.84 -15.49 12.34
C THR F 111 17.03 -16.44 12.46
N ILE F 112 17.69 -16.73 11.35
CA ILE F 112 18.85 -17.62 11.39
C ILE F 112 20.00 -16.97 12.14
N ASP F 113 20.27 -15.69 11.87
CA ASP F 113 21.35 -15.01 12.56
C ASP F 113 21.01 -14.78 14.03
N LEU F 114 19.73 -14.57 14.34
CA LEU F 114 19.29 -14.47 15.73
C LEU F 114 19.54 -15.76 16.49
N ALA F 115 19.13 -16.88 15.90
CA ALA F 115 19.33 -18.16 16.57
C ALA F 115 20.81 -18.48 16.73
N ASP F 116 21.63 -18.17 15.72
CA ASP F 116 23.06 -18.41 15.87
C ASP F 116 23.65 -17.44 16.88
N SER F 117 23.10 -16.23 16.94
CA SER F 117 23.54 -15.26 17.95
C SER F 117 23.21 -15.76 19.34
N GLU F 118 22.00 -16.30 19.53
CA GLU F 118 21.62 -16.83 20.84
C GLU F 118 22.48 -18.03 21.24
N MET F 119 22.83 -18.86 20.26
CA MET F 119 23.74 -19.96 20.54
C MET F 119 25.08 -19.40 20.98
N ASP F 120 25.50 -18.30 20.34
CA ASP F 120 26.74 -17.65 20.71
C ASP F 120 26.65 -16.99 22.08
N LYS F 121 25.52 -16.36 22.43
CA LYS F 121 25.39 -15.76 23.76
C LYS F 121 25.52 -16.83 24.83
N LEU F 122 24.94 -18.00 24.61
CA LEU F 122 25.12 -19.07 25.59
C LEU F 122 26.57 -19.50 25.63
N TYR F 123 27.20 -19.63 24.46
CA TYR F 123 28.59 -20.05 24.38
C TYR F 123 29.54 -19.04 25.07
N GLU F 124 29.40 -17.75 24.79
CA GLU F 124 30.27 -16.77 25.45
C GLU F 124 29.98 -16.69 26.94
N ARG F 125 28.71 -16.79 27.35
CA ARG F 125 28.41 -16.77 28.77
C ARG F 125 29.09 -17.92 29.49
N VAL F 126 29.06 -19.11 28.89
CA VAL F 126 29.74 -20.26 29.50
C VAL F 126 31.25 -20.03 29.53
N LYS F 127 31.82 -19.46 28.45
CA LYS F 127 33.25 -19.17 28.44
C LYS F 127 33.62 -18.21 29.56
N ARG F 128 32.85 -17.13 29.71
CA ARG F 128 33.14 -16.15 30.75
C ARG F 128 32.97 -16.75 32.13
N GLN F 129 31.98 -17.63 32.27
CA GLN F 129 31.73 -18.29 33.55
C GLN F 129 32.89 -19.23 33.92
N LEU F 130 33.44 -19.95 32.94
CA LEU F 130 34.52 -20.89 33.24
C LEU F 130 35.87 -20.20 33.41
N ARG F 131 36.06 -19.04 32.80
CA ARG F 131 37.33 -18.28 32.88
C ARG F 131 38.49 -19.15 32.42
N GLU F 132 39.55 -19.31 33.22
CA GLU F 132 40.75 -20.05 32.87
C GLU F 132 40.65 -21.54 33.20
N ASN F 133 39.50 -22.01 33.66
CA ASN F 133 39.31 -23.41 34.03
C ASN F 133 38.88 -24.27 32.86
N ALA F 134 38.72 -23.70 31.67
CA ALA F 134 38.30 -24.45 30.50
C ALA F 134 39.00 -23.84 29.30
N GLU F 135 39.13 -24.64 28.25
CA GLU F 135 39.77 -24.20 27.02
C GLU F 135 39.01 -24.71 25.82
N GLU F 136 38.84 -23.86 24.83
CA GLU F 136 38.09 -24.20 23.63
C GLU F 136 38.80 -25.31 22.86
N ASP F 137 38.04 -26.29 22.37
CA ASP F 137 38.58 -27.32 21.48
C ASP F 137 38.35 -27.02 20.01
N GLY F 138 37.70 -25.91 19.67
CA GLY F 138 37.46 -25.54 18.29
C GLY F 138 36.23 -26.15 17.63
N THR F 139 35.46 -26.98 18.33
CA THR F 139 34.27 -27.63 17.77
C THR F 139 33.00 -27.23 18.51
N GLY F 140 33.02 -26.14 19.26
CA GLY F 140 31.86 -25.69 20.01
C GLY F 140 31.72 -26.31 21.37
N CYS F 141 32.78 -26.92 21.90
CA CYS F 141 32.79 -27.57 23.19
C CYS F 141 33.89 -26.94 24.03
N PHE F 142 33.76 -27.04 25.35
CA PHE F 142 34.78 -26.56 26.28
C PHE F 142 35.41 -27.77 26.95
N GLU F 143 36.74 -27.89 26.81
CA GLU F 143 37.48 -28.94 27.50
C GLU F 143 37.80 -28.40 28.88
N ILE F 144 37.35 -29.11 29.92
CA ILE F 144 37.51 -28.68 31.31
C ILE F 144 38.60 -29.54 31.92
N PHE F 145 39.58 -28.88 32.53
CA PHE F 145 40.77 -29.55 33.06
C PHE F 145 40.69 -29.85 34.55
N HIS F 146 39.57 -29.57 35.20
CA HIS F 146 39.31 -29.98 36.57
C HIS F 146 38.22 -31.05 36.57
N LYS F 147 38.53 -32.21 37.15
CA LYS F 147 37.56 -33.28 37.20
C LYS F 147 36.34 -32.81 37.98
N CYS F 148 35.16 -32.86 37.34
CA CYS F 148 33.95 -32.24 37.88
C CYS F 148 32.79 -33.22 37.67
N ASP F 149 32.03 -33.45 38.74
CA ASP F 149 30.93 -34.41 38.79
C ASP F 149 29.59 -33.80 38.32
N ASP F 150 28.53 -34.63 38.37
CA ASP F 150 27.21 -34.23 37.89
C ASP F 150 26.70 -32.99 38.62
N ASP F 151 27.02 -32.86 39.91
CA ASP F 151 26.55 -31.71 40.67
C ASP F 151 27.20 -30.45 40.10
N CYS F 152 28.44 -30.59 39.64
CA CYS F 152 29.18 -29.52 39.03
C CYS F 152 28.90 -29.36 37.54
N MET F 153 28.38 -30.39 36.87
CA MET F 153 27.83 -30.19 35.54
C MET F 153 26.56 -29.37 35.61
N ALA F 154 25.75 -29.62 36.64
CA ALA F 154 24.55 -28.84 36.90
C ALA F 154 24.91 -27.42 37.31
N SER F 155 25.98 -27.25 38.08
CA SER F 155 26.42 -25.91 38.42
C SER F 155 26.82 -25.14 37.17
N ILE F 156 27.40 -25.82 36.19
CA ILE F 156 27.72 -25.16 34.93
C ILE F 156 26.44 -24.82 34.17
N ARG F 157 25.46 -25.73 34.17
CA ARG F 157 24.22 -25.54 33.40
C ARG F 157 23.53 -24.23 33.72
N ASN F 158 23.31 -23.92 35.01
CA ASN F 158 22.73 -22.64 35.40
C ASN F 158 23.83 -21.69 35.88
N ASN F 159 23.43 -20.46 36.17
CA ASN F 159 24.36 -19.39 36.55
C ASN F 159 24.65 -19.44 38.06
N THR F 160 25.22 -20.57 38.49
CA THR F 160 25.63 -20.78 39.87
C THR F 160 27.10 -21.16 40.01
N TYR F 161 27.81 -21.32 38.90
CA TYR F 161 29.19 -21.75 38.94
C TYR F 161 30.05 -20.68 39.60
N ASP F 162 30.96 -21.11 40.46
CA ASP F 162 31.90 -20.24 41.15
C ASP F 162 33.30 -20.65 40.74
N HIS F 163 34.05 -19.70 40.20
CA HIS F 163 35.42 -19.96 39.75
C HIS F 163 36.28 -20.48 40.89
N SER F 164 36.09 -19.95 42.10
CA SER F 164 36.87 -20.37 43.25
C SER F 164 36.68 -21.86 43.56
N LYS F 165 37.74 -22.47 44.07
CA LYS F 165 37.92 -23.88 44.46
C LYS F 165 38.26 -24.81 43.30
N TYR F 166 38.30 -24.32 42.06
CA TYR F 166 38.78 -25.08 40.91
C TYR F 166 40.00 -24.47 40.24
N ARG F 167 40.24 -23.18 40.43
CA ARG F 167 41.32 -22.46 39.74
C ARG F 167 42.66 -23.16 39.88
N GLU F 168 43.05 -23.50 41.10
CA GLU F 168 44.38 -24.07 41.31
C GLU F 168 44.52 -25.42 40.62
N GLU F 169 43.51 -26.27 40.70
CA GLU F 169 43.60 -27.59 40.10
C GLU F 169 43.59 -27.49 38.57
N ALA F 170 42.70 -26.67 38.02
CA ALA F 170 42.64 -26.55 36.57
C ALA F 170 43.91 -25.93 36.01
N MET F 171 44.47 -24.93 36.68
CA MET F 171 45.72 -24.36 36.22
C MET F 171 46.86 -25.36 36.31
N GLN F 172 46.95 -26.13 37.40
CA GLN F 172 48.01 -27.11 37.48
C GLN F 172 47.86 -28.18 36.39
N ASN F 173 46.60 -28.51 36.04
CA ASN F 173 46.39 -29.47 34.96
C ASN F 173 46.70 -28.89 33.59
N ARG F 174 46.55 -27.56 33.42
CA ARG F 174 46.85 -26.91 32.15
C ARG F 174 48.32 -26.52 32.00
N ILE F 175 48.99 -26.15 33.08
CA ILE F 175 50.38 -25.70 33.00
C ILE F 175 51.32 -26.89 33.07
N UNK G 1 -7.96 -31.29 32.49
CA UNK G 1 -7.13 -30.10 32.69
C UNK G 1 -7.72 -29.28 33.83
N UNK G 2 -7.00 -29.19 34.94
CA UNK G 2 -7.49 -28.41 36.07
C UNK G 2 -6.33 -27.86 36.90
N UNK G 3 -6.65 -26.79 37.63
CA UNK G 3 -5.78 -26.18 38.63
C UNK G 3 -6.55 -26.17 39.94
N UNK G 4 -5.95 -26.69 41.00
CA UNK G 4 -6.60 -26.79 42.31
C UNK G 4 -5.76 -26.05 43.33
N UNK G 5 -6.34 -25.01 43.94
CA UNK G 5 -5.68 -24.25 44.99
C UNK G 5 -6.07 -24.89 46.32
N UNK G 6 -5.14 -24.87 47.28
CA UNK G 6 -5.34 -25.56 48.56
C UNK G 6 -5.70 -24.59 49.68
N UNK G 7 -6.84 -24.84 50.32
CA UNK G 7 -7.27 -24.16 51.53
C UNK G 7 -7.65 -22.69 51.43
N UNK G 8 -7.58 -22.06 52.60
CA UNK G 8 -7.87 -20.65 52.81
C UNK G 8 -7.08 -20.26 54.06
N UNK G 9 -6.71 -18.98 54.18
CA UNK G 9 -5.86 -18.57 55.30
C UNK G 9 -6.31 -17.26 55.93
N UNK G 10 -6.03 -17.16 57.22
CA UNK G 10 -6.17 -15.95 58.01
C UNK G 10 -4.81 -15.68 58.65
N UNK G 11 -4.27 -14.48 58.42
CA UNK G 11 -2.95 -14.12 58.88
C UNK G 11 -2.99 -12.77 59.58
N UNK G 12 -2.00 -12.55 60.43
CA UNK G 12 -1.78 -11.31 61.17
C UNK G 12 -0.81 -10.42 60.39
N UNK G 13 -0.88 -9.09 60.55
CA UNK G 13 0.08 -8.22 59.85
C UNK G 13 1.52 -8.58 60.20
N UNK G 14 2.37 -8.60 59.18
CA UNK G 14 3.76 -8.93 59.32
C UNK G 14 4.07 -10.38 58.97
N UNK G 15 3.06 -11.22 58.90
CA UNK G 15 3.22 -12.63 58.55
C UNK G 15 3.40 -12.76 57.04
N UNK G 16 3.91 -13.91 56.63
CA UNK G 16 3.99 -14.28 55.22
C UNK G 16 2.84 -15.23 54.88
N UNK G 17 2.28 -15.06 53.69
CA UNK G 17 1.19 -15.88 53.20
C UNK G 17 1.76 -16.77 52.13
N UNK G 18 1.68 -18.09 52.33
CA UNK G 18 2.19 -19.04 51.36
C UNK G 18 1.03 -19.89 50.85
N UNK G 19 0.82 -19.85 49.54
CA UNK G 19 -0.24 -20.59 48.87
C UNK G 19 0.37 -21.48 47.79
N UNK G 20 -0.39 -22.48 47.38
CA UNK G 20 0.05 -23.45 46.39
C UNK G 20 -1.08 -23.73 45.42
N UNK G 21 -0.70 -24.18 44.23
CA UNK G 21 -1.64 -24.47 43.14
C UNK G 21 -1.18 -25.73 42.43
N UNK G 22 -1.96 -26.80 42.54
CA UNK G 22 -1.63 -28.08 41.92
C UNK G 22 -2.21 -28.10 40.51
N UNK G 23 -1.38 -28.48 39.54
CA UNK G 23 -1.77 -28.55 38.14
C UNK G 23 -1.92 -30.01 37.73
N UNK G 24 -2.94 -30.30 36.93
CA UNK G 24 -3.11 -31.65 36.42
C UNK G 24 -3.81 -31.61 35.07
N UNK G 25 -3.63 -32.69 34.32
CA UNK G 25 -4.22 -32.85 33.01
C UNK G 25 -3.39 -32.33 31.86
N UNK G 26 -2.19 -31.80 32.12
CA UNK G 26 -1.35 -31.29 31.05
C UNK G 26 0.10 -31.47 31.51
N UNK G 27 1.05 -31.24 30.60
CA UNK G 27 2.44 -31.61 30.88
C UNK G 27 3.15 -30.71 31.90
N UNK G 28 2.56 -29.58 32.26
CA UNK G 28 3.05 -28.60 33.24
C UNK G 28 4.29 -27.84 32.77
N UNK G 29 5.27 -28.55 32.22
CA UNK G 29 6.49 -27.89 31.76
C UNK G 29 6.21 -26.85 30.69
N UNK G 30 5.30 -27.18 29.77
CA UNK G 30 5.03 -26.34 28.60
C UNK G 30 4.27 -25.05 28.89
N UNK G 31 3.67 -24.87 30.07
CA UNK G 31 2.94 -23.65 30.37
C UNK G 31 3.42 -22.96 31.64
N UNK G 32 3.29 -21.63 31.65
CA UNK G 32 3.46 -20.84 32.85
C UNK G 32 2.18 -20.76 33.64
N UNK G 33 2.29 -20.31 34.88
CA UNK G 33 1.14 -20.11 35.77
C UNK G 33 1.18 -18.68 36.30
N UNK G 34 0.08 -17.96 36.12
CA UNK G 34 -0.08 -16.59 36.58
C UNK G 34 -0.93 -16.58 37.85
N UNK G 35 -0.67 -15.58 38.70
CA UNK G 35 -1.50 -15.29 39.86
C UNK G 35 -2.07 -13.89 39.75
N UNK G 36 -3.38 -13.80 40.05
CA UNK G 36 -4.18 -12.58 39.96
C UNK G 36 -4.94 -12.36 41.27
N UNK G 37 -4.89 -11.14 41.79
CA UNK G 37 -5.57 -10.79 43.05
C UNK G 37 -6.88 -10.08 42.78
N UNK G 38 -7.90 -10.42 43.57
CA UNK G 38 -9.19 -9.75 43.54
C UNK G 38 -9.59 -9.37 44.95
N UNK G 39 -9.56 -8.09 45.26
CA UNK G 39 -10.00 -7.62 46.56
C UNK G 39 -11.51 -7.82 46.66
N UNK G 40 -12.05 -7.94 47.89
CA UNK G 40 -13.48 -8.30 48.03
C UNK G 40 -14.47 -7.42 47.26
N UNK G 41 -14.21 -6.12 47.13
CA UNK G 41 -15.12 -5.24 46.41
C UNK G 41 -14.54 -4.59 45.17
N UNK G 42 -13.38 -5.04 44.71
CA UNK G 42 -12.66 -4.45 43.58
C UNK G 42 -12.57 -5.48 42.47
N UNK G 43 -11.93 -5.11 41.37
CA UNK G 43 -11.78 -5.97 40.21
C UNK G 43 -10.54 -6.84 40.30
N UNK G 44 -10.13 -7.35 39.14
CA UNK G 44 -9.03 -8.30 39.05
C UNK G 44 -7.74 -7.54 38.78
N UNK G 45 -6.78 -7.64 39.70
CA UNK G 45 -5.49 -6.99 39.58
C UNK G 45 -4.44 -8.07 39.33
N UNK G 46 -3.78 -8.01 38.18
CA UNK G 46 -2.78 -9.01 37.85
C UNK G 46 -1.53 -8.79 38.70
N UNK G 47 -1.00 -9.86 39.28
CA UNK G 47 0.21 -9.75 40.10
C UNK G 47 1.44 -10.37 39.48
N UNK G 48 1.33 -11.50 38.76
CA UNK G 48 2.58 -12.07 38.30
C UNK G 48 2.39 -13.35 37.52
N UNK G 49 3.52 -13.85 37.02
CA UNK G 49 3.55 -15.01 36.15
C UNK G 49 4.86 -15.75 36.32
N UNK G 50 4.81 -17.04 36.64
CA UNK G 50 6.00 -17.88 36.79
C UNK G 50 6.00 -18.90 35.68
N UNK G 51 7.13 -18.99 34.99
CA UNK G 51 7.31 -19.94 33.91
C UNK G 51 7.77 -21.28 34.46
N UNK G 52 6.93 -22.31 34.31
CA UNK G 52 7.36 -23.64 34.73
C UNK G 52 8.53 -24.12 33.88
N UNK G 53 8.56 -23.71 32.62
CA UNK G 53 9.61 -24.13 31.71
C UNK G 53 10.97 -23.57 32.11
N UNK G 54 11.08 -22.25 32.33
CA UNK G 54 12.36 -21.62 32.59
C UNK G 54 12.46 -20.71 33.83
N UNK G 55 11.41 -20.57 34.64
CA UNK G 55 11.53 -19.87 35.90
C UNK G 55 11.41 -18.35 35.93
N UNK G 56 11.15 -17.67 34.82
CA UNK G 56 11.03 -16.20 34.88
C UNK G 56 9.78 -15.81 35.63
N UNK G 57 9.86 -14.71 36.40
CA UNK G 57 8.80 -14.33 37.32
C UNK G 57 7.99 -13.08 36.97
N UNK G 58 8.56 -12.10 36.27
CA UNK G 58 7.88 -10.87 35.81
C UNK G 58 6.90 -10.32 36.86
N UNK G 59 7.43 -9.89 38.00
CA UNK G 59 6.56 -9.44 39.08
C UNK G 59 5.98 -8.06 38.76
N UNK G 60 4.76 -7.81 39.26
CA UNK G 60 4.14 -6.51 39.11
C UNK G 60 4.97 -5.42 39.79
N UNK G 61 4.98 -4.23 39.16
CA UNK G 61 5.84 -3.14 39.62
C UNK G 61 5.53 -2.73 41.05
N UNK G 62 4.25 -2.63 41.42
CA UNK G 62 3.91 -2.28 42.79
C UNK G 62 4.21 -3.40 43.78
N UNK G 63 4.32 -4.65 43.33
CA UNK G 63 4.48 -5.80 44.21
C UNK G 63 5.90 -6.38 44.20
N UNK G 64 6.87 -5.68 43.59
CA UNK G 64 8.25 -6.18 43.65
C UNK G 64 8.82 -5.94 45.04
N UNK G 65 9.49 -6.96 45.57
CA UNK G 65 10.00 -6.96 46.92
C UNK G 65 9.12 -7.67 47.92
N UNK G 66 7.88 -8.03 47.53
CA UNK G 66 6.95 -8.72 48.42
C UNK G 66 6.52 -10.10 47.94
N UNK G 67 6.46 -10.35 46.63
CA UNK G 67 5.99 -11.63 46.09
C UNK G 67 7.18 -12.40 45.53
N UNK G 68 7.26 -13.68 45.92
CA UNK G 68 8.22 -14.62 45.34
C UNK G 68 7.46 -15.87 44.91
N UNK G 69 7.76 -16.34 43.69
CA UNK G 69 7.13 -17.53 43.11
C UNK G 69 8.14 -18.57 42.71
N UNK G 70 7.73 -19.82 42.84
CA UNK G 70 8.56 -20.98 42.55
C UNK G 70 7.64 -22.09 42.11
N UNK G 71 8.20 -23.10 41.45
CA UNK G 71 7.46 -24.28 41.08
C UNK G 71 8.19 -25.54 41.50
N UNK G 72 7.42 -26.61 41.64
CA UNK G 72 7.91 -27.97 41.85
C UNK G 72 7.43 -28.77 40.63
N UNK G 73 8.36 -28.98 39.70
CA UNK G 73 8.03 -29.67 38.45
C UNK G 73 7.63 -31.11 38.74
N UNK G 74 8.28 -31.75 39.72
CA UNK G 74 8.06 -33.17 39.98
C UNK G 74 6.67 -33.44 40.54
N UNK G 75 6.00 -32.41 41.06
CA UNK G 75 4.63 -32.52 41.56
C UNK G 75 3.68 -31.60 40.79
N UNK G 76 4.16 -30.95 39.72
CA UNK G 76 3.37 -30.01 38.93
C UNK G 76 2.63 -29.01 39.80
N UNK G 77 3.33 -28.47 40.81
CA UNK G 77 2.70 -27.57 41.78
C UNK G 77 3.44 -26.25 41.84
N UNK G 78 2.70 -25.16 41.73
CA UNK G 78 3.26 -23.82 41.84
C UNK G 78 3.12 -23.37 43.29
N UNK G 79 4.11 -22.61 43.76
CA UNK G 79 4.08 -22.04 45.09
C UNK G 79 4.31 -20.54 44.99
N UNK G 80 3.67 -19.85 45.92
CA UNK G 80 3.69 -18.40 46.06
C UNK G 80 3.89 -18.02 47.52
N UNK G 81 4.76 -17.03 47.77
CA UNK G 81 4.93 -16.45 49.09
C UNK G 81 4.82 -14.92 49.00
N UNK G 82 3.91 -14.36 49.79
CA UNK G 82 3.71 -12.92 49.92
C UNK G 82 4.21 -12.49 51.30
N UNK G 83 5.35 -11.80 51.32
CA UNK G 83 5.98 -11.34 52.56
C UNK G 83 5.54 -9.89 52.86
N UNK G 84 5.76 -9.49 54.12
CA UNK G 84 5.44 -8.14 54.59
C UNK G 84 3.97 -7.82 54.33
N UNK G 85 3.12 -8.74 54.77
CA UNK G 85 1.68 -8.65 54.57
C UNK G 85 1.11 -7.40 55.23
N UNK G 86 0.24 -6.71 54.48
CA UNK G 86 -0.41 -5.49 54.93
C UNK G 86 -1.91 -5.68 54.96
N UNK G 87 -2.61 -4.80 55.67
CA UNK G 87 -4.06 -4.89 55.77
C UNK G 87 -4.77 -4.71 54.43
N UNK G 88 -4.12 -4.07 53.47
CA UNK G 88 -4.69 -3.90 52.13
C UNK G 88 -4.76 -5.23 51.38
N UNK G 89 -4.06 -6.26 51.85
CA UNK G 89 -3.93 -7.51 51.12
C UNK G 89 -5.04 -8.52 51.38
N UNK G 90 -6.08 -8.17 52.12
CA UNK G 90 -7.20 -9.10 52.22
C UNK G 90 -7.82 -9.25 50.85
N UNK G 91 -7.88 -10.47 50.34
CA UNK G 91 -8.36 -10.65 48.98
C UNK G 91 -8.47 -12.13 48.68
N UNK G 92 -9.09 -12.44 47.54
CA UNK G 92 -9.07 -13.79 46.98
C UNK G 92 -8.06 -13.82 45.83
N UNK G 93 -7.14 -14.79 45.90
CA UNK G 93 -6.05 -14.93 44.96
C UNK G 93 -6.34 -16.10 44.04
N UNK G 94 -6.32 -15.87 42.72
CA UNK G 94 -6.63 -16.90 41.75
C UNK G 94 -5.37 -17.35 41.02
N UNK G 95 -5.32 -18.65 40.78
CA UNK G 95 -4.28 -19.33 40.00
C UNK G 95 -4.82 -19.58 38.60
N UNK G 96 -4.03 -19.26 37.58
CA UNK G 96 -4.46 -19.49 36.20
C UNK G 96 -3.29 -19.95 35.35
N UNK G 97 -3.58 -20.78 34.36
CA UNK G 97 -2.56 -21.21 33.42
C UNK G 97 -2.19 -20.07 32.48
N UNK G 98 -0.90 -19.91 32.19
CA UNK G 98 -0.43 -18.79 31.39
C UNK G 98 0.02 -19.07 29.97
N UNK G 99 1.18 -18.54 29.59
CA UNK G 99 1.69 -18.65 28.23
C UNK G 99 2.19 -20.05 27.93
N UNK G 100 2.09 -20.42 26.66
CA UNK G 100 2.78 -21.61 26.17
C UNK G 100 4.28 -21.33 26.17
N UNK G 101 5.07 -22.33 26.56
CA UNK G 101 6.52 -22.18 26.64
C UNK G 101 7.18 -23.34 25.90
N UNK G 102 8.33 -23.05 25.29
CA UNK G 102 9.09 -24.05 24.57
C UNK G 102 8.62 -24.28 23.16
N UNK G 103 7.55 -23.63 22.73
CA UNK G 103 6.98 -23.76 21.39
C UNK G 103 6.69 -22.35 20.91
N UNK G 104 6.97 -22.09 19.63
CA UNK G 104 6.65 -20.78 19.07
C UNK G 104 5.14 -20.63 18.99
N UNK G 105 4.63 -19.52 19.50
CA UNK G 105 3.19 -19.29 19.58
C UNK G 105 2.71 -18.64 18.29
N UNK G 106 1.86 -19.36 17.56
CA UNK G 106 1.23 -18.83 16.35
C UNK G 106 -0.22 -18.47 16.57
N UNK G 107 -0.90 -19.22 17.43
CA UNK G 107 -2.33 -19.06 17.69
C UNK G 107 -2.45 -18.00 18.79
N UNK G 108 -3.64 -17.41 18.90
CA UNK G 108 -3.92 -16.41 19.93
C UNK G 108 -4.39 -17.01 21.24
N UNK G 109 -4.73 -18.29 21.27
CA UNK G 109 -5.20 -18.93 22.49
C UNK G 109 -4.12 -18.99 23.55
N UNK G 110 -2.85 -18.99 23.15
CA UNK G 110 -1.75 -19.20 24.07
C UNK G 110 -1.23 -17.90 24.69
N UNK G 111 -1.95 -16.79 24.51
CA UNK G 111 -1.64 -15.52 25.16
C UNK G 111 -2.61 -15.19 26.28
N UNK G 112 -3.53 -16.09 26.61
CA UNK G 112 -4.60 -15.84 27.57
C UNK G 112 -4.55 -16.85 28.70
N UNK G 113 -5.35 -16.57 29.73
CA UNK G 113 -5.44 -17.41 30.92
C UNK G 113 -6.69 -18.29 30.78
N UNK G 114 -6.50 -19.47 30.20
CA UNK G 114 -7.65 -20.29 29.85
C UNK G 114 -8.20 -21.07 31.04
N UNK G 115 -7.35 -21.78 31.77
CA UNK G 115 -7.77 -22.59 32.90
C UNK G 115 -7.47 -21.84 34.19
N UNK G 116 -8.50 -21.53 34.98
CA UNK G 116 -8.31 -20.74 36.20
C UNK G 116 -8.61 -21.69 37.37
N UNK G 117 -8.57 -21.23 38.63
CA UNK G 117 -8.70 -22.24 39.70
C UNK G 117 -9.63 -21.82 40.84
N UNK G 118 -10.22 -22.80 41.55
CA UNK G 118 -11.01 -22.46 42.74
C UNK G 118 -10.21 -21.38 43.45
N UNK G 119 -10.84 -20.26 43.80
CA UNK G 119 -10.03 -19.14 44.31
C UNK G 119 -9.61 -19.38 45.76
N UNK G 120 -8.55 -18.76 46.26
CA UNK G 120 -8.16 -18.87 47.70
C UNK G 120 -8.19 -17.50 48.36
N UNK G 121 -8.57 -17.40 49.64
CA UNK G 121 -8.76 -16.09 50.31
C UNK G 121 -7.80 -15.88 51.47
N UNK G 122 -7.06 -14.77 51.50
CA UNK G 122 -6.11 -14.49 52.59
C UNK G 122 -6.62 -13.32 53.45
N UNK G 123 -7.35 -13.56 54.57
CA UNK G 123 -7.89 -12.56 55.47
C UNK G 123 -6.75 -11.98 56.30
N UNK G 124 -6.64 -10.66 56.34
CA UNK G 124 -5.63 -9.97 57.13
C UNK G 124 -6.36 -9.04 58.10
N UNK G 125 -6.22 -9.29 59.39
CA UNK G 125 -6.95 -8.55 60.41
C UNK G 125 -6.23 -8.68 61.74
N UNK G 126 -6.65 -7.87 62.70
CA UNK G 126 -6.12 -7.94 64.06
C UNK G 126 -6.82 -9.05 64.84
N UNK H 1 0.72 0.12 30.45
CA UNK H 1 -0.48 0.55 29.74
C UNK H 1 -1.68 0.50 30.68
N UNK H 2 -2.58 1.47 30.51
CA UNK H 2 -3.80 1.61 31.30
C UNK H 2 -4.98 1.46 30.35
N UNK H 3 -5.96 0.64 30.74
CA UNK H 3 -7.15 0.40 29.94
C UNK H 3 -8.39 0.83 30.71
N UNK H 4 -9.31 1.48 30.00
CA UNK H 4 -10.55 1.98 30.57
C UNK H 4 -11.73 1.26 29.93
N UNK H 5 -12.60 0.72 30.78
CA UNK H 5 -13.83 0.06 30.33
C UNK H 5 -14.97 1.05 30.56
N UNK H 6 -15.22 1.88 29.54
CA UNK H 6 -16.16 2.99 29.66
C UNK H 6 -17.59 2.68 30.11
N UNK H 7 -18.27 1.59 29.70
CA UNK H 7 -19.69 1.47 30.10
C UNK H 7 -19.95 1.37 31.59
N UNK H 8 -18.97 0.99 32.41
CA UNK H 8 -19.22 0.87 33.83
C UNK H 8 -20.30 -0.17 34.05
N UNK H 9 -21.28 0.15 34.90
CA UNK H 9 -22.38 -0.76 35.24
C UNK H 9 -23.59 -0.62 34.33
N UNK H 10 -24.10 -1.76 33.85
CA UNK H 10 -25.24 -1.81 32.95
C UNK H 10 -26.40 -2.56 33.61
N UNK H 11 -27.61 -2.16 33.25
CA UNK H 11 -28.83 -2.81 33.72
C UNK H 11 -29.62 -3.23 32.48
N UNK H 12 -29.61 -4.53 32.19
CA UNK H 12 -30.22 -5.07 30.99
C UNK H 12 -31.19 -6.20 31.35
N UNK H 13 -32.15 -6.42 30.46
CA UNK H 13 -33.13 -7.48 30.54
C UNK H 13 -32.71 -8.66 29.65
N UNK H 14 -33.20 -9.87 29.96
CA UNK H 14 -32.90 -11.02 29.07
C UNK H 14 -33.37 -10.70 27.64
N UNK H 15 -32.91 -11.49 26.65
CA UNK H 15 -33.36 -11.32 25.25
C UNK H 15 -33.04 -9.91 24.72
N UNK H 16 -31.88 -9.35 25.08
CA UNK H 16 -31.47 -8.04 24.53
C UNK H 16 -30.03 -8.13 23.99
N UNK H 17 -29.63 -7.27 23.05
CA UNK H 17 -28.24 -7.32 22.62
C UNK H 17 -27.40 -6.43 23.50
N UNK H 18 -26.28 -6.96 24.00
CA UNK H 18 -25.40 -6.24 24.91
C UNK H 18 -24.12 -5.85 24.18
N UNK H 19 -23.62 -4.63 24.45
CA UNK H 19 -22.35 -4.17 23.92
C UNK H 19 -21.49 -3.62 25.04
N UNK H 20 -20.25 -4.10 25.13
CA UNK H 20 -19.24 -3.63 26.06
C UNK H 20 -18.07 -3.08 25.25
N UNK H 21 -17.29 -2.17 25.85
CA UNK H 21 -16.13 -1.59 25.19
C UNK H 21 -14.92 -1.56 26.11
N UNK H 22 -13.75 -1.41 25.48
CA UNK H 22 -12.46 -1.35 26.18
C UNK H 22 -11.53 -0.48 25.35
N UNK H 23 -10.99 0.57 25.96
CA UNK H 23 -10.08 1.49 25.29
C UNK H 23 -8.68 1.40 25.91
N UNK H 24 -7.69 1.14 25.06
CA UNK H 24 -6.29 1.10 25.46
C UNK H 24 -5.67 2.48 25.30
N UNK H 25 -4.78 2.84 26.21
CA UNK H 25 -4.06 4.11 26.10
C UNK H 25 -3.05 4.13 24.97
N UNK H 26 -2.61 2.96 24.49
CA UNK H 26 -1.65 2.85 23.39
C UNK H 26 -2.12 1.78 22.41
N UNK H 27 -1.73 1.94 21.15
CA UNK H 27 -2.08 0.94 20.15
C UNK H 27 -1.42 -0.39 20.49
N UNK H 28 -2.19 -1.47 20.35
CA UNK H 28 -1.72 -2.82 20.64
C UNK H 28 -2.12 -3.74 19.49
N UNK H 29 -1.44 -4.88 19.44
CA UNK H 29 -1.82 -5.93 18.50
C UNK H 29 -3.16 -6.53 18.93
N UNK H 30 -3.99 -6.89 17.95
CA UNK H 30 -5.29 -7.48 18.27
C UNK H 30 -5.15 -8.88 18.85
N UNK H 31 -4.05 -9.58 18.59
CA UNK H 31 -3.83 -10.92 19.11
C UNK H 31 -3.62 -10.96 20.62
N UNK H 32 -3.37 -9.81 21.26
CA UNK H 32 -3.03 -9.74 22.67
C UNK H 32 -4.22 -9.42 23.58
N UNK H 33 -5.44 -9.35 23.05
CA UNK H 33 -6.61 -9.00 23.83
C UNK H 33 -7.40 -10.24 24.20
N UNK H 34 -8.00 -10.23 25.39
CA UNK H 34 -8.91 -11.28 25.79
C UNK H 34 -10.00 -10.68 26.67
N UNK H 35 -11.14 -11.35 26.69
CA UNK H 35 -12.25 -11.00 27.56
C UNK H 35 -12.56 -12.19 28.47
N UNK H 36 -12.88 -11.89 29.73
CA UNK H 36 -13.18 -12.88 30.76
C UNK H 36 -14.52 -12.60 31.40
N UNK H 37 -15.26 -13.67 31.68
CA UNK H 37 -16.57 -13.63 32.33
C UNK H 37 -16.42 -14.17 33.75
N UNK H 38 -16.62 -13.32 34.76
CA UNK H 38 -16.50 -13.72 36.15
C UNK H 38 -17.90 -13.76 36.76
N UNK H 39 -18.38 -14.95 37.01
CA UNK H 39 -19.65 -15.12 37.67
C UNK H 39 -19.44 -14.88 39.17
N UNK H 40 -20.30 -14.11 39.83
CA UNK H 40 -20.14 -13.95 41.28
C UNK H 40 -20.13 -15.28 42.00
N UNK H 41 -19.22 -15.40 42.96
CA UNK H 41 -19.07 -16.61 43.75
C UNK H 41 -18.03 -17.60 43.25
N UNK H 42 -17.45 -17.40 42.06
CA UNK H 42 -16.47 -18.35 41.56
C UNK H 42 -15.44 -17.62 40.70
N UNK H 43 -14.43 -18.38 40.26
CA UNK H 43 -13.35 -17.87 39.43
C UNK H 43 -13.83 -17.46 38.05
N UNK H 44 -13.17 -16.50 37.40
CA UNK H 44 -13.48 -16.20 36.00
C UNK H 44 -13.04 -17.32 35.08
N UNK H 45 -13.69 -17.37 33.92
CA UNK H 45 -13.34 -18.31 32.87
C UNK H 45 -13.09 -17.53 31.57
N UNK H 46 -12.23 -18.07 30.73
CA UNK H 46 -11.91 -17.43 29.46
C UNK H 46 -13.12 -17.40 28.55
N UNK H 47 -13.41 -16.23 28.00
CA UNK H 47 -14.55 -16.02 27.12
C UNK H 47 -14.09 -15.80 25.68
N UNK H 48 -13.25 -14.79 25.43
CA UNK H 48 -12.80 -14.44 24.09
C UNK H 48 -11.28 -14.26 24.13
N UNK H 49 -10.59 -14.77 23.11
CA UNK H 49 -9.15 -14.60 22.98
C UNK H 49 -8.84 -14.06 21.59
N UNK H 50 -7.76 -13.30 21.50
CA UNK H 50 -7.31 -12.76 20.22
C UNK H 50 -8.22 -11.68 19.69
N UNK H 51 -8.95 -11.00 20.58
CA UNK H 51 -9.91 -9.94 20.31
C UNK H 51 -11.22 -10.42 19.66
N UNK H 52 -11.16 -11.39 18.73
CA UNK H 52 -12.35 -11.84 18.02
C UNK H 52 -12.64 -13.34 18.09
N UNK H 53 -11.71 -14.17 18.56
CA UNK H 53 -11.91 -15.62 18.52
C UNK H 53 -12.60 -16.11 19.78
N UNK H 54 -13.56 -17.00 19.60
CA UNK H 54 -14.29 -17.59 20.72
C UNK H 54 -13.49 -18.72 21.34
N UNK H 55 -13.47 -18.76 22.67
CA UNK H 55 -12.81 -19.83 23.40
C UNK H 55 -13.60 -21.12 23.29
N UNK H 56 -12.90 -22.25 23.40
CA UNK H 56 -13.55 -23.56 23.38
C UNK H 56 -14.56 -23.65 24.51
N UNK H 57 -15.77 -24.08 24.16
CA UNK H 57 -16.85 -24.21 25.13
C UNK H 57 -17.77 -23.02 25.20
N UNK H 58 -17.42 -21.91 24.54
CA UNK H 58 -18.23 -20.69 24.54
C UNK H 58 -19.20 -20.73 23.38
N UNK H 59 -20.51 -20.52 23.58
CA UNK H 59 -21.44 -20.54 22.46
C UNK H 59 -21.20 -19.39 21.50
N UNK H 60 -21.71 -19.54 20.28
CA UNK H 60 -21.49 -18.56 19.21
C UNK H 60 -22.38 -17.31 19.39
N UNK H 61 -23.09 -17.21 20.50
CA UNK H 61 -23.80 -16.01 20.89
C UNK H 61 -22.86 -14.90 21.37
N UNK H 62 -21.65 -15.25 21.85
CA UNK H 62 -20.67 -14.27 22.29
C UNK H 62 -19.75 -13.92 21.13
N UNK H 63 -19.31 -12.67 21.07
CA UNK H 63 -18.35 -12.28 20.01
C UNK H 63 -17.70 -10.95 20.32
N UNK H 64 -16.42 -10.79 20.03
CA UNK H 64 -15.83 -9.44 20.21
C UNK H 64 -14.97 -9.05 19.01
N UNK H 65 -15.04 -7.82 18.54
CA UNK H 65 -14.11 -7.48 17.44
C UNK H 65 -13.58 -6.07 17.51
N UNK H 66 -12.27 -5.87 17.41
CA UNK H 66 -11.74 -4.49 17.31
C UNK H 66 -10.23 -4.49 17.04
N UNK H 67 -9.66 -3.31 16.77
CA UNK H 67 -8.18 -3.26 16.59
C UNK H 67 -7.55 -2.01 17.19
N UNK H 68 -6.26 -2.09 17.56
CA UNK H 68 -5.52 -0.97 18.17
C UNK H 68 -6.15 -0.50 19.49
N UNK H 69 -6.49 0.77 19.62
CA UNK H 69 -6.97 1.29 20.93
C UNK H 69 -8.49 1.25 21.09
N UNK H 70 -9.26 0.60 20.23
CA UNK H 70 -10.69 0.53 20.48
C UNK H 70 -11.17 -0.91 20.27
N UNK H 71 -11.62 -1.56 21.35
CA UNK H 71 -12.09 -2.93 21.27
C UNK H 71 -13.50 -3.01 21.85
N UNK H 72 -14.29 -3.94 21.33
CA UNK H 72 -15.65 -4.17 21.80
C UNK H 72 -15.93 -5.65 21.97
N UNK H 73 -17.00 -5.91 22.72
CA UNK H 73 -17.56 -7.23 22.95
C UNK H 73 -19.07 -7.11 22.77
N UNK H 74 -19.69 -8.06 22.07
CA UNK H 74 -21.12 -8.06 21.90
C UNK H 74 -21.71 -9.42 22.27
N UNK H 75 -22.96 -9.37 22.73
CA UNK H 75 -23.77 -10.54 23.01
C UNK H 75 -25.04 -10.40 22.18
N UNK H 76 -25.26 -11.35 21.27
CA UNK H 76 -26.38 -11.28 20.33
C UNK H 76 -27.72 -11.26 21.05
N UNK H 77 -27.94 -12.19 21.96
CA UNK H 77 -29.14 -12.23 22.78
C UNK H 77 -28.74 -12.57 24.21
N UNK H 78 -29.11 -11.71 25.15
CA UNK H 78 -28.70 -11.88 26.53
C UNK H 78 -29.62 -12.88 27.23
N UNK H 79 -29.02 -13.76 28.03
CA UNK H 79 -29.72 -14.79 28.80
C UNK H 79 -29.39 -14.66 30.28
N UNK H 80 -30.22 -15.21 31.17
CA UNK H 80 -29.93 -15.13 32.62
C UNK H 80 -28.56 -15.64 33.03
N UNK H 81 -27.99 -16.61 32.32
CA UNK H 81 -26.69 -17.14 32.69
C UNK H 81 -25.53 -16.22 32.30
N UNK H 82 -25.80 -15.15 31.54
CA UNK H 82 -24.76 -14.25 31.07
C UNK H 82 -24.52 -13.06 31.99
N UNK H 83 -25.23 -12.96 33.12
CA UNK H 83 -25.07 -11.82 34.00
C UNK H 83 -23.88 -12.09 34.90
N UNK H 84 -22.81 -11.33 34.69
CA UNK H 84 -21.52 -11.58 35.30
C UNK H 84 -20.71 -10.30 35.16
N UNK H 85 -19.57 -10.24 35.84
CA UNK H 85 -18.65 -9.12 35.68
C UNK H 85 -17.66 -9.47 34.58
N UNK H 86 -17.56 -8.60 33.57
CA UNK H 86 -16.70 -8.86 32.41
C UNK H 86 -15.44 -8.03 32.50
N UNK H 87 -14.29 -8.67 32.29
CA UNK H 87 -12.99 -8.01 32.37
C UNK H 87 -12.28 -8.03 31.02
N UNK H 88 -11.62 -6.92 30.72
CA UNK H 88 -10.79 -6.74 29.54
C UNK H 88 -9.33 -6.99 29.94
N UNK H 89 -8.68 -7.93 29.26
CA UNK H 89 -7.31 -8.32 29.53
C UNK H 89 -6.46 -7.94 28.32
N UNK H 90 -5.41 -7.16 28.57
CA UNK H 90 -4.48 -6.74 27.53
C UNK H 90 -3.12 -7.35 27.85
N UNK H 91 -2.66 -8.27 27.00
CA UNK H 91 -1.34 -8.84 27.13
C UNK H 91 -0.32 -7.85 26.56
N UNK H 92 0.78 -7.63 27.28
CA UNK H 92 1.82 -6.73 26.83
C UNK H 92 2.86 -7.45 25.99
N UNK H 93 3.93 -6.72 25.68
CA UNK H 93 5.01 -7.34 24.90
C UNK H 93 5.88 -8.20 25.78
N UNK H 94 6.00 -7.84 27.05
CA UNK H 94 6.62 -8.67 28.05
C UNK H 94 5.57 -9.68 28.50
N UNK H 95 5.95 -10.75 29.21
CA UNK H 95 4.87 -11.67 29.63
C UNK H 95 4.08 -11.12 30.81
N UNK H 96 3.38 -10.00 30.58
CA UNK H 96 2.63 -9.29 31.63
C UNK H 96 1.22 -9.02 31.15
N UNK H 97 0.21 -9.50 31.86
CA UNK H 97 -1.17 -9.38 31.40
C UNK H 97 -1.89 -8.39 32.30
N UNK H 98 -2.41 -7.30 31.76
CA UNK H 98 -3.07 -6.25 32.56
C UNK H 98 -4.58 -6.32 32.37
N UNK H 99 -5.29 -6.69 33.41
CA UNK H 99 -6.75 -6.87 33.33
C UNK H 99 -7.28 -5.48 33.52
N UNK H 100 -8.57 -5.31 33.61
CA UNK H 100 -9.11 -3.94 33.63
C UNK H 100 -10.25 -3.79 34.62
N UNK H 101 -10.77 -2.57 34.77
CA UNK H 101 -11.96 -2.37 35.63
C UNK H 101 -13.14 -3.11 34.99
N UNK H 102 -13.59 -4.20 35.60
CA UNK H 102 -14.65 -5.04 34.99
C UNK H 102 -16.01 -4.31 35.01
N UNK H 103 -16.79 -4.42 33.93
CA UNK H 103 -18.15 -3.83 33.90
C UNK H 103 -19.10 -4.82 34.57
N UNK H 104 -20.41 -4.55 34.58
CA UNK H 104 -21.30 -5.50 35.30
C UNK H 104 -22.65 -5.54 34.63
N UNK H 105 -23.18 -6.70 34.35
CA UNK H 105 -24.45 -6.75 33.59
C UNK H 105 -25.59 -7.15 34.52
N UNK H 106 -26.27 -6.17 35.14
CA UNK H 106 -27.33 -6.37 36.12
C UNK H 106 -28.63 -6.72 35.41
N UNK H 107 -29.53 -7.36 36.15
CA UNK H 107 -30.83 -7.77 35.63
C UNK H 107 -31.81 -6.62 35.85
N UNK H 108 -32.40 -6.13 34.77
CA UNK H 108 -33.35 -5.02 34.84
C UNK H 108 -34.73 -5.51 35.26
#